data_5E1R
#
_entry.id   5E1R
#
_cell.length_a   42.691
_cell.length_b   151.610
_cell.length_c   342.782
_cell.angle_alpha   90.000
_cell.angle_beta   90.000
_cell.angle_gamma   90.000
#
_symmetry.space_group_name_H-M   'P 21 21 21'
#
loop_
_entity.id
_entity.type
_entity.pdbx_description
1 polymer '7S vicilin'
2 non-polymer 'COPPER (II) ION'
3 non-polymer (4S)-2-METHYL-2,4-PENTANEDIOL
4 water water
#
_entity_poly.entity_id   1
_entity_poly.type   'polypeptide(L)'
_entity_poly.pdbx_seq_one_letter_code
;MSREEEQQRHNPYYFHSQGLRSRHESGEGEVKYLERFTERTELLRGIENYRVVILEANPNTFVLPYHKDAESVIVVTRGR
ATLTFVSQERRESFNLEYGDVIRVPAGATEYVINQDSNERLEMVKLLQPVNNPGQFREYYAAGAQSTESYLRVFSNDILV
AALNTPRDRLERFFDQQEQREGVIIRASQEKLRALSQHAMSAGQRPWGRRSSGGPISLKSQRSSYSNQFGQFFEACPEEH
RQLQEMDVLVNYAEIKRGAMMVPHYNSKATVVVYVVEGTGRFEMACPHDVSSQSYEYKGRREQEEEESSTGQFQKVTARL
ARGDIFVIPAGHPIAITASQNENLRLVGFGINGKNNQRNFLAGQNNIINQLEREAKELSFNMPREEIEEIFERQVESYFV
PMERQSRRGQGRDHPLASILDFAGFF
;
_entity_poly.pdbx_strand_id   A,B,C,D,E,F
#
loop_
_chem_comp.id
_chem_comp.type
_chem_comp.name
_chem_comp.formula
CU non-polymer 'COPPER (II) ION' 'Cu 2'
MPD non-polymer (4S)-2-METHYL-2,4-PENTANEDIOL 'C6 H14 O2'
#
# COMPACT_ATOMS: atom_id res chain seq x y z
N HIS A 10 0.64 7.74 -67.57
CA HIS A 10 0.40 8.53 -66.35
C HIS A 10 -0.49 7.78 -65.37
N ASN A 11 -0.90 6.58 -65.74
CA ASN A 11 -1.75 5.75 -64.90
C ASN A 11 -0.91 4.73 -64.12
N PRO A 12 -0.90 4.85 -62.78
CA PRO A 12 -0.11 3.99 -61.90
C PRO A 12 -0.68 2.58 -61.76
N TYR A 13 -1.94 2.37 -62.14
CA TYR A 13 -2.56 1.06 -61.98
C TYR A 13 -2.75 0.34 -63.32
N TYR A 14 -2.30 0.95 -64.41
CA TYR A 14 -2.50 0.39 -65.73
C TYR A 14 -1.20 -0.03 -66.38
N PHE A 15 -1.10 -1.32 -66.73
CA PHE A 15 0.08 -1.83 -67.38
C PHE A 15 -0.25 -2.30 -68.78
N HIS A 16 0.09 -1.48 -69.77
CA HIS A 16 -0.17 -1.79 -71.16
C HIS A 16 0.73 -2.92 -71.65
N SER A 17 0.18 -3.78 -72.52
CA SER A 17 0.86 -4.99 -72.98
C SER A 17 2.21 -4.73 -73.64
N GLN A 18 2.38 -3.53 -74.16
CA GLN A 18 3.60 -3.14 -74.84
C GLN A 18 4.73 -2.82 -73.86
N GLY A 19 4.43 -2.95 -72.57
CA GLY A 19 5.41 -2.71 -71.53
C GLY A 19 5.98 -4.01 -70.98
N LEU A 20 5.29 -5.11 -71.27
CA LEU A 20 5.76 -6.43 -70.86
C LEU A 20 7.14 -6.71 -71.45
N ARG A 21 8.03 -7.27 -70.64
CA ARG A 21 9.35 -7.65 -71.11
C ARG A 21 9.32 -9.09 -71.60
N SER A 22 9.78 -9.29 -72.83
CA SER A 22 9.76 -10.61 -73.45
C SER A 22 11.07 -11.36 -73.21
N ARG A 23 10.97 -12.65 -72.93
CA ARG A 23 12.15 -13.46 -72.70
C ARG A 23 12.91 -13.72 -74.00
N HIS A 24 14.23 -13.65 -73.91
CA HIS A 24 15.12 -13.89 -75.06
C HIS A 24 15.07 -15.35 -75.50
N GLU A 25 15.02 -15.55 -76.81
CA GLU A 25 15.01 -16.88 -77.41
C GLU A 25 13.97 -17.80 -76.78
N SER A 26 12.70 -17.43 -76.92
CA SER A 26 11.61 -18.26 -76.41
C SER A 26 11.38 -19.43 -77.35
N GLY A 27 11.73 -19.25 -78.62
CA GLY A 27 11.62 -20.30 -79.61
C GLY A 27 10.26 -20.38 -80.27
N GLU A 28 9.65 -21.55 -80.20
CA GLU A 28 8.36 -21.80 -80.84
C GLU A 28 7.22 -21.27 -79.98
N GLY A 29 7.30 -20.00 -79.61
CA GLY A 29 6.31 -19.38 -78.74
C GLY A 29 6.92 -18.17 -78.07
N GLU A 30 6.31 -17.73 -76.97
CA GLU A 30 6.83 -16.57 -76.25
C GLU A 30 6.49 -16.58 -74.77
N VAL A 31 7.42 -16.07 -73.96
CA VAL A 31 7.21 -15.88 -72.53
C VAL A 31 7.41 -14.41 -72.17
N LYS A 32 6.37 -13.78 -71.62
CA LYS A 32 6.44 -12.36 -71.28
C LYS A 32 6.32 -12.13 -69.77
N TYR A 33 7.10 -11.16 -69.28
CA TYR A 33 7.17 -10.87 -67.85
C TYR A 33 6.66 -9.47 -67.53
N LEU A 34 5.69 -9.39 -66.63
CA LEU A 34 5.26 -8.09 -66.13
C LEU A 34 6.30 -7.54 -65.17
N GLU A 35 6.54 -6.24 -65.25
CA GLU A 35 7.47 -5.57 -64.34
C GLU A 35 6.99 -5.74 -62.90
N ARG A 36 7.87 -5.45 -61.94
CA ARG A 36 7.46 -5.47 -60.55
C ARG A 36 6.52 -4.31 -60.28
N PHE A 37 5.50 -4.56 -59.49
CA PHE A 37 4.45 -3.57 -59.24
C PHE A 37 4.98 -2.32 -58.55
N THR A 38 6.17 -2.43 -57.96
CA THR A 38 6.77 -1.33 -57.21
C THR A 38 7.86 -0.59 -57.98
N GLU A 39 7.98 -0.88 -59.27
CA GLU A 39 9.10 -0.35 -60.05
C GLU A 39 8.91 1.12 -60.43
N ARG A 40 7.76 1.46 -60.97
CA ARG A 40 7.52 2.83 -61.41
C ARG A 40 6.74 3.64 -60.39
N THR A 41 6.16 2.97 -59.39
CA THR A 41 5.35 3.66 -58.41
C THR A 41 5.37 2.99 -57.02
N GLU A 42 5.00 3.76 -56.01
CA GLU A 42 4.92 3.25 -54.65
C GLU A 42 3.49 2.88 -54.27
N LEU A 43 2.56 3.14 -55.18
CA LEU A 43 1.13 2.97 -54.88
C LEU A 43 0.70 1.51 -54.83
N LEU A 44 1.59 0.61 -55.24
CA LEU A 44 1.25 -0.81 -55.27
C LEU A 44 2.20 -1.62 -54.39
N ARG A 45 2.78 -0.96 -53.39
CA ARG A 45 3.69 -1.59 -52.43
C ARG A 45 3.07 -2.80 -51.73
N GLY A 46 1.76 -2.77 -51.55
CA GLY A 46 1.06 -3.84 -50.85
C GLY A 46 1.14 -5.19 -51.54
N ILE A 47 1.40 -5.19 -52.84
CA ILE A 47 1.47 -6.42 -53.61
C ILE A 47 2.85 -6.59 -54.25
N GLU A 48 3.85 -6.09 -53.56
CA GLU A 48 5.25 -6.15 -53.99
C GLU A 48 5.70 -7.58 -54.33
N ASN A 49 5.22 -8.55 -53.57
CA ASN A 49 5.67 -9.93 -53.73
C ASN A 49 4.81 -10.70 -54.72
N TYR A 50 4.39 -10.04 -55.79
CA TYR A 50 3.61 -10.70 -56.81
C TYR A 50 4.04 -10.32 -58.22
N ARG A 51 4.16 -11.34 -59.07
CA ARG A 51 4.60 -11.14 -60.44
C ARG A 51 3.64 -11.86 -61.39
N VAL A 52 3.46 -11.27 -62.58
CA VAL A 52 2.61 -11.88 -63.59
C VAL A 52 3.45 -12.34 -64.78
N VAL A 53 3.25 -13.59 -65.18
CA VAL A 53 3.97 -14.15 -66.32
C VAL A 53 2.99 -14.73 -67.32
N ILE A 54 3.17 -14.39 -68.59
CA ILE A 54 2.32 -14.92 -69.65
C ILE A 54 3.09 -15.90 -70.54
N LEU A 55 2.66 -17.15 -70.58
CA LEU A 55 3.28 -18.16 -71.43
C LEU A 55 2.45 -18.39 -72.69
N GLU A 56 3.12 -18.45 -73.84
CA GLU A 56 2.40 -18.61 -75.07
C GLU A 56 3.18 -19.54 -76.00
N ALA A 57 2.53 -20.62 -76.42
CA ALA A 57 3.20 -21.68 -77.16
C ALA A 57 2.52 -21.97 -78.49
N ASN A 58 3.32 -22.06 -79.55
CA ASN A 58 2.81 -22.42 -80.87
C ASN A 58 2.20 -23.82 -80.87
N PRO A 59 1.43 -24.15 -81.93
CA PRO A 59 0.91 -25.53 -82.00
C PRO A 59 2.03 -26.56 -82.13
N ASN A 60 1.79 -27.75 -81.57
CA ASN A 60 2.78 -28.84 -81.59
C ASN A 60 4.12 -28.42 -81.00
N THR A 61 4.11 -28.00 -79.75
CA THR A 61 5.33 -27.55 -79.08
C THR A 61 5.53 -28.21 -77.73
N PHE A 62 6.76 -28.12 -77.23
CA PHE A 62 7.11 -28.69 -75.94
C PHE A 62 7.88 -27.66 -75.12
N VAL A 63 7.34 -27.29 -73.96
CA VAL A 63 8.00 -26.33 -73.08
C VAL A 63 8.98 -27.07 -72.16
N LEU A 64 10.26 -26.70 -72.25
CA LEU A 64 11.30 -27.39 -71.50
C LEU A 64 11.06 -27.35 -70.00
N PRO A 65 11.46 -28.41 -69.29
CA PRO A 65 11.26 -28.51 -67.84
C PRO A 65 12.10 -27.49 -67.06
N TYR A 66 11.52 -26.97 -65.99
CA TYR A 66 12.22 -26.06 -65.10
C TYR A 66 11.45 -25.92 -63.79
N HIS A 67 12.10 -25.35 -62.79
CA HIS A 67 11.42 -24.99 -61.55
C HIS A 67 11.77 -23.55 -61.20
N LYS A 68 10.98 -22.95 -60.33
CA LYS A 68 11.26 -21.59 -59.89
C LYS A 68 11.05 -21.43 -58.39
N ASP A 69 11.69 -20.42 -57.82
CA ASP A 69 11.56 -20.12 -56.40
C ASP A 69 10.31 -19.27 -56.15
N ALA A 70 9.17 -19.79 -56.58
CA ALA A 70 7.91 -19.05 -56.48
C ALA A 70 6.72 -19.98 -56.63
N GLU A 71 5.67 -19.74 -55.85
CA GLU A 71 4.41 -20.45 -56.01
C GLU A 71 3.69 -19.91 -57.25
N SER A 72 2.83 -20.72 -57.84
CA SER A 72 2.14 -20.31 -59.07
C SER A 72 0.69 -20.74 -59.15
N VAL A 73 -0.15 -19.83 -59.63
CA VAL A 73 -1.53 -20.15 -60.01
C VAL A 73 -1.67 -19.89 -61.51
N ILE A 74 -2.09 -20.91 -62.25
CA ILE A 74 -2.13 -20.82 -63.71
C ILE A 74 -3.55 -20.82 -64.25
N VAL A 75 -3.82 -19.92 -65.19
CA VAL A 75 -5.09 -19.90 -65.90
C VAL A 75 -4.87 -20.04 -67.41
N VAL A 76 -5.52 -21.01 -68.03
CA VAL A 76 -5.43 -21.19 -69.48
C VAL A 76 -6.44 -20.29 -70.17
N THR A 77 -5.93 -19.33 -70.94
CA THR A 77 -6.79 -18.33 -71.56
C THR A 77 -7.00 -18.57 -73.05
N ARG A 78 -6.39 -19.63 -73.58
CA ARG A 78 -6.55 -19.98 -74.98
C ARG A 78 -5.96 -21.35 -75.32
N GLY A 79 -6.75 -22.17 -76.00
CA GLY A 79 -6.29 -23.45 -76.49
C GLY A 79 -6.37 -24.59 -75.47
N ARG A 80 -5.51 -25.58 -75.66
CA ARG A 80 -5.42 -26.71 -74.74
C ARG A 80 -3.96 -26.99 -74.38
N ALA A 81 -3.76 -27.73 -73.30
CA ALA A 81 -2.41 -28.11 -72.88
C ALA A 81 -2.42 -29.27 -71.90
N THR A 82 -1.32 -30.01 -71.88
CA THR A 82 -1.08 -31.00 -70.84
C THR A 82 0.05 -30.50 -69.96
N LEU A 83 -0.24 -30.26 -68.69
CA LEU A 83 0.78 -29.78 -67.77
C LEU A 83 1.24 -30.90 -66.85
N THR A 84 2.54 -31.05 -66.72
CA THR A 84 3.13 -32.07 -65.86
C THR A 84 4.21 -31.46 -64.98
N PHE A 85 4.17 -31.77 -63.69
CA PHE A 85 5.26 -31.37 -62.81
C PHE A 85 5.64 -32.48 -61.85
N VAL A 86 6.93 -32.59 -61.56
CA VAL A 86 7.43 -33.62 -60.66
C VAL A 86 8.02 -32.99 -59.41
N SER A 87 7.93 -33.71 -58.30
CA SER A 87 8.51 -33.26 -57.04
C SER A 87 8.90 -34.47 -56.20
N GLN A 88 10.18 -34.56 -55.86
CA GLN A 88 10.75 -35.70 -55.16
C GLN A 88 10.50 -36.99 -55.93
N GLU A 89 9.47 -37.74 -55.52
CA GLU A 89 9.18 -39.02 -56.17
C GLU A 89 7.77 -39.06 -56.76
N ARG A 90 7.06 -37.95 -56.63
CA ARG A 90 5.69 -37.88 -57.15
C ARG A 90 5.62 -37.08 -58.46
N ARG A 91 4.83 -37.59 -59.40
CA ARG A 91 4.55 -36.86 -60.63
C ARG A 91 3.06 -36.64 -60.79
N GLU A 92 2.68 -35.42 -61.14
CA GLU A 92 1.28 -35.10 -61.42
C GLU A 92 1.15 -34.53 -62.82
N SER A 93 0.19 -35.05 -63.58
CA SER A 93 -0.03 -34.62 -64.95
C SER A 93 -1.50 -34.29 -65.17
N PHE A 94 -1.77 -33.20 -65.88
CA PHE A 94 -3.13 -32.71 -66.05
C PHE A 94 -3.42 -32.27 -67.48
N ASN A 95 -4.61 -32.60 -67.97
CA ASN A 95 -5.08 -32.08 -69.24
C ASN A 95 -5.85 -30.78 -69.02
N LEU A 96 -5.28 -29.66 -69.47
CA LEU A 96 -5.85 -28.35 -69.17
C LEU A 96 -6.53 -27.72 -70.38
N GLU A 97 -7.78 -27.30 -70.20
CA GLU A 97 -8.53 -26.58 -71.22
C GLU A 97 -8.68 -25.09 -70.91
N TYR A 98 -9.35 -24.37 -71.80
CA TYR A 98 -9.64 -22.95 -71.60
C TYR A 98 -10.46 -22.73 -70.34
N GLY A 99 -10.01 -21.80 -69.50
CA GLY A 99 -10.74 -21.47 -68.28
C GLY A 99 -10.42 -22.39 -67.12
N ASP A 100 -9.50 -23.32 -67.34
CA ASP A 100 -9.04 -24.19 -66.26
C ASP A 100 -8.01 -23.46 -65.42
N VAL A 101 -8.12 -23.63 -64.10
CA VAL A 101 -7.21 -22.99 -63.16
C VAL A 101 -6.51 -24.04 -62.31
N ILE A 102 -5.18 -23.93 -62.20
CA ILE A 102 -4.43 -24.93 -61.45
C ILE A 102 -3.19 -24.34 -60.79
N ARG A 103 -2.79 -24.95 -59.67
CA ARG A 103 -1.60 -24.53 -58.95
C ARG A 103 -0.40 -25.42 -59.24
N VAL A 104 0.75 -24.80 -59.45
CA VAL A 104 2.01 -25.52 -59.55
C VAL A 104 2.91 -25.13 -58.38
N PRO A 105 3.10 -26.07 -57.43
CA PRO A 105 3.88 -25.84 -56.21
C PRO A 105 5.29 -25.32 -56.49
N ALA A 106 5.83 -24.52 -55.58
CA ALA A 106 7.18 -24.02 -55.72
C ALA A 106 8.17 -25.17 -55.67
N GLY A 107 9.24 -25.07 -56.47
CA GLY A 107 10.27 -26.09 -56.50
C GLY A 107 9.93 -27.30 -57.35
N ALA A 108 8.67 -27.42 -57.74
CA ALA A 108 8.25 -28.50 -58.62
C ALA A 108 8.78 -28.26 -60.02
N THR A 109 9.36 -29.29 -60.62
CA THR A 109 9.88 -29.18 -61.98
C THR A 109 8.74 -29.34 -62.97
N GLU A 110 8.47 -28.29 -63.73
CA GLU A 110 7.29 -28.23 -64.59
C GLU A 110 7.62 -28.16 -66.08
N TYR A 111 6.87 -28.89 -66.89
CA TYR A 111 6.94 -28.72 -68.34
C TYR A 111 5.54 -28.80 -68.96
N VAL A 112 5.37 -28.13 -70.11
CA VAL A 112 4.06 -27.98 -70.73
C VAL A 112 4.03 -28.50 -72.17
N ILE A 113 2.91 -29.12 -72.55
CA ILE A 113 2.74 -29.67 -73.89
C ILE A 113 1.53 -29.07 -74.60
N ASN A 114 1.72 -28.63 -75.84
CA ASN A 114 0.60 -28.24 -76.68
C ASN A 114 0.39 -29.27 -77.79
N GLN A 115 -0.46 -30.26 -77.53
CA GLN A 115 -0.68 -31.34 -78.48
C GLN A 115 -1.72 -30.97 -79.52
N ASP A 116 -2.18 -29.72 -79.49
CA ASP A 116 -3.13 -29.24 -80.48
C ASP A 116 -2.39 -28.81 -81.74
N SER A 117 -2.89 -29.22 -82.89
CA SER A 117 -2.20 -28.95 -84.14
C SER A 117 -2.57 -27.60 -84.73
N ASN A 118 -3.52 -26.91 -84.11
CA ASN A 118 -4.02 -25.65 -84.68
C ASN A 118 -4.10 -24.48 -83.71
N GLU A 119 -4.62 -24.70 -82.49
CA GLU A 119 -4.78 -23.60 -81.55
C GLU A 119 -3.53 -23.31 -80.74
N ARG A 120 -3.09 -22.06 -80.82
CA ARG A 120 -1.98 -21.54 -80.07
C ARG A 120 -2.34 -21.54 -78.58
N LEU A 121 -1.40 -21.93 -77.73
CA LEU A 121 -1.67 -22.03 -76.30
C LEU A 121 -1.29 -20.74 -75.57
N GLU A 122 -2.14 -20.31 -74.64
CA GLU A 122 -1.80 -19.18 -73.76
C GLU A 122 -2.10 -19.49 -72.30
N MET A 123 -1.13 -19.21 -71.45
CA MET A 123 -1.28 -19.39 -70.00
C MET A 123 -0.94 -18.10 -69.27
N VAL A 124 -1.81 -17.70 -68.35
CA VAL A 124 -1.55 -16.52 -67.52
C VAL A 124 -1.27 -16.96 -66.09
N LYS A 125 -0.14 -16.54 -65.56
CA LYS A 125 0.32 -17.01 -64.25
C LYS A 125 0.50 -15.88 -63.23
N LEU A 126 0.03 -16.11 -62.02
CA LEU A 126 0.35 -15.25 -60.89
C LEU A 126 1.40 -15.93 -60.02
N LEU A 127 2.53 -15.26 -59.81
CA LEU A 127 3.63 -15.85 -59.06
C LEU A 127 3.82 -15.19 -57.70
N GLN A 128 4.09 -16.00 -56.69
CA GLN A 128 4.41 -15.51 -55.35
C GLN A 128 5.76 -16.05 -54.89
N PRO A 129 6.84 -15.27 -55.10
CA PRO A 129 8.21 -15.63 -54.74
C PRO A 129 8.36 -16.11 -53.29
N VAL A 130 9.26 -17.05 -53.07
CA VAL A 130 9.47 -17.61 -51.73
C VAL A 130 10.74 -17.07 -51.07
N ASN A 131 11.64 -16.50 -51.88
CA ASN A 131 12.86 -15.91 -51.35
C ASN A 131 12.70 -14.40 -51.14
N ASN A 132 13.52 -13.63 -51.84
CA ASN A 132 13.42 -12.18 -51.76
C ASN A 132 12.10 -11.70 -52.38
N PRO A 133 11.47 -10.69 -51.75
CA PRO A 133 10.15 -10.22 -52.17
C PRO A 133 10.09 -9.74 -53.62
N GLY A 134 9.17 -10.33 -54.39
CA GLY A 134 8.96 -9.93 -55.77
C GLY A 134 10.08 -10.34 -56.72
N GLN A 135 10.93 -11.25 -56.27
CA GLN A 135 12.06 -11.69 -57.08
C GLN A 135 12.02 -13.20 -57.28
N PHE A 136 12.13 -13.64 -58.54
CA PHE A 136 12.14 -15.06 -58.84
C PHE A 136 13.13 -15.39 -59.96
N ARG A 137 13.50 -16.67 -60.04
CA ARG A 137 14.41 -17.15 -61.06
C ARG A 137 13.94 -18.47 -61.63
N GLU A 138 14.26 -18.74 -62.87
CA GLU A 138 13.91 -20.00 -63.51
C GLU A 138 15.13 -20.90 -63.61
N TYR A 139 15.01 -22.12 -63.09
CA TYR A 139 16.12 -23.07 -63.07
C TYR A 139 15.90 -24.20 -64.07
N TYR A 140 16.71 -24.22 -65.13
CA TYR A 140 16.59 -25.23 -66.17
C TYR A 140 17.58 -26.37 -66.02
N ALA A 141 17.08 -27.60 -65.91
CA ALA A 141 17.94 -28.77 -65.86
C ALA A 141 18.58 -29.01 -67.23
N ALA A 142 17.79 -28.82 -68.28
CA ALA A 142 18.29 -28.88 -69.64
C ALA A 142 18.01 -27.55 -70.33
N GLY A 143 19.02 -26.95 -70.95
CA GLY A 143 18.88 -25.62 -71.50
C GLY A 143 18.91 -25.51 -73.01
N ALA A 144 19.29 -24.32 -73.49
CA ALA A 144 19.43 -24.06 -74.92
C ALA A 144 20.66 -23.17 -75.14
N GLN A 145 20.80 -22.62 -76.34
CA GLN A 145 21.98 -21.80 -76.66
C GLN A 145 22.12 -20.57 -75.77
N SER A 146 21.00 -20.01 -75.32
CA SER A 146 21.06 -18.81 -74.50
C SER A 146 20.35 -19.00 -73.17
N THR A 147 20.14 -20.27 -72.79
CA THR A 147 19.65 -20.60 -71.46
C THR A 147 20.49 -21.75 -70.90
N GLU A 148 21.22 -21.46 -69.83
CA GLU A 148 22.16 -22.43 -69.29
C GLU A 148 21.51 -23.43 -68.34
N SER A 149 21.94 -24.69 -68.43
CA SER A 149 21.55 -25.71 -67.48
C SER A 149 22.29 -25.48 -66.17
N TYR A 150 21.59 -25.59 -65.05
CA TYR A 150 22.22 -25.33 -63.76
C TYR A 150 23.16 -26.45 -63.35
N LEU A 151 23.00 -27.62 -63.98
CA LEU A 151 23.89 -28.75 -63.71
C LEU A 151 25.30 -28.49 -64.22
N ARG A 152 25.41 -27.68 -65.27
CA ARG A 152 26.70 -27.42 -65.91
C ARG A 152 27.51 -26.40 -65.12
N VAL A 153 26.89 -25.82 -64.09
CA VAL A 153 27.57 -24.83 -63.27
C VAL A 153 28.57 -25.50 -62.33
N PHE A 154 28.24 -26.70 -61.87
CA PHE A 154 29.11 -27.45 -60.99
C PHE A 154 30.43 -27.81 -61.65
N SER A 155 31.44 -28.11 -60.85
CA SER A 155 32.71 -28.60 -61.36
C SER A 155 32.52 -30.02 -61.88
N ASN A 156 33.33 -30.40 -62.86
CA ASN A 156 33.19 -31.73 -63.48
C ASN A 156 33.38 -32.88 -62.50
N ASP A 157 34.33 -32.74 -61.59
CA ASP A 157 34.63 -33.81 -60.64
C ASP A 157 33.41 -34.16 -59.80
N ILE A 158 32.62 -33.13 -59.45
CA ILE A 158 31.41 -33.33 -58.68
C ILE A 158 30.34 -34.04 -59.50
N LEU A 159 30.18 -33.62 -60.75
CA LEU A 159 29.19 -34.22 -61.62
C LEU A 159 29.49 -35.69 -61.94
N VAL A 160 30.75 -35.99 -62.26
CA VAL A 160 31.12 -37.37 -62.60
C VAL A 160 31.02 -38.29 -61.40
N ALA A 161 31.25 -37.77 -60.20
CA ALA A 161 31.20 -38.58 -58.99
C ALA A 161 29.76 -38.83 -58.57
N ALA A 162 28.94 -37.77 -58.61
CA ALA A 162 27.56 -37.85 -58.20
C ALA A 162 26.73 -38.74 -59.14
N LEU A 163 26.88 -38.53 -60.43
CA LEU A 163 26.12 -39.27 -61.42
C LEU A 163 26.75 -40.62 -61.76
N ASN A 164 28.01 -40.78 -61.38
CA ASN A 164 28.81 -41.96 -61.73
C ASN A 164 28.84 -42.14 -63.26
N THR A 165 29.35 -41.13 -63.95
CA THR A 165 29.38 -41.11 -65.40
C THR A 165 30.63 -40.40 -65.88
N PRO A 166 31.34 -40.98 -66.87
CA PRO A 166 32.59 -40.41 -67.35
C PRO A 166 32.48 -38.99 -67.89
N ARG A 167 33.55 -38.22 -67.70
CA ARG A 167 33.67 -36.84 -68.15
C ARG A 167 33.27 -36.69 -69.62
N ASP A 168 33.56 -37.72 -70.41
CA ASP A 168 33.33 -37.71 -71.85
C ASP A 168 31.84 -37.67 -72.18
N ARG A 169 31.04 -38.43 -71.45
CA ARG A 169 29.60 -38.47 -71.71
C ARG A 169 28.87 -37.22 -71.21
N LEU A 170 29.41 -36.61 -70.16
CA LEU A 170 28.82 -35.38 -69.63
C LEU A 170 29.01 -34.22 -70.59
N GLU A 171 30.21 -34.14 -71.17
CA GLU A 171 30.57 -33.06 -72.07
C GLU A 171 29.70 -33.09 -73.32
N ARG A 172 29.17 -34.27 -73.63
CA ARG A 172 28.35 -34.47 -74.82
C ARG A 172 26.87 -34.40 -74.47
N PHE A 173 26.57 -34.67 -73.20
CA PHE A 173 25.23 -34.49 -72.66
C PHE A 173 24.82 -33.04 -72.75
N PHE A 174 25.79 -32.17 -72.52
CA PHE A 174 25.57 -30.73 -72.50
C PHE A 174 25.55 -30.11 -73.89
N ASP A 175 26.39 -30.59 -74.80
CA ASP A 175 26.42 -30.06 -76.16
C ASP A 175 25.14 -30.41 -76.93
N GLN A 176 24.52 -31.53 -76.57
CA GLN A 176 23.25 -31.91 -77.18
C GLN A 176 22.13 -30.93 -76.82
N GLN A 177 22.39 -30.06 -75.85
CA GLN A 177 21.39 -29.10 -75.41
C GLN A 177 21.54 -27.74 -76.07
N GLU A 178 22.77 -27.35 -76.39
CA GLU A 178 22.95 -26.08 -77.08
C GLU A 178 22.84 -26.24 -78.61
N GLN A 179 22.14 -27.29 -79.04
CA GLN A 179 21.84 -27.50 -80.45
C GLN A 179 20.52 -26.81 -80.75
N ARG A 180 19.55 -26.91 -79.86
CA ARG A 180 18.26 -26.25 -80.02
CA ARG A 180 18.27 -26.23 -80.06
C ARG A 180 18.35 -24.86 -79.44
N GLU A 181 17.59 -23.92 -80.00
CA GLU A 181 17.57 -22.54 -79.54
C GLU A 181 16.15 -22.19 -79.08
N GLY A 182 16.00 -21.91 -77.79
CA GLY A 182 14.67 -21.67 -77.26
C GLY A 182 14.27 -22.66 -76.19
N VAL A 183 13.52 -22.21 -75.19
CA VAL A 183 13.03 -23.09 -74.13
C VAL A 183 11.68 -23.69 -74.49
N ILE A 184 11.15 -23.25 -75.64
CA ILE A 184 9.98 -23.90 -76.23
C ILE A 184 10.36 -24.46 -77.59
N ILE A 185 10.17 -25.77 -77.76
CA ILE A 185 10.66 -26.44 -78.94
C ILE A 185 9.57 -27.17 -79.71
N ARG A 186 9.79 -27.38 -81.00
CA ARG A 186 8.86 -28.16 -81.82
C ARG A 186 9.04 -29.65 -81.54
N ALA A 187 7.93 -30.37 -81.50
CA ALA A 187 7.96 -31.81 -81.28
C ALA A 187 6.95 -32.50 -82.19
N SER A 188 7.17 -33.80 -82.41
CA SER A 188 6.24 -34.59 -83.22
C SER A 188 4.99 -34.90 -82.41
N GLN A 189 3.83 -34.89 -83.06
CA GLN A 189 2.57 -35.14 -82.37
C GLN A 189 2.44 -36.61 -81.98
N GLU A 190 3.33 -37.46 -82.47
CA GLU A 190 3.35 -38.85 -82.06
C GLU A 190 3.96 -38.98 -80.68
N LYS A 191 5.00 -38.20 -80.43
CA LYS A 191 5.66 -38.18 -79.13
C LYS A 191 4.90 -37.29 -78.15
N LEU A 192 4.26 -36.25 -78.68
CA LEU A 192 3.42 -35.38 -77.85
C LEU A 192 2.17 -36.09 -77.35
N ARG A 193 1.63 -36.99 -78.17
CA ARG A 193 0.40 -37.70 -77.81
C ARG A 193 0.65 -38.74 -76.72
N ALA A 194 1.84 -39.32 -76.72
CA ALA A 194 2.20 -40.37 -75.77
C ALA A 194 2.14 -39.85 -74.33
N LEU A 195 2.48 -38.57 -74.14
CA LEU A 195 2.55 -37.99 -72.81
C LEU A 195 1.18 -37.55 -72.30
N SER A 196 0.15 -38.33 -72.64
CA SER A 196 -1.21 -38.05 -72.15
C SER A 196 -1.96 -39.36 -71.89
N GLY A 214 -6.62 -31.17 -58.25
CA GLY A 214 -6.84 -31.18 -59.69
C GLY A 214 -7.19 -29.81 -60.24
N PRO A 215 -7.40 -29.71 -61.55
CA PRO A 215 -7.72 -28.47 -62.25
C PRO A 215 -9.07 -27.88 -61.83
N ILE A 216 -9.16 -26.55 -61.80
CA ILE A 216 -10.40 -25.85 -61.47
C ILE A 216 -11.01 -25.19 -62.69
N SER A 217 -12.21 -25.61 -63.07
CA SER A 217 -12.92 -24.97 -64.17
C SER A 217 -13.71 -23.76 -63.67
N LEU A 218 -13.26 -22.57 -64.06
CA LEU A 218 -13.90 -21.32 -63.66
C LEU A 218 -15.38 -21.27 -63.99
N LYS A 219 -15.72 -21.66 -65.21
CA LYS A 219 -17.07 -21.47 -65.71
C LYS A 219 -17.96 -22.65 -65.33
N SER A 220 -17.59 -23.33 -64.25
CA SER A 220 -18.41 -24.36 -63.64
C SER A 220 -18.53 -24.10 -62.14
N GLN A 221 -18.15 -22.89 -61.73
CA GLN A 221 -18.15 -22.52 -60.32
C GLN A 221 -19.55 -22.22 -59.80
N ARG A 222 -19.78 -22.54 -58.53
CA ARG A 222 -21.07 -22.27 -57.88
C ARG A 222 -21.29 -20.77 -57.72
N SER A 223 -20.19 -20.03 -57.56
CA SER A 223 -20.25 -18.58 -57.45
C SER A 223 -20.22 -17.92 -58.82
N SER A 224 -21.39 -17.74 -59.41
CA SER A 224 -21.48 -17.19 -60.76
C SER A 224 -22.77 -16.40 -60.99
N TYR A 225 -22.72 -15.48 -61.96
CA TYR A 225 -23.92 -14.74 -62.37
C TYR A 225 -23.89 -14.48 -63.87
N SER A 226 -25.05 -14.62 -64.50
CA SER A 226 -25.14 -14.48 -65.95
C SER A 226 -26.43 -13.80 -66.42
N ASN A 227 -26.28 -12.78 -67.27
CA ASN A 227 -27.40 -12.21 -67.99
C ASN A 227 -27.01 -11.91 -69.44
N GLN A 228 -27.85 -11.16 -70.13
CA GLN A 228 -27.62 -10.90 -71.55
C GLN A 228 -26.57 -9.82 -71.81
N PHE A 229 -25.97 -9.30 -70.75
CA PHE A 229 -25.00 -8.23 -70.90
C PHE A 229 -23.62 -8.62 -70.37
N GLY A 230 -23.52 -9.81 -69.80
CA GLY A 230 -22.25 -10.30 -69.32
C GLY A 230 -22.32 -11.60 -68.54
N GLN A 231 -21.16 -12.16 -68.23
CA GLN A 231 -21.06 -13.37 -67.42
C GLN A 231 -19.92 -13.26 -66.42
N PHE A 232 -20.13 -13.84 -65.24
CA PHE A 232 -19.12 -13.78 -64.18
C PHE A 232 -18.97 -15.14 -63.51
N PHE A 233 -17.71 -15.56 -63.34
CA PHE A 233 -17.40 -16.78 -62.60
C PHE A 233 -16.29 -16.50 -61.61
N GLU A 234 -16.31 -17.17 -60.47
CA GLU A 234 -15.27 -16.95 -59.47
C GLU A 234 -14.96 -18.18 -58.63
N ALA A 235 -13.67 -18.46 -58.48
CA ALA A 235 -13.20 -19.53 -57.63
C ALA A 235 -12.59 -18.94 -56.35
N CYS A 236 -13.22 -19.22 -55.22
CA CYS A 236 -12.75 -18.69 -53.94
C CYS A 236 -11.87 -19.72 -53.24
N PRO A 237 -10.80 -19.26 -52.57
CA PRO A 237 -9.89 -20.13 -51.84
C PRO A 237 -10.59 -20.96 -50.77
N GLU A 238 -11.68 -20.46 -50.22
CA GLU A 238 -12.43 -21.20 -49.19
C GLU A 238 -12.93 -22.54 -49.71
N GLU A 239 -13.20 -22.62 -51.01
CA GLU A 239 -13.79 -23.81 -51.59
C GLU A 239 -12.73 -24.67 -52.30
N HIS A 240 -11.57 -24.07 -52.59
CA HIS A 240 -10.52 -24.79 -53.31
C HIS A 240 -9.17 -24.73 -52.60
N ARG A 241 -8.72 -25.90 -52.14
CA ARG A 241 -7.53 -25.94 -51.30
C ARG A 241 -6.24 -25.46 -51.97
N GLN A 242 -6.10 -25.73 -53.27
CA GLN A 242 -4.89 -25.31 -53.99
C GLN A 242 -4.76 -23.80 -54.15
N LEU A 243 -5.84 -23.08 -53.89
CA LEU A 243 -5.80 -21.64 -53.93
C LEU A 243 -5.49 -21.02 -52.57
N GLN A 244 -5.37 -21.84 -51.52
CA GLN A 244 -5.20 -21.29 -50.18
C GLN A 244 -3.71 -21.16 -49.85
N GLU A 245 -2.87 -21.74 -50.69
CA GLU A 245 -1.43 -21.63 -50.47
C GLU A 245 -0.99 -20.20 -50.77
N MET A 246 -1.45 -19.67 -51.89
CA MET A 246 -1.15 -18.30 -52.26
C MET A 246 -2.21 -17.36 -51.70
N ASP A 247 -3.28 -17.94 -51.16
CA ASP A 247 -4.42 -17.19 -50.64
C ASP A 247 -4.93 -16.22 -51.69
N VAL A 248 -5.47 -16.78 -52.77
CA VAL A 248 -5.88 -15.99 -53.91
C VAL A 248 -7.20 -16.51 -54.46
N LEU A 249 -8.04 -15.60 -54.94
CA LEU A 249 -9.24 -16.00 -55.65
C LEU A 249 -9.01 -15.76 -57.13
N VAL A 250 -9.58 -16.64 -57.95
CA VAL A 250 -9.46 -16.51 -59.40
C VAL A 250 -10.84 -16.36 -60.01
N ASN A 251 -11.03 -15.30 -60.79
CA ASN A 251 -12.32 -15.07 -61.39
C ASN A 251 -12.24 -14.68 -62.87
N TYR A 252 -13.37 -14.80 -63.55
CA TYR A 252 -13.46 -14.51 -64.98
C TYR A 252 -14.70 -13.69 -65.27
N ALA A 253 -14.57 -12.70 -66.15
CA ALA A 253 -15.70 -11.87 -66.54
C ALA A 253 -15.70 -11.61 -68.04
N GLU A 254 -16.81 -11.94 -68.69
CA GLU A 254 -17.01 -11.54 -70.07
C GLU A 254 -18.10 -10.47 -70.13
N ILE A 255 -17.71 -9.29 -70.60
CA ILE A 255 -18.66 -8.18 -70.72
C ILE A 255 -19.08 -8.02 -72.17
N LYS A 256 -20.34 -8.36 -72.46
CA LYS A 256 -20.89 -8.22 -73.81
C LYS A 256 -20.73 -6.80 -74.32
N ARG A 257 -20.53 -6.66 -75.62
CA ARG A 257 -20.26 -5.35 -76.20
C ARG A 257 -21.42 -4.39 -75.98
N GLY A 258 -21.10 -3.13 -75.72
CA GLY A 258 -22.10 -2.13 -75.45
C GLY A 258 -22.60 -2.19 -74.01
N ALA A 259 -22.09 -3.13 -73.24
CA ALA A 259 -22.50 -3.26 -71.84
C ALA A 259 -21.38 -2.85 -70.91
N MET A 260 -21.61 -3.03 -69.61
CA MET A 260 -20.63 -2.67 -68.60
C MET A 260 -20.84 -3.49 -67.33
N MET A 261 -19.77 -3.69 -66.58
CA MET A 261 -19.93 -4.23 -65.24
C MET A 261 -20.09 -3.05 -64.28
N VAL A 262 -21.22 -3.03 -63.58
CA VAL A 262 -21.59 -1.88 -62.76
C VAL A 262 -20.55 -1.57 -61.68
N PRO A 263 -20.45 -0.29 -61.31
CA PRO A 263 -19.52 0.16 -60.26
C PRO A 263 -19.64 -0.67 -58.98
N HIS A 264 -18.50 -1.14 -58.48
CA HIS A 264 -18.45 -2.00 -57.31
C HIS A 264 -17.06 -1.94 -56.70
N TYR A 265 -16.90 -2.53 -55.53
CA TYR A 265 -15.59 -2.58 -54.90
C TYR A 265 -15.38 -3.86 -54.09
N ASN A 266 -14.11 -4.22 -53.92
CA ASN A 266 -13.75 -5.40 -53.13
C ASN A 266 -13.36 -4.99 -51.71
N SER A 267 -13.82 -5.76 -50.74
CA SER A 267 -13.60 -5.41 -49.34
C SER A 267 -12.14 -5.50 -48.93
N LYS A 268 -11.43 -6.53 -49.37
CA LYS A 268 -10.06 -6.75 -48.93
C LYS A 268 -9.11 -7.17 -50.06
N ALA A 269 -9.65 -7.81 -51.09
CA ALA A 269 -8.81 -8.35 -52.16
C ALA A 269 -8.31 -7.27 -53.12
N THR A 270 -7.03 -7.34 -53.47
CA THR A 270 -6.46 -6.51 -54.52
C THR A 270 -6.41 -7.33 -55.81
N VAL A 271 -7.20 -6.95 -56.80
CA VAL A 271 -7.39 -7.78 -57.98
C VAL A 271 -6.48 -7.39 -59.15
N VAL A 272 -5.71 -8.35 -59.63
CA VAL A 272 -4.90 -8.18 -60.83
C VAL A 272 -5.64 -8.73 -62.04
N VAL A 273 -5.96 -7.86 -62.99
CA VAL A 273 -6.81 -8.24 -64.12
C VAL A 273 -6.04 -8.31 -65.43
N TYR A 274 -6.23 -9.40 -66.16
CA TYR A 274 -5.63 -9.58 -67.47
C TYR A 274 -6.69 -9.58 -68.57
N VAL A 275 -6.47 -8.78 -69.60
CA VAL A 275 -7.38 -8.73 -70.74
C VAL A 275 -7.10 -9.86 -71.71
N VAL A 276 -7.92 -10.91 -71.67
CA VAL A 276 -7.68 -12.08 -72.50
C VAL A 276 -8.09 -11.81 -73.96
N GLU A 277 -9.17 -11.06 -74.14
CA GLU A 277 -9.67 -10.79 -75.49
C GLU A 277 -10.64 -9.62 -75.51
N GLY A 278 -10.53 -8.79 -76.53
CA GLY A 278 -11.46 -7.70 -76.74
C GLY A 278 -10.87 -6.35 -76.41
N THR A 279 -11.72 -5.33 -76.43
CA THR A 279 -11.31 -3.98 -76.04
C THR A 279 -12.36 -3.39 -75.11
N GLY A 280 -12.04 -2.24 -74.54
CA GLY A 280 -12.96 -1.59 -73.62
C GLY A 280 -12.29 -0.50 -72.82
N ARG A 281 -12.79 -0.27 -71.62
CA ARG A 281 -12.29 0.81 -70.79
C ARG A 281 -12.67 0.57 -69.33
N PHE A 282 -11.87 1.09 -68.40
CA PHE A 282 -12.21 1.01 -66.99
C PHE A 282 -12.11 2.38 -66.33
N GLU A 283 -12.99 2.62 -65.37
CA GLU A 283 -12.91 3.82 -64.55
C GLU A 283 -12.86 3.42 -63.09
N MET A 284 -11.93 4.00 -62.35
CA MET A 284 -11.76 3.67 -60.94
C MET A 284 -11.58 4.94 -60.12
N ALA A 285 -12.24 5.00 -58.97
CA ALA A 285 -12.14 6.15 -58.09
C ALA A 285 -10.99 5.98 -57.12
N CYS A 286 -9.92 6.75 -57.32
CA CYS A 286 -8.71 6.62 -56.53
C CYS A 286 -8.42 7.86 -55.68
N PRO A 287 -8.34 7.69 -54.36
CA PRO A 287 -8.06 8.77 -53.41
C PRO A 287 -6.57 8.95 -53.10
N HIS A 288 -5.69 8.47 -53.97
CA HIS A 288 -4.26 8.55 -53.71
C HIS A 288 -3.54 9.56 -54.60
N ASP A 289 -2.21 9.52 -54.55
CA ASP A 289 -1.38 10.43 -55.33
C ASP A 289 -0.58 9.65 -56.38
N GLN A 312 -9.62 15.53 -53.42
CA GLN A 312 -9.72 14.25 -52.75
C GLN A 312 -9.59 13.09 -53.73
N PHE A 313 -10.72 12.73 -54.33
CA PHE A 313 -10.78 11.63 -55.28
C PHE A 313 -10.33 12.05 -56.67
N GLN A 314 -10.02 11.06 -57.51
CA GLN A 314 -9.57 11.28 -58.87
C GLN A 314 -9.99 10.12 -59.75
N LYS A 315 -10.35 10.41 -61.00
CA LYS A 315 -10.72 9.35 -61.94
C LYS A 315 -9.49 8.80 -62.64
N VAL A 316 -9.09 7.60 -62.27
CA VAL A 316 -8.05 6.91 -63.02
C VAL A 316 -8.73 6.06 -64.08
N THR A 317 -8.30 6.23 -65.33
CA THR A 317 -8.92 5.52 -66.44
C THR A 317 -7.91 5.25 -67.55
N ALA A 318 -8.17 4.20 -68.31
CA ALA A 318 -7.34 3.84 -69.44
C ALA A 318 -8.13 2.93 -70.37
N ARG A 319 -7.83 2.99 -71.67
CA ARG A 319 -8.49 2.08 -72.59
C ARG A 319 -7.76 0.75 -72.64
N LEU A 320 -8.54 -0.34 -72.62
CA LEU A 320 -8.00 -1.67 -72.53
C LEU A 320 -7.91 -2.38 -73.88
N ALA A 321 -6.85 -3.15 -74.06
CA ALA A 321 -6.69 -4.01 -75.22
C ALA A 321 -6.14 -5.35 -74.76
N ARG A 322 -6.04 -6.32 -75.67
CA ARG A 322 -5.52 -7.63 -75.32
C ARG A 322 -4.10 -7.55 -74.74
N GLY A 323 -3.85 -8.32 -73.69
CA GLY A 323 -2.53 -8.37 -73.10
C GLY A 323 -2.32 -7.32 -72.03
N ASP A 324 -3.21 -6.34 -71.98
CA ASP A 324 -3.13 -5.29 -70.98
C ASP A 324 -3.41 -5.86 -69.59
N ILE A 325 -2.82 -5.22 -68.58
CA ILE A 325 -3.02 -5.62 -67.20
C ILE A 325 -3.27 -4.38 -66.34
N PHE A 326 -4.29 -4.42 -65.51
CA PHE A 326 -4.53 -3.33 -64.58
C PHE A 326 -4.89 -3.86 -63.18
N VAL A 327 -4.55 -3.08 -62.16
CA VAL A 327 -4.67 -3.53 -60.78
C VAL A 327 -5.72 -2.74 -60.01
N ILE A 328 -6.57 -3.47 -59.29
CA ILE A 328 -7.64 -2.86 -58.51
C ILE A 328 -7.44 -3.11 -57.01
N PRO A 329 -6.78 -2.17 -56.32
CA PRO A 329 -6.58 -2.29 -54.87
C PRO A 329 -7.92 -2.30 -54.14
N ALA A 330 -7.97 -2.99 -53.01
CA ALA A 330 -9.20 -3.12 -52.23
C ALA A 330 -9.79 -1.77 -51.86
N GLY A 331 -11.12 -1.70 -51.84
CA GLY A 331 -11.81 -0.48 -51.45
C GLY A 331 -12.13 0.43 -52.63
N HIS A 332 -11.28 0.40 -53.65
CA HIS A 332 -11.49 1.19 -54.85
C HIS A 332 -12.76 0.76 -55.57
N PRO A 333 -13.70 1.70 -55.76
CA PRO A 333 -14.84 1.39 -56.62
C PRO A 333 -14.41 1.36 -58.09
N ILE A 334 -14.80 0.32 -58.81
CA ILE A 334 -14.33 0.11 -60.18
C ILE A 334 -15.50 -0.16 -61.12
N ALA A 335 -15.44 0.42 -62.32
CA ALA A 335 -16.43 0.16 -63.36
C ALA A 335 -15.74 -0.12 -64.70
N ILE A 336 -16.22 -1.14 -65.40
CA ILE A 336 -15.60 -1.55 -66.67
C ILE A 336 -16.61 -1.65 -67.79
N THR A 337 -16.33 -0.97 -68.90
CA THR A 337 -17.21 -0.99 -70.06
C THR A 337 -16.56 -1.68 -71.24
N ALA A 338 -17.31 -2.54 -71.92
CA ALA A 338 -16.84 -3.15 -73.15
C ALA A 338 -16.92 -2.13 -74.29
N SER A 339 -16.35 -2.46 -75.44
CA SER A 339 -16.48 -1.61 -76.61
C SER A 339 -17.84 -1.85 -77.25
N GLN A 340 -18.18 -1.06 -78.26
CA GLN A 340 -19.46 -1.23 -78.96
C GLN A 340 -19.42 -2.36 -79.96
N ASN A 341 -18.21 -2.82 -80.28
CA ASN A 341 -18.01 -3.70 -81.42
C ASN A 341 -17.59 -5.13 -81.06
N GLU A 342 -17.08 -5.32 -79.86
CA GLU A 342 -16.65 -6.66 -79.42
C GLU A 342 -16.81 -6.83 -77.92
N ASN A 343 -17.05 -8.07 -77.50
CA ASN A 343 -17.10 -8.39 -76.08
C ASN A 343 -15.75 -8.14 -75.44
N LEU A 344 -15.75 -7.99 -74.12
CA LEU A 344 -14.50 -7.85 -73.38
C LEU A 344 -14.37 -9.02 -72.42
N ARG A 345 -13.30 -9.80 -72.58
CA ARG A 345 -13.07 -10.96 -71.73
C ARG A 345 -11.89 -10.71 -70.81
N LEU A 346 -12.13 -10.86 -69.51
CA LEU A 346 -11.11 -10.57 -68.51
C LEU A 346 -10.88 -11.74 -67.57
N VAL A 347 -9.63 -11.92 -67.15
CA VAL A 347 -9.31 -12.88 -66.10
C VAL A 347 -8.64 -12.11 -64.95
N GLY A 348 -9.05 -12.41 -63.73
CA GLY A 348 -8.55 -11.68 -62.58
C GLY A 348 -7.98 -12.54 -61.46
N PHE A 349 -6.87 -12.08 -60.87
CA PHE A 349 -6.31 -12.71 -59.70
C PHE A 349 -6.57 -11.84 -58.46
N GLY A 350 -7.25 -12.42 -57.47
CA GLY A 350 -7.58 -11.69 -56.27
C GLY A 350 -6.63 -11.96 -55.11
N ILE A 351 -5.57 -11.16 -55.03
CA ILE A 351 -4.61 -11.26 -53.93
C ILE A 351 -5.32 -10.95 -52.62
N ASN A 352 -4.99 -11.72 -51.58
CA ASN A 352 -5.66 -11.63 -50.27
C ASN A 352 -7.15 -11.88 -50.41
N GLY A 353 -7.52 -12.98 -51.05
CA GLY A 353 -8.89 -13.22 -51.47
C GLY A 353 -9.76 -14.02 -50.53
N LYS A 354 -9.16 -14.61 -49.50
CA LYS A 354 -9.91 -15.25 -48.44
C LYS A 354 -10.85 -14.24 -47.83
N ASN A 355 -12.07 -14.69 -47.52
CA ASN A 355 -13.04 -13.83 -46.84
C ASN A 355 -13.37 -12.46 -47.45
N ASN A 356 -13.02 -12.33 -48.74
CA ASN A 356 -13.35 -11.20 -49.58
C ASN A 356 -14.86 -11.14 -49.92
N GLN A 357 -15.36 -9.93 -50.06
CA GLN A 357 -16.77 -9.70 -50.39
C GLN A 357 -16.89 -8.60 -51.43
N ARG A 358 -17.55 -8.91 -52.54
CA ARG A 358 -17.74 -7.94 -53.60
C ARG A 358 -19.01 -7.13 -53.36
N ASN A 359 -18.84 -5.83 -53.17
CA ASN A 359 -19.96 -4.94 -52.88
C ASN A 359 -20.34 -4.09 -54.07
N PHE A 360 -21.57 -4.26 -54.55
CA PHE A 360 -22.03 -3.51 -55.71
C PHE A 360 -22.69 -2.20 -55.31
N LEU A 361 -22.47 -1.15 -56.12
CA LEU A 361 -22.97 0.17 -55.82
C LEU A 361 -24.17 0.52 -56.69
N ALA A 362 -24.48 -0.38 -57.62
CA ALA A 362 -25.62 -0.20 -58.50
C ALA A 362 -26.20 -1.56 -58.88
N GLY A 363 -27.51 -1.57 -59.14
CA GLY A 363 -28.18 -2.80 -59.52
C GLY A 363 -29.10 -3.34 -58.46
N GLN A 364 -29.74 -4.47 -58.77
CA GLN A 364 -30.67 -5.14 -57.87
C GLN A 364 -30.08 -5.40 -56.49
N ASN A 365 -28.79 -5.70 -56.44
CA ASN A 365 -28.16 -6.17 -55.21
C ASN A 365 -27.25 -5.15 -54.52
N ASN A 366 -27.34 -3.89 -54.93
CA ASN A 366 -26.43 -2.88 -54.45
C ASN A 366 -26.55 -2.71 -52.93
N ILE A 367 -25.44 -2.36 -52.30
CA ILE A 367 -25.36 -2.35 -50.85
C ILE A 367 -26.19 -1.27 -50.22
N ILE A 368 -26.49 -0.24 -50.99
CA ILE A 368 -27.26 0.84 -50.43
C ILE A 368 -28.70 0.50 -50.12
N ASN A 369 -29.29 -0.56 -50.64
CA ASN A 369 -30.66 -0.75 -50.24
C ASN A 369 -30.67 -1.66 -49.03
N GLN A 370 -29.50 -1.85 -48.44
CA GLN A 370 -29.45 -2.61 -47.19
C GLN A 370 -29.64 -1.65 -46.00
N LEU A 371 -29.49 -0.35 -46.25
CA LEU A 371 -29.76 0.66 -45.23
C LEU A 371 -31.27 0.78 -45.01
N GLU A 372 -31.70 1.11 -43.79
CA GLU A 372 -33.12 1.35 -43.57
C GLU A 372 -33.47 2.71 -44.16
N ARG A 373 -34.76 3.02 -44.17
CA ARG A 373 -35.24 4.25 -44.77
C ARG A 373 -34.66 5.49 -44.09
N GLU A 374 -34.60 5.47 -42.77
CA GLU A 374 -34.15 6.62 -42.00
C GLU A 374 -32.67 6.92 -42.21
N ALA A 375 -31.87 5.88 -42.37
CA ALA A 375 -30.43 6.04 -42.56
C ALA A 375 -30.11 6.66 -43.91
N LYS A 376 -30.79 6.21 -44.95
CA LYS A 376 -30.62 6.75 -46.29
C LYS A 376 -31.06 8.22 -46.35
N GLU A 377 -32.20 8.51 -45.73
CA GLU A 377 -32.71 9.87 -45.66
C GLU A 377 -31.70 10.78 -44.96
N LEU A 378 -31.18 10.31 -43.83
CA LEU A 378 -30.21 11.08 -43.04
C LEU A 378 -28.88 11.25 -43.77
N SER A 379 -28.47 10.22 -44.51
CA SER A 379 -27.19 10.26 -45.21
C SER A 379 -27.25 11.11 -46.47
N PHE A 380 -28.36 11.02 -47.20
CA PHE A 380 -28.47 11.66 -48.52
C PHE A 380 -29.16 13.01 -48.50
N ASN A 381 -29.77 13.37 -47.37
CA ASN A 381 -30.52 14.62 -47.24
C ASN A 381 -31.65 14.68 -48.26
N MET A 382 -32.39 13.58 -48.37
CA MET A 382 -33.46 13.46 -49.35
C MET A 382 -34.59 12.56 -48.84
N PRO A 383 -35.82 12.80 -49.29
CA PRO A 383 -36.94 11.94 -48.91
C PRO A 383 -36.82 10.55 -49.52
N ARG A 384 -37.53 9.58 -48.93
CA ARG A 384 -37.48 8.19 -49.36
C ARG A 384 -37.75 8.02 -50.84
N GLU A 385 -38.67 8.82 -51.37
CA GLU A 385 -39.07 8.67 -52.77
C GLU A 385 -38.07 9.27 -53.75
N GLU A 386 -37.32 10.28 -53.36
CA GLU A 386 -36.31 10.83 -54.26
C GLU A 386 -35.07 9.93 -54.26
N ILE A 387 -34.98 9.06 -53.26
CA ILE A 387 -33.85 8.15 -53.11
C ILE A 387 -34.05 6.85 -53.88
N GLU A 388 -35.22 6.23 -53.67
CA GLU A 388 -35.64 5.06 -54.45
C GLU A 388 -35.41 5.33 -55.93
N GLU A 389 -35.66 6.57 -56.31
CA GLU A 389 -35.50 7.05 -57.67
C GLU A 389 -34.06 6.98 -58.18
N ILE A 390 -33.11 6.84 -57.27
CA ILE A 390 -31.70 6.81 -57.64
C ILE A 390 -31.13 5.38 -57.56
N PHE A 391 -31.52 4.65 -56.52
CA PHE A 391 -30.88 3.37 -56.25
C PHE A 391 -31.81 2.16 -56.41
N GLU A 392 -32.96 2.35 -57.05
CA GLU A 392 -33.89 1.24 -57.26
C GLU A 392 -34.49 1.22 -58.66
N ARG A 393 -33.77 1.76 -59.64
CA ARG A 393 -34.29 1.79 -61.00
C ARG A 393 -33.49 0.91 -61.95
N GLN A 394 -32.49 0.22 -61.41
CA GLN A 394 -31.76 -0.76 -62.19
C GLN A 394 -32.29 -2.15 -61.88
N VAL A 395 -32.75 -2.85 -62.90
CA VAL A 395 -33.45 -4.12 -62.72
C VAL A 395 -32.53 -5.32 -62.85
N GLU A 396 -31.34 -5.09 -63.44
CA GLU A 396 -30.35 -6.14 -63.56
C GLU A 396 -29.25 -5.94 -62.51
N SER A 397 -28.32 -6.88 -62.44
CA SER A 397 -27.15 -6.76 -61.58
C SER A 397 -25.88 -6.92 -62.39
N TYR A 398 -24.75 -7.01 -61.70
CA TYR A 398 -23.42 -7.20 -62.32
C TYR A 398 -23.21 -6.43 -63.63
N PHE A 399 -23.98 -6.77 -64.66
CA PHE A 399 -23.78 -6.20 -65.99
C PHE A 399 -25.01 -5.48 -66.52
N VAL A 400 -24.80 -4.28 -67.09
CA VAL A 400 -25.89 -3.49 -67.68
C VAL A 400 -25.47 -2.86 -69.00
N PRO A 401 -26.44 -2.59 -69.90
CA PRO A 401 -26.13 -1.93 -71.17
C PRO A 401 -25.90 -0.44 -71.00
N MET A 402 -25.03 0.14 -71.83
CA MET A 402 -24.72 1.56 -71.73
C MET A 402 -25.86 2.43 -72.23
N GLU A 403 -26.81 1.83 -72.94
CA GLU A 403 -28.06 2.49 -73.26
C GLU A 403 -29.19 1.94 -72.38
N ARG A 404 -29.64 2.76 -71.45
CA ARG A 404 -30.64 2.34 -70.47
C ARG A 404 -32.01 2.14 -71.10
N GLN A 405 -32.84 1.33 -70.44
CA GLN A 405 -34.17 1.01 -70.94
C GLN A 405 -35.21 1.17 -69.84
N ARG B 9 8.63 15.49 -27.87
CA ARG B 9 8.90 15.35 -26.43
C ARG B 9 10.08 14.40 -26.19
N HIS B 10 10.81 14.11 -27.26
CA HIS B 10 12.04 13.32 -27.22
C HIS B 10 11.85 11.85 -26.83
N ASN B 11 10.60 11.44 -26.62
CA ASN B 11 10.29 10.05 -26.32
C ASN B 11 9.78 9.35 -27.58
N PRO B 12 10.53 8.36 -28.07
CA PRO B 12 10.20 7.66 -29.32
C PRO B 12 8.97 6.77 -29.21
N TYR B 13 8.56 6.45 -27.99
CA TYR B 13 7.39 5.60 -27.79
C TYR B 13 6.18 6.40 -27.31
N TYR B 14 6.35 7.71 -27.19
CA TYR B 14 5.30 8.56 -26.65
C TYR B 14 4.77 9.54 -27.69
N PHE B 15 3.45 9.54 -27.86
CA PHE B 15 2.78 10.43 -28.82
C PHE B 15 1.79 11.34 -28.09
N HIS B 16 2.18 12.60 -27.89
CA HIS B 16 1.31 13.55 -27.19
C HIS B 16 0.06 13.86 -28.01
N SER B 17 -1.06 14.05 -27.31
CA SER B 17 -2.36 14.26 -27.94
C SER B 17 -2.41 15.46 -28.89
N GLN B 18 -1.58 16.46 -28.62
CA GLN B 18 -1.55 17.66 -29.45
C GLN B 18 -0.85 17.40 -30.78
N GLY B 19 -0.36 16.19 -30.96
CA GLY B 19 0.29 15.80 -32.20
C GLY B 19 -0.65 15.07 -33.14
N LEU B 20 -1.78 14.63 -32.61
CA LEU B 20 -2.83 14.00 -33.40
C LEU B 20 -3.30 14.94 -34.51
N ARG B 21 -3.45 14.40 -35.71
CA ARG B 21 -3.98 15.21 -36.81
C ARG B 21 -5.49 15.08 -36.89
N SER B 22 -6.17 16.21 -36.83
CA SER B 22 -7.63 16.24 -36.85
C SER B 22 -8.13 16.47 -38.26
N ARG B 23 -9.16 15.73 -38.65
CA ARG B 23 -9.82 16.02 -39.91
C ARG B 23 -10.56 17.34 -39.74
N HIS B 24 -10.35 18.25 -40.70
CA HIS B 24 -10.94 19.59 -40.63
C HIS B 24 -12.47 19.54 -40.65
N GLU B 25 -13.02 19.04 -41.76
CA GLU B 25 -14.47 18.96 -41.89
C GLU B 25 -15.05 17.85 -41.02
N SER B 26 -14.90 18.02 -39.71
CA SER B 26 -15.40 17.05 -38.75
C SER B 26 -16.88 17.25 -38.51
N GLY B 27 -17.32 18.50 -38.47
CA GLY B 27 -18.72 18.82 -38.29
C GLY B 27 -19.16 18.84 -36.83
N GLU B 28 -20.16 18.04 -36.51
CA GLU B 28 -20.70 17.98 -35.16
C GLU B 28 -19.91 17.02 -34.27
N GLY B 29 -18.60 17.22 -34.23
CA GLY B 29 -17.71 16.36 -33.49
C GLY B 29 -16.30 16.50 -34.03
N GLU B 30 -15.46 15.50 -33.83
CA GLU B 30 -14.11 15.53 -34.39
C GLU B 30 -13.51 14.14 -34.60
N VAL B 31 -12.71 14.03 -35.66
CA VAL B 31 -12.00 12.80 -35.97
C VAL B 31 -10.49 13.04 -35.98
N LYS B 32 -9.76 12.36 -35.10
CA LYS B 32 -8.32 12.55 -35.01
C LYS B 32 -7.56 11.33 -35.53
N TYR B 33 -6.45 11.60 -36.21
CA TYR B 33 -5.63 10.52 -36.76
C TYR B 33 -4.23 10.54 -36.18
N LEU B 34 -3.82 9.42 -35.58
CA LEU B 34 -2.44 9.28 -35.13
C LEU B 34 -1.54 9.09 -36.34
N GLU B 35 -0.35 9.69 -36.30
CA GLU B 35 0.63 9.53 -37.36
C GLU B 35 1.01 8.06 -37.50
N ARG B 36 1.70 7.72 -38.58
CA ARG B 36 2.24 6.39 -38.71
C ARG B 36 3.37 6.22 -37.71
N PHE B 37 3.40 5.05 -37.06
CA PHE B 37 4.38 4.79 -36.00
C PHE B 37 5.81 4.90 -36.51
N THR B 38 5.98 4.87 -37.83
CA THR B 38 7.29 4.91 -38.45
C THR B 38 7.65 6.27 -39.03
N GLU B 39 6.92 7.30 -38.64
CA GLU B 39 7.08 8.62 -39.24
C GLU B 39 8.23 9.42 -38.61
N ARG B 40 8.31 9.41 -37.29
CA ARG B 40 9.35 10.16 -36.58
C ARG B 40 10.57 9.30 -36.31
N THR B 41 10.37 7.99 -36.22
CA THR B 41 11.41 7.09 -35.74
C THR B 41 11.35 5.74 -36.42
N GLU B 42 12.45 5.00 -36.33
CA GLU B 42 12.56 3.68 -36.93
C GLU B 42 12.35 2.59 -35.89
N LEU B 43 12.10 3.01 -34.65
CA LEU B 43 12.04 2.09 -33.52
C LEU B 43 10.72 1.33 -33.43
N LEU B 44 9.74 1.74 -34.21
CA LEU B 44 8.43 1.09 -34.18
C LEU B 44 8.08 0.48 -35.54
N ARG B 45 9.10 0.13 -36.30
CA ARG B 45 8.93 -0.41 -37.65
C ARG B 45 8.10 -1.68 -37.65
N GLY B 46 8.15 -2.43 -36.55
CA GLY B 46 7.45 -3.70 -36.43
C GLY B 46 5.94 -3.58 -36.46
N ILE B 47 5.44 -2.39 -36.14
CA ILE B 47 3.99 -2.17 -36.15
C ILE B 47 3.64 -1.14 -37.21
N GLU B 48 4.43 -1.13 -38.27
CA GLU B 48 4.29 -0.24 -39.42
C GLU B 48 2.86 -0.18 -39.97
N ASN B 49 2.20 -1.34 -40.02
CA ASN B 49 0.87 -1.44 -40.63
C ASN B 49 -0.26 -1.29 -39.62
N TYR B 50 -0.11 -0.35 -38.69
CA TYR B 50 -1.16 -0.08 -37.72
C TYR B 50 -1.35 1.41 -37.51
N ARG B 51 -2.61 1.84 -37.53
CA ARG B 51 -2.96 3.23 -37.36
C ARG B 51 -4.01 3.38 -36.28
N VAL B 52 -3.98 4.51 -35.57
CA VAL B 52 -4.95 4.78 -34.53
C VAL B 52 -5.88 5.92 -34.96
N VAL B 53 -7.19 5.68 -34.84
CA VAL B 53 -8.17 6.70 -35.16
C VAL B 53 -9.10 6.93 -33.98
N ILE B 54 -9.25 8.19 -33.58
CA ILE B 54 -10.15 8.54 -32.49
C ILE B 54 -11.35 9.33 -33.00
N LEU B 55 -12.54 8.79 -32.80
CA LEU B 55 -13.77 9.45 -33.21
C LEU B 55 -14.51 10.02 -32.01
N GLU B 56 -14.86 11.30 -32.09
CA GLU B 56 -15.64 11.96 -31.04
C GLU B 56 -16.88 12.61 -31.64
N ALA B 57 -18.05 12.24 -31.13
CA ALA B 57 -19.30 12.75 -31.67
C ALA B 57 -20.16 13.42 -30.61
N ASN B 58 -20.67 14.61 -30.94
CA ASN B 58 -21.56 15.37 -30.06
C ASN B 58 -22.87 14.62 -29.79
N PRO B 59 -23.64 15.04 -28.79
CA PRO B 59 -24.92 14.36 -28.55
C PRO B 59 -25.90 14.56 -29.71
N ASN B 60 -26.78 13.60 -29.91
CA ASN B 60 -27.73 13.63 -31.02
C ASN B 60 -27.07 13.88 -32.36
N THR B 61 -26.17 12.99 -32.75
CA THR B 61 -25.46 13.12 -34.01
C THR B 61 -25.52 11.85 -34.86
N PHE B 62 -25.25 12.02 -36.14
CA PHE B 62 -25.23 10.93 -37.10
C PHE B 62 -23.93 10.99 -37.89
N VAL B 63 -23.11 9.96 -37.75
CA VAL B 63 -21.86 9.88 -38.51
C VAL B 63 -22.15 9.30 -39.89
N LEU B 64 -21.92 10.09 -40.93
CA LEU B 64 -22.23 9.68 -42.30
C LEU B 64 -21.50 8.40 -42.69
N PRO B 65 -22.17 7.54 -43.47
CA PRO B 65 -21.63 6.22 -43.83
C PRO B 65 -20.37 6.29 -44.69
N TYR B 66 -19.45 5.36 -44.44
CA TYR B 66 -18.26 5.21 -45.26
C TYR B 66 -17.66 3.83 -45.03
N HIS B 67 -16.73 3.45 -45.91
CA HIS B 67 -15.94 2.24 -45.70
C HIS B 67 -14.47 2.59 -45.89
N LYS B 68 -13.59 1.74 -45.42
CA LYS B 68 -12.16 1.97 -45.58
C LYS B 68 -11.42 0.70 -45.97
N ASP B 69 -10.26 0.88 -46.59
CA ASP B 69 -9.41 -0.24 -47.01
C ASP B 69 -8.56 -0.72 -45.83
N ALA B 70 -9.23 -1.01 -44.72
CA ALA B 70 -8.54 -1.39 -43.49
C ALA B 70 -9.48 -2.08 -42.50
N GLU B 71 -8.96 -3.08 -41.81
CA GLU B 71 -9.69 -3.70 -40.70
C GLU B 71 -9.66 -2.77 -39.51
N SER B 72 -10.65 -2.90 -38.64
CA SER B 72 -10.72 -2.02 -37.47
C SER B 72 -11.27 -2.74 -36.24
N VAL B 73 -10.66 -2.47 -35.10
CA VAL B 73 -11.19 -2.90 -33.81
C VAL B 73 -11.53 -1.66 -32.99
N ILE B 74 -12.79 -1.57 -32.56
CA ILE B 74 -13.31 -0.36 -31.93
C ILE B 74 -13.59 -0.54 -30.45
N VAL B 75 -13.16 0.44 -29.65
CA VAL B 75 -13.47 0.47 -28.23
C VAL B 75 -14.20 1.76 -27.86
N VAL B 76 -15.33 1.63 -27.18
CA VAL B 76 -16.06 2.78 -26.69
C VAL B 76 -15.49 3.25 -25.36
N THR B 77 -14.88 4.43 -25.36
CA THR B 77 -14.20 4.96 -24.19
C THR B 77 -15.05 6.00 -23.46
N ARG B 78 -16.19 6.34 -24.05
CA ARG B 78 -17.07 7.34 -23.45
C ARG B 78 -18.48 7.25 -24.03
N GLY B 79 -19.46 7.11 -23.14
CA GLY B 79 -20.85 7.17 -23.53
C GLY B 79 -21.41 5.89 -24.12
N ARG B 80 -22.32 6.06 -25.08
CA ARG B 80 -23.09 4.96 -25.66
C ARG B 80 -23.32 5.24 -27.13
N ALA B 81 -23.59 4.19 -27.91
CA ALA B 81 -23.77 4.34 -29.34
C ALA B 81 -24.45 3.16 -30.01
N THR B 82 -25.04 3.43 -31.17
CA THR B 82 -25.53 2.37 -32.05
C THR B 82 -24.64 2.32 -33.29
N LEU B 83 -23.99 1.18 -33.50
CA LEU B 83 -23.12 1.00 -34.65
C LEU B 83 -23.74 0.05 -35.66
N THR B 84 -23.71 0.44 -36.93
CA THR B 84 -24.28 -0.39 -37.99
C THR B 84 -23.37 -0.40 -39.22
N PHE B 85 -23.15 -1.59 -39.78
CA PHE B 85 -22.39 -1.71 -41.02
C PHE B 85 -22.98 -2.77 -41.95
N VAL B 86 -22.88 -2.51 -43.25
CA VAL B 86 -23.41 -3.43 -44.26
C VAL B 86 -22.28 -3.95 -45.16
N SER B 87 -22.45 -5.19 -45.63
CA SER B 87 -21.47 -5.81 -46.51
C SER B 87 -22.11 -6.91 -47.35
N GLN B 88 -21.99 -6.78 -48.66
CA GLN B 88 -22.58 -7.72 -49.61
C GLN B 88 -24.10 -7.81 -49.44
N GLU B 89 -24.55 -8.86 -48.76
CA GLU B 89 -25.98 -9.08 -48.58
C GLU B 89 -26.38 -9.00 -47.11
N ARG B 90 -25.40 -8.76 -46.24
CA ARG B 90 -25.67 -8.72 -44.81
C ARG B 90 -25.70 -7.32 -44.23
N ARG B 91 -26.57 -7.14 -43.26
CA ARG B 91 -26.59 -5.95 -42.43
C ARG B 91 -26.34 -6.30 -40.98
N GLU B 92 -25.48 -5.54 -40.32
CA GLU B 92 -25.15 -5.81 -38.93
C GLU B 92 -25.32 -4.54 -38.09
N SER B 93 -26.06 -4.65 -36.99
CA SER B 93 -26.33 -3.49 -36.15
C SER B 93 -26.17 -3.84 -34.66
N PHE B 94 -25.50 -2.97 -33.92
CA PHE B 94 -25.24 -3.22 -32.50
C PHE B 94 -25.37 -1.96 -31.65
N ASN B 95 -25.94 -2.13 -30.46
CA ASN B 95 -25.94 -1.07 -29.45
C ASN B 95 -24.73 -1.21 -28.54
N LEU B 96 -23.86 -0.21 -28.56
CA LEU B 96 -22.61 -0.29 -27.82
C LEU B 96 -22.66 0.54 -26.53
N GLU B 97 -22.13 -0.05 -25.46
CA GLU B 97 -22.05 0.65 -24.17
C GLU B 97 -20.61 1.07 -23.91
N TYR B 98 -20.38 1.71 -22.77
CA TYR B 98 -19.03 2.06 -22.35
C TYR B 98 -18.21 0.80 -22.11
N GLY B 99 -17.00 0.76 -22.66
CA GLY B 99 -16.12 -0.37 -22.48
C GLY B 99 -16.41 -1.53 -23.42
N ASP B 100 -17.32 -1.32 -24.37
CA ASP B 100 -17.61 -2.35 -25.36
C ASP B 100 -16.58 -2.37 -26.47
N VAL B 101 -16.24 -3.57 -26.93
CA VAL B 101 -15.24 -3.74 -27.99
C VAL B 101 -15.85 -4.50 -29.15
N ILE B 102 -15.64 -4.00 -30.37
CA ILE B 102 -16.25 -4.60 -31.55
C ILE B 102 -15.36 -4.49 -32.79
N ARG B 103 -15.55 -5.44 -33.72
CA ARG B 103 -14.81 -5.45 -34.97
C ARG B 103 -15.68 -4.99 -36.14
N VAL B 104 -15.11 -4.13 -36.98
CA VAL B 104 -15.74 -3.76 -38.23
C VAL B 104 -14.87 -4.23 -39.39
N PRO B 105 -15.33 -5.25 -40.14
CA PRO B 105 -14.58 -5.83 -41.25
C PRO B 105 -14.19 -4.79 -42.29
N ALA B 106 -13.08 -5.02 -42.98
CA ALA B 106 -12.63 -4.10 -44.02
C ALA B 106 -13.65 -4.10 -45.17
N GLY B 107 -13.86 -2.93 -45.75
CA GLY B 107 -14.77 -2.81 -46.88
C GLY B 107 -16.22 -2.64 -46.47
N ALA B 108 -16.52 -2.91 -45.20
CA ALA B 108 -17.88 -2.74 -44.70
C ALA B 108 -18.22 -1.26 -44.58
N THR B 109 -19.41 -0.90 -45.05
CA THR B 109 -19.89 0.48 -44.98
C THR B 109 -20.54 0.73 -43.62
N GLU B 110 -19.95 1.62 -42.83
CA GLU B 110 -20.42 1.82 -41.46
C GLU B 110 -20.91 3.24 -41.18
N TYR B 111 -21.90 3.35 -40.30
CA TYR B 111 -22.33 4.64 -39.77
C TYR B 111 -22.66 4.51 -38.29
N VAL B 112 -22.50 5.62 -37.55
CA VAL B 112 -22.64 5.58 -36.09
C VAL B 112 -23.70 6.56 -35.58
N ILE B 113 -24.44 6.15 -34.57
CA ILE B 113 -25.48 6.99 -33.96
C ILE B 113 -25.21 7.27 -32.49
N ASN B 114 -25.24 8.55 -32.14
CA ASN B 114 -25.22 8.95 -30.74
C ASN B 114 -26.58 9.50 -30.34
N GLN B 115 -27.48 8.64 -29.88
CA GLN B 115 -28.84 9.07 -29.54
C GLN B 115 -28.97 9.52 -28.10
N ASP B 116 -27.82 9.76 -27.45
CA ASP B 116 -27.81 10.29 -26.09
C ASP B 116 -27.92 11.81 -26.13
N SER B 117 -28.58 12.38 -25.11
CA SER B 117 -28.94 13.79 -25.13
C SER B 117 -27.88 14.76 -24.62
N ASN B 118 -26.93 14.29 -23.81
CA ASN B 118 -25.86 15.19 -23.40
C ASN B 118 -24.48 14.58 -23.24
N GLU B 119 -24.38 13.25 -23.08
CA GLU B 119 -23.04 12.66 -22.99
C GLU B 119 -22.46 12.42 -24.38
N ARG B 120 -21.41 13.16 -24.70
CA ARG B 120 -20.71 13.02 -25.95
C ARG B 120 -20.07 11.65 -26.09
N LEU B 121 -20.02 11.12 -27.31
CA LEU B 121 -19.46 9.80 -27.57
C LEU B 121 -18.00 9.86 -28.00
N GLU B 122 -17.20 8.92 -27.50
CA GLU B 122 -15.82 8.79 -27.95
C GLU B 122 -15.51 7.35 -28.34
N MET B 123 -14.90 7.18 -29.51
CA MET B 123 -14.49 5.87 -29.98
C MET B 123 -13.01 5.86 -30.36
N VAL B 124 -12.29 4.88 -29.85
CA VAL B 124 -10.89 4.70 -30.22
C VAL B 124 -10.73 3.46 -31.10
N LYS B 125 -10.12 3.65 -32.26
CA LYS B 125 -10.02 2.58 -33.25
C LYS B 125 -8.57 2.26 -33.59
N LEU B 126 -8.25 0.97 -33.63
CA LEU B 126 -6.98 0.52 -34.19
C LEU B 126 -7.24 -0.04 -35.59
N LEU B 127 -6.52 0.48 -36.57
CA LEU B 127 -6.74 0.08 -37.96
C LEU B 127 -5.58 -0.75 -38.51
N GLN B 128 -5.93 -1.76 -39.29
CA GLN B 128 -4.93 -2.58 -39.97
C GLN B 128 -5.20 -2.60 -41.47
N PRO B 129 -4.54 -1.69 -42.21
CA PRO B 129 -4.67 -1.55 -43.67
C PRO B 129 -4.49 -2.86 -44.43
N VAL B 130 -5.24 -3.01 -45.52
CA VAL B 130 -5.16 -4.23 -46.32
C VAL B 130 -4.33 -4.02 -47.59
N ASN B 131 -4.14 -2.77 -47.97
CA ASN B 131 -3.35 -2.45 -49.14
C ASN B 131 -1.89 -2.18 -48.79
N ASN B 132 -1.42 -0.97 -49.09
CA ASN B 132 -0.06 -0.57 -48.74
C ASN B 132 0.11 -0.51 -47.23
N PRO B 133 1.30 -0.91 -46.74
CA PRO B 133 1.59 -0.94 -45.30
C PRO B 133 1.35 0.40 -44.61
N GLY B 134 0.47 0.40 -43.61
CA GLY B 134 0.22 1.58 -42.81
C GLY B 134 -0.54 2.68 -43.52
N GLN B 135 -1.17 2.36 -44.65
CA GLN B 135 -1.91 3.35 -45.42
C GLN B 135 -3.36 2.95 -45.61
N PHE B 136 -4.27 3.87 -45.30
CA PHE B 136 -5.69 3.62 -45.48
C PHE B 136 -6.40 4.88 -45.98
N ARG B 137 -7.57 4.69 -46.57
CA ARG B 137 -8.39 5.79 -47.04
C ARG B 137 -9.85 5.54 -46.69
N GLU B 138 -10.60 6.62 -46.52
CA GLU B 138 -12.02 6.51 -46.22
C GLU B 138 -12.86 6.85 -47.44
N TYR B 139 -13.76 5.94 -47.80
CA TYR B 139 -14.60 6.10 -48.99
C TYR B 139 -16.03 6.45 -48.62
N TYR B 140 -16.45 7.67 -48.95
CA TYR B 140 -17.79 8.13 -48.62
C TYR B 140 -18.75 8.02 -49.79
N ALA B 141 -19.81 7.23 -49.62
CA ALA B 141 -20.86 7.12 -50.63
C ALA B 141 -21.57 8.46 -50.79
N ALA B 142 -21.86 9.10 -49.65
CA ALA B 142 -22.41 10.45 -49.64
C ALA B 142 -21.46 11.35 -48.86
N GLY B 143 -21.09 12.49 -49.44
CA GLY B 143 -20.09 13.35 -48.85
C GLY B 143 -20.60 14.64 -48.25
N ALA B 144 -19.73 15.63 -48.17
CA ALA B 144 -20.08 16.92 -47.60
C ALA B 144 -19.43 18.05 -48.41
N GLN B 145 -19.47 19.25 -47.85
CA GLN B 145 -18.99 20.44 -48.54
C GLN B 145 -17.51 20.34 -48.91
N SER B 146 -16.74 19.57 -48.14
CA SER B 146 -15.32 19.40 -48.44
C SER B 146 -14.96 17.92 -48.52
N THR B 147 -15.94 17.09 -48.80
CA THR B 147 -15.71 15.65 -48.94
C THR B 147 -16.48 15.10 -50.12
N GLU B 148 -15.75 14.54 -51.08
CA GLU B 148 -16.34 14.01 -52.30
C GLU B 148 -17.01 12.66 -52.08
N SER B 149 -18.18 12.49 -52.69
CA SER B 149 -18.75 11.17 -52.86
C SER B 149 -17.94 10.48 -53.94
N TYR B 150 -17.61 9.20 -53.76
CA TYR B 150 -16.77 8.51 -54.73
C TYR B 150 -17.54 8.21 -56.02
N LEU B 151 -18.86 8.32 -55.97
CA LEU B 151 -19.70 8.12 -57.14
C LEU B 151 -19.59 9.29 -58.13
N ARG B 152 -19.35 10.48 -57.59
CA ARG B 152 -19.26 11.70 -58.39
C ARG B 152 -18.00 11.69 -59.28
N VAL B 153 -17.13 10.70 -59.05
CA VAL B 153 -15.90 10.58 -59.82
C VAL B 153 -16.14 9.95 -61.19
N PHE B 154 -17.08 9.02 -61.25
CA PHE B 154 -17.41 8.33 -62.50
C PHE B 154 -17.96 9.27 -63.56
N SER B 155 -17.83 8.86 -64.82
CA SER B 155 -18.43 9.62 -65.92
C SER B 155 -19.95 9.55 -65.83
N ASN B 156 -20.61 10.55 -66.39
CA ASN B 156 -22.08 10.59 -66.37
C ASN B 156 -22.65 9.38 -67.08
N ASP B 157 -22.00 8.96 -68.16
CA ASP B 157 -22.42 7.80 -68.94
C ASP B 157 -22.70 6.61 -68.02
N ILE B 158 -21.71 6.31 -67.18
CA ILE B 158 -21.66 5.11 -66.37
C ILE B 158 -22.74 5.08 -65.29
N LEU B 159 -22.89 6.18 -64.56
CA LEU B 159 -23.90 6.25 -63.51
C LEU B 159 -25.33 6.23 -64.04
N VAL B 160 -25.60 6.99 -65.11
CA VAL B 160 -26.94 6.99 -65.67
C VAL B 160 -27.26 5.62 -66.26
N ALA B 161 -26.25 4.91 -66.74
CA ALA B 161 -26.46 3.58 -67.31
C ALA B 161 -26.58 2.54 -66.22
N ALA B 162 -25.68 2.61 -65.24
CA ALA B 162 -25.67 1.64 -64.14
C ALA B 162 -26.91 1.78 -63.28
N LEU B 163 -27.25 3.01 -62.92
CA LEU B 163 -28.36 3.26 -62.00
C LEU B 163 -29.69 3.39 -62.72
N ASN B 164 -29.65 3.58 -64.04
CA ASN B 164 -30.84 3.83 -64.85
C ASN B 164 -31.59 5.06 -64.33
N THR B 165 -30.91 6.20 -64.37
CA THR B 165 -31.43 7.45 -63.81
C THR B 165 -30.91 8.64 -64.61
N PRO B 166 -31.81 9.57 -64.96
CA PRO B 166 -31.41 10.76 -65.73
C PRO B 166 -30.44 11.65 -64.95
N ARG B 167 -29.62 12.39 -65.69
CA ARG B 167 -28.51 13.16 -65.15
C ARG B 167 -28.90 14.23 -64.14
N ASP B 168 -30.00 14.94 -64.42
CA ASP B 168 -30.43 16.03 -63.56
C ASP B 168 -30.66 15.57 -62.13
N ARG B 169 -31.14 14.34 -62.00
CA ARG B 169 -31.52 13.79 -60.70
C ARG B 169 -30.31 13.23 -59.99
N LEU B 170 -29.26 12.96 -60.76
CA LEU B 170 -27.96 12.64 -60.19
C LEU B 170 -27.31 13.92 -59.67
N GLU B 171 -27.39 14.98 -60.48
CA GLU B 171 -26.70 16.22 -60.14
C GLU B 171 -27.37 16.97 -58.99
N ARG B 172 -28.63 16.64 -58.71
CA ARG B 172 -29.31 17.23 -57.56
C ARG B 172 -29.05 16.35 -56.34
N PHE B 173 -28.77 15.07 -56.60
CA PHE B 173 -28.42 14.13 -55.55
C PHE B 173 -27.10 14.51 -54.89
N PHE B 174 -26.18 15.03 -55.69
CA PHE B 174 -24.87 15.43 -55.18
C PHE B 174 -24.91 16.81 -54.53
N ASP B 175 -25.79 17.68 -55.03
CA ASP B 175 -25.95 19.02 -54.46
C ASP B 175 -26.55 18.97 -53.06
N GLN B 176 -27.45 18.02 -52.83
CA GLN B 176 -28.08 17.86 -51.52
C GLN B 176 -27.05 17.48 -50.45
N GLN B 177 -25.86 17.07 -50.90
CA GLN B 177 -24.79 16.68 -50.00
C GLN B 177 -23.79 17.82 -49.83
N GLU B 178 -23.72 18.70 -50.82
CA GLU B 178 -22.82 19.84 -50.78
C GLU B 178 -23.43 21.00 -49.99
N GLN B 179 -24.51 20.72 -49.26
CA GLN B 179 -25.14 21.73 -48.42
C GLN B 179 -24.65 21.57 -46.99
N ARG B 180 -24.38 20.32 -46.60
CA ARG B 180 -23.93 20.01 -45.25
C ARG B 180 -22.46 20.32 -45.06
N GLU B 181 -22.12 20.84 -43.88
CA GLU B 181 -20.73 21.10 -43.52
C GLU B 181 -20.28 20.10 -42.46
N GLY B 182 -19.38 19.21 -42.85
CA GLY B 182 -18.89 18.19 -41.94
C GLY B 182 -19.49 16.82 -42.21
N VAL B 183 -18.76 15.78 -41.83
CA VAL B 183 -19.22 14.41 -42.03
C VAL B 183 -19.95 13.89 -40.80
N ILE B 184 -20.04 14.72 -39.77
CA ILE B 184 -20.85 14.42 -38.60
C ILE B 184 -21.92 15.51 -38.46
N ILE B 185 -23.19 15.10 -38.45
CA ILE B 185 -24.29 16.06 -38.48
C ILE B 185 -25.31 15.88 -37.36
N ARG B 186 -26.08 16.93 -37.12
CA ARG B 186 -27.15 16.98 -36.12
C ARG B 186 -28.36 16.17 -36.61
N ALA B 187 -29.01 15.44 -35.70
CA ALA B 187 -30.14 14.61 -36.06
C ALA B 187 -31.15 14.53 -34.93
N SER B 188 -32.43 14.55 -35.29
CA SER B 188 -33.48 14.43 -34.29
C SER B 188 -33.30 13.13 -33.49
N GLN B 189 -33.34 13.27 -32.16
CA GLN B 189 -33.50 12.23 -31.12
C GLN B 189 -34.57 11.15 -31.33
N GLU B 190 -35.64 11.45 -32.07
CA GLU B 190 -36.69 10.47 -32.25
C GLU B 190 -36.42 9.62 -33.47
N LYS B 191 -35.76 10.21 -34.47
CA LYS B 191 -35.40 9.46 -35.67
C LYS B 191 -34.20 8.56 -35.39
N LEU B 192 -33.34 9.02 -34.48
CA LEU B 192 -32.21 8.21 -34.02
C LEU B 192 -32.72 7.04 -33.19
N ARG B 193 -33.84 7.24 -32.51
CA ARG B 193 -34.46 6.19 -31.72
C ARG B 193 -35.07 5.13 -32.62
N ALA B 194 -35.56 5.57 -33.77
CA ALA B 194 -36.15 4.66 -34.76
C ALA B 194 -35.12 3.66 -35.25
N LEU B 195 -33.87 4.11 -35.36
CA LEU B 195 -32.78 3.28 -35.84
C LEU B 195 -32.18 2.42 -34.73
N SER B 196 -33.04 1.98 -33.81
CA SER B 196 -32.61 1.11 -32.71
C SER B 196 -33.69 0.09 -32.39
N GLY B 214 -21.23 -10.54 -31.80
CA GLY B 214 -21.72 -9.36 -31.10
C GLY B 214 -20.61 -8.62 -30.37
N PRO B 215 -20.95 -7.52 -29.70
CA PRO B 215 -20.00 -6.69 -28.97
C PRO B 215 -19.34 -7.43 -27.81
N ILE B 216 -18.09 -7.09 -27.51
CA ILE B 216 -17.38 -7.68 -26.39
C ILE B 216 -17.31 -6.70 -25.23
N SER B 217 -17.97 -7.04 -24.13
CA SER B 217 -17.97 -6.18 -22.94
C SER B 217 -16.72 -6.44 -22.10
N LEU B 218 -15.86 -5.43 -22.02
CA LEU B 218 -14.56 -5.57 -21.38
C LEU B 218 -14.66 -5.93 -19.90
N LYS B 219 -15.57 -5.28 -19.18
CA LYS B 219 -15.69 -5.46 -17.74
C LYS B 219 -16.44 -6.74 -17.35
N SER B 220 -16.59 -7.66 -18.29
CA SER B 220 -17.26 -8.93 -18.01
C SER B 220 -16.38 -10.09 -18.46
N GLN B 221 -15.12 -9.78 -18.77
CA GLN B 221 -14.18 -10.80 -19.21
C GLN B 221 -13.66 -11.62 -18.04
N ARG B 222 -13.47 -12.92 -18.28
CA ARG B 222 -12.95 -13.83 -17.27
C ARG B 222 -11.51 -13.49 -16.92
N SER B 223 -10.79 -12.92 -17.87
CA SER B 223 -9.42 -12.51 -17.66
C SER B 223 -9.34 -11.12 -17.05
N SER B 224 -9.39 -11.04 -15.73
CA SER B 224 -9.41 -9.76 -15.05
C SER B 224 -8.84 -9.86 -13.62
N TYR B 225 -8.29 -8.75 -13.15
CA TYR B 225 -7.84 -8.65 -11.76
C TYR B 225 -8.15 -7.27 -11.20
N SER B 226 -8.64 -7.24 -9.96
CA SER B 226 -9.03 -5.99 -9.33
C SER B 226 -8.70 -5.98 -7.84
N ASN B 227 -8.09 -4.89 -7.37
CA ASN B 227 -7.95 -4.66 -5.94
C ASN B 227 -8.27 -3.21 -5.58
N GLN B 228 -7.88 -2.77 -4.39
CA GLN B 228 -8.28 -1.46 -3.89
C GLN B 228 -7.53 -0.33 -4.63
N PHE B 229 -6.50 -0.69 -5.38
CA PHE B 229 -5.65 0.32 -6.01
C PHE B 229 -5.80 0.39 -7.53
N GLY B 230 -6.61 -0.51 -8.09
CA GLY B 230 -6.90 -0.48 -9.51
C GLY B 230 -7.59 -1.72 -10.02
N GLN B 231 -8.12 -1.66 -11.23
CA GLN B 231 -8.73 -2.84 -11.85
C GLN B 231 -8.28 -3.02 -13.29
N PHE B 232 -8.26 -4.27 -13.73
CA PHE B 232 -7.74 -4.63 -15.04
C PHE B 232 -8.67 -5.61 -15.75
N PHE B 233 -8.95 -5.35 -17.02
CA PHE B 233 -9.75 -6.25 -17.84
C PHE B 233 -9.03 -6.50 -19.16
N GLU B 234 -9.17 -7.71 -19.70
CA GLU B 234 -8.52 -8.02 -20.97
C GLU B 234 -9.28 -9.08 -21.77
N ALA B 235 -9.48 -8.79 -23.04
CA ALA B 235 -10.10 -9.73 -23.96
C ALA B 235 -9.06 -10.23 -24.96
N CYS B 236 -8.73 -11.52 -24.89
CA CYS B 236 -7.72 -12.07 -25.77
C CYS B 236 -8.35 -12.79 -26.96
N PRO B 237 -7.69 -12.75 -28.12
CA PRO B 237 -8.16 -13.35 -29.37
C PRO B 237 -8.47 -14.84 -29.28
N GLU B 238 -7.84 -15.55 -28.36
CA GLU B 238 -8.11 -16.98 -28.19
C GLU B 238 -9.57 -17.25 -27.82
N GLU B 239 -10.19 -16.29 -27.15
CA GLU B 239 -11.54 -16.49 -26.63
C GLU B 239 -12.60 -15.75 -27.44
N HIS B 240 -12.18 -14.78 -28.25
CA HIS B 240 -13.10 -14.05 -29.11
C HIS B 240 -12.68 -14.11 -30.58
N ARG B 241 -13.56 -14.66 -31.42
CA ARG B 241 -13.24 -14.90 -32.82
C ARG B 241 -13.01 -13.61 -33.62
N GLN B 242 -13.76 -12.55 -33.31
CA GLN B 242 -13.68 -11.33 -34.10
C GLN B 242 -12.37 -10.56 -33.88
N LEU B 243 -11.61 -10.98 -32.87
CA LEU B 243 -10.32 -10.36 -32.60
C LEU B 243 -9.19 -11.13 -33.29
N GLN B 244 -9.53 -12.22 -33.96
CA GLN B 244 -8.52 -13.09 -34.56
C GLN B 244 -8.14 -12.63 -35.97
N GLU B 245 -8.96 -11.75 -36.55
CA GLU B 245 -8.66 -11.22 -37.88
C GLU B 245 -7.49 -10.25 -37.83
N MET B 246 -7.51 -9.37 -36.84
CA MET B 246 -6.41 -8.43 -36.65
C MET B 246 -5.38 -9.04 -35.71
N ASP B 247 -5.74 -10.17 -35.13
CA ASP B 247 -4.89 -10.86 -34.15
C ASP B 247 -4.44 -9.89 -33.08
N VAL B 248 -5.38 -9.46 -32.25
CA VAL B 248 -5.11 -8.40 -31.29
C VAL B 248 -5.86 -8.66 -29.98
N LEU B 249 -5.23 -8.33 -28.87
CA LEU B 249 -5.91 -8.33 -27.59
C LEU B 249 -6.24 -6.90 -27.22
N VAL B 250 -7.38 -6.72 -26.57
CA VAL B 250 -7.80 -5.39 -26.15
C VAL B 250 -8.02 -5.38 -24.64
N ASN B 251 -7.39 -4.45 -23.95
CA ASN B 251 -7.48 -4.40 -22.50
C ASN B 251 -7.70 -3.01 -21.94
N TYR B 252 -8.15 -2.96 -20.69
CA TYR B 252 -8.48 -1.71 -20.02
C TYR B 252 -7.94 -1.74 -18.60
N ALA B 253 -7.31 -0.64 -18.18
CA ALA B 253 -6.77 -0.55 -16.84
C ALA B 253 -7.04 0.80 -16.21
N GLU B 254 -7.65 0.78 -15.04
CA GLU B 254 -7.82 1.99 -14.23
C GLU B 254 -6.90 1.94 -13.03
N ILE B 255 -5.92 2.83 -13.00
CA ILE B 255 -5.04 2.94 -11.85
C ILE B 255 -5.52 4.10 -10.97
N LYS B 256 -6.05 3.76 -9.80
CA LYS B 256 -6.58 4.78 -8.91
C LYS B 256 -5.49 5.68 -8.37
N ARG B 257 -5.86 6.94 -8.13
CA ARG B 257 -4.95 8.00 -7.72
C ARG B 257 -3.96 7.58 -6.61
N GLY B 258 -2.71 7.99 -6.78
CA GLY B 258 -1.67 7.70 -5.81
C GLY B 258 -1.14 6.27 -5.87
N ALA B 259 -1.71 5.45 -6.74
CA ALA B 259 -1.27 4.07 -6.89
C ALA B 259 -0.54 3.87 -8.20
N MET B 260 -0.23 2.61 -8.50
CA MET B 260 0.51 2.29 -9.72
C MET B 260 0.33 0.83 -10.12
N MET B 261 0.52 0.55 -11.41
CA MET B 261 0.57 -0.82 -11.87
C MET B 261 2.02 -1.29 -11.85
N VAL B 262 2.27 -2.40 -11.14
CA VAL B 262 3.63 -2.88 -10.90
C VAL B 262 4.38 -3.17 -12.19
N PRO B 263 5.72 -3.00 -12.17
CA PRO B 263 6.59 -3.30 -13.32
C PRO B 263 6.35 -4.69 -13.89
N HIS B 264 6.18 -4.77 -15.20
CA HIS B 264 5.84 -6.02 -15.86
C HIS B 264 6.21 -5.95 -17.33
N TYR B 265 6.15 -7.07 -18.04
CA TYR B 265 6.42 -7.06 -19.47
C TYR B 265 5.59 -8.09 -20.21
N ASN B 266 5.33 -7.81 -21.49
CA ASN B 266 4.62 -8.74 -22.35
C ASN B 266 5.59 -9.58 -23.17
N SER B 267 5.28 -10.86 -23.31
CA SER B 267 6.17 -11.80 -23.98
C SER B 267 6.29 -11.49 -25.48
N LYS B 268 5.17 -11.18 -26.13
CA LYS B 268 5.18 -11.01 -27.58
C LYS B 268 4.33 -9.85 -28.10
N ALA B 269 3.32 -9.46 -27.35
CA ALA B 269 2.42 -8.40 -27.82
C ALA B 269 3.03 -7.00 -27.66
N THR B 270 2.87 -6.19 -28.70
CA THR B 270 3.25 -4.78 -28.64
C THR B 270 1.99 -3.95 -28.41
N VAL B 271 1.90 -3.31 -27.24
CA VAL B 271 0.65 -2.66 -26.86
C VAL B 271 0.62 -1.17 -27.12
N VAL B 272 -0.40 -0.74 -27.84
CA VAL B 272 -0.67 0.68 -28.06
C VAL B 272 -1.69 1.16 -27.03
N VAL B 273 -1.29 2.08 -26.17
CA VAL B 273 -2.13 2.51 -25.06
C VAL B 273 -2.68 3.91 -25.26
N TYR B 274 -3.99 4.07 -25.04
CA TYR B 274 -4.64 5.37 -25.12
C TYR B 274 -5.14 5.81 -23.75
N VAL B 275 -4.83 7.03 -23.36
CA VAL B 275 -5.26 7.56 -22.08
C VAL B 275 -6.70 8.06 -22.16
N VAL B 276 -7.63 7.32 -21.59
CA VAL B 276 -9.04 7.67 -21.64
C VAL B 276 -9.32 8.93 -20.81
N GLU B 277 -8.89 8.92 -19.55
CA GLU B 277 -8.99 10.10 -18.70
C GLU B 277 -7.97 10.08 -17.58
N GLY B 278 -7.54 11.27 -17.18
CA GLY B 278 -6.66 11.42 -16.03
C GLY B 278 -5.26 11.85 -16.42
N THR B 279 -4.39 11.92 -15.42
CA THR B 279 -2.99 12.19 -15.65
C THR B 279 -2.13 11.17 -14.92
N GLY B 280 -0.84 11.17 -15.22
CA GLY B 280 0.07 10.22 -14.60
C GLY B 280 1.42 10.19 -15.28
N ARG B 281 2.08 9.04 -15.19
CA ARG B 281 3.43 8.88 -15.66
C ARG B 281 3.72 7.42 -15.96
N PHE B 282 4.65 7.16 -16.88
CA PHE B 282 5.09 5.79 -17.10
C PHE B 282 6.61 5.73 -17.21
N GLU B 283 7.19 4.65 -16.70
CA GLU B 283 8.62 4.40 -16.83
C GLU B 283 8.83 3.08 -17.56
N MET B 284 9.72 3.11 -18.54
CA MET B 284 9.98 1.92 -19.35
C MET B 284 11.48 1.67 -19.48
N ALA B 285 11.89 0.44 -19.24
CA ALA B 285 13.29 0.06 -19.41
C ALA B 285 13.56 -0.33 -20.85
N CYS B 286 14.21 0.57 -21.59
CA CYS B 286 14.44 0.37 -23.01
C CYS B 286 15.91 0.28 -23.36
N PRO B 287 16.32 -0.85 -23.96
CA PRO B 287 17.70 -1.06 -24.41
C PRO B 287 17.94 -0.55 -25.84
N HIS B 288 17.04 0.29 -26.35
CA HIS B 288 17.19 0.83 -27.69
C HIS B 288 17.62 2.29 -27.64
N GLN B 312 23.45 -1.46 -21.27
CA GLN B 312 22.99 -0.85 -22.51
C GLN B 312 21.58 -0.31 -22.38
N PHE B 313 21.02 -0.42 -21.17
CA PHE B 313 19.65 0.01 -20.91
C PHE B 313 19.54 1.51 -20.68
N GLN B 314 18.32 2.02 -20.72
CA GLN B 314 18.06 3.42 -20.42
C GLN B 314 16.59 3.60 -20.04
N LYS B 315 16.30 4.59 -19.21
CA LYS B 315 14.95 4.80 -18.71
C LYS B 315 14.14 5.72 -19.60
N VAL B 316 13.18 5.15 -20.30
CA VAL B 316 12.25 5.93 -21.11
C VAL B 316 11.03 6.29 -20.27
N THR B 317 10.71 7.57 -20.22
CA THR B 317 9.62 8.04 -19.38
C THR B 317 8.92 9.26 -19.96
N ALA B 318 7.66 9.46 -19.58
CA ALA B 318 6.87 10.59 -20.05
C ALA B 318 5.67 10.86 -19.14
N ARG B 319 5.23 12.11 -19.10
CA ARG B 319 4.03 12.47 -18.35
C ARG B 319 2.80 12.22 -19.18
N LEU B 320 1.81 11.54 -18.61
CA LEU B 320 0.61 11.20 -19.34
C LEU B 320 -0.55 12.15 -19.05
N ALA B 321 -1.32 12.45 -20.09
CA ALA B 321 -2.54 13.22 -19.95
C ALA B 321 -3.59 12.64 -20.90
N ARG B 322 -4.82 13.14 -20.83
CA ARG B 322 -5.88 12.65 -21.68
C ARG B 322 -5.54 12.80 -23.16
N GLY B 323 -5.91 11.81 -23.96
CA GLY B 323 -5.66 11.86 -25.39
C GLY B 323 -4.29 11.36 -25.78
N ASP B 324 -3.39 11.24 -24.80
CA ASP B 324 -2.04 10.78 -25.07
C ASP B 324 -2.01 9.30 -25.46
N ILE B 325 -1.02 8.93 -26.26
CA ILE B 325 -0.83 7.56 -26.68
C ILE B 325 0.63 7.17 -26.56
N PHE B 326 0.90 6.02 -25.95
CA PHE B 326 2.27 5.51 -25.88
C PHE B 326 2.32 4.02 -26.20
N VAL B 327 3.47 3.56 -26.70
CA VAL B 327 3.59 2.20 -27.20
C VAL B 327 4.57 1.37 -26.36
N ILE B 328 4.16 0.15 -26.03
CA ILE B 328 4.97 -0.77 -25.26
C ILE B 328 5.38 -2.00 -26.07
N PRO B 329 6.52 -1.93 -26.76
CA PRO B 329 7.02 -3.07 -27.54
C PRO B 329 7.27 -4.28 -26.65
N ALA B 330 7.09 -5.47 -27.22
CA ALA B 330 7.27 -6.71 -26.47
C ALA B 330 8.64 -6.80 -25.80
N GLY B 331 8.67 -7.38 -24.61
CA GLY B 331 9.91 -7.53 -23.88
C GLY B 331 10.21 -6.37 -22.94
N HIS B 332 9.74 -5.19 -23.29
CA HIS B 332 9.94 -4.00 -22.47
C HIS B 332 9.21 -4.11 -21.13
N PRO B 333 9.96 -4.03 -20.02
CA PRO B 333 9.30 -3.92 -18.72
C PRO B 333 8.75 -2.52 -18.50
N ILE B 334 7.49 -2.42 -18.08
CA ILE B 334 6.81 -1.14 -18.00
C ILE B 334 6.13 -0.93 -16.65
N ALA B 335 6.24 0.28 -16.12
CA ALA B 335 5.54 0.65 -14.90
C ALA B 335 4.75 1.95 -15.10
N ILE B 336 3.50 1.96 -14.68
CA ILE B 336 2.65 3.13 -14.85
C ILE B 336 2.06 3.60 -13.52
N THR B 337 2.29 4.87 -13.19
CA THR B 337 1.79 5.45 -11.96
C THR B 337 0.67 6.46 -12.22
N ALA B 338 -0.40 6.37 -11.45
CA ALA B 338 -1.46 7.36 -11.52
C ALA B 338 -1.01 8.66 -10.85
N SER B 339 -1.80 9.71 -11.00
CA SER B 339 -1.46 10.99 -10.39
C SER B 339 -1.94 11.05 -8.95
N GLN B 340 -1.46 12.04 -8.22
CA GLN B 340 -1.82 12.20 -6.81
C GLN B 340 -3.27 12.66 -6.65
N ASN B 341 -3.81 13.26 -7.70
CA ASN B 341 -5.06 14.01 -7.58
C ASN B 341 -6.22 13.40 -8.34
N GLU B 342 -5.92 12.61 -9.36
CA GLU B 342 -6.97 11.97 -10.16
C GLU B 342 -6.53 10.59 -10.64
N ASN B 343 -7.51 9.71 -10.81
CA ASN B 343 -7.27 8.37 -11.32
C ASN B 343 -6.73 8.39 -12.75
N LEU B 344 -6.10 7.29 -13.15
CA LEU B 344 -5.60 7.16 -14.51
C LEU B 344 -6.29 5.99 -15.20
N ARG B 345 -6.95 6.28 -16.31
CA ARG B 345 -7.70 5.26 -17.04
C ARG B 345 -7.13 5.06 -18.44
N LEU B 346 -6.82 3.81 -18.76
CA LEU B 346 -6.10 3.51 -20.00
C LEU B 346 -6.79 2.43 -20.82
N VAL B 347 -6.69 2.54 -22.14
CA VAL B 347 -7.16 1.52 -23.06
C VAL B 347 -5.99 1.06 -23.92
N GLY B 348 -5.85 -0.25 -24.11
CA GLY B 348 -4.72 -0.78 -24.84
C GLY B 348 -5.04 -1.82 -25.91
N PHE B 349 -4.35 -1.72 -27.04
CA PHE B 349 -4.45 -2.70 -28.10
C PHE B 349 -3.17 -3.53 -28.19
N GLY B 350 -3.30 -4.84 -28.03
CA GLY B 350 -2.14 -5.71 -28.07
C GLY B 350 -1.87 -6.33 -29.43
N ILE B 351 -1.10 -5.62 -30.24
CA ILE B 351 -0.69 -6.12 -31.55
C ILE B 351 0.10 -7.41 -31.40
N ASN B 352 -0.19 -8.39 -32.26
CA ASN B 352 0.39 -9.73 -32.16
C ASN B 352 0.07 -10.34 -30.80
N GLY B 353 -1.22 -10.34 -30.45
CA GLY B 353 -1.65 -10.66 -29.11
C GLY B 353 -1.92 -12.11 -28.79
N LYS B 354 -1.87 -12.97 -29.81
CA LYS B 354 -2.16 -14.38 -29.58
C LYS B 354 -1.08 -15.03 -28.73
N ASN B 355 -1.50 -15.80 -27.73
CA ASN B 355 -0.58 -16.51 -26.82
C ASN B 355 0.33 -15.58 -26.06
N ASN B 356 -0.05 -14.31 -25.95
CA ASN B 356 0.71 -13.36 -25.17
C ASN B 356 0.67 -13.72 -23.70
N GLN B 357 1.75 -13.41 -23.00
CA GLN B 357 1.84 -13.69 -21.57
C GLN B 357 2.39 -12.48 -20.84
N ARG B 358 1.60 -11.95 -19.91
CA ARG B 358 2.03 -10.80 -19.13
C ARG B 358 2.77 -11.28 -17.89
N ASN B 359 4.05 -10.92 -17.80
CA ASN B 359 4.88 -11.35 -16.69
C ASN B 359 5.16 -10.20 -15.73
N PHE B 360 4.73 -10.37 -14.48
CA PHE B 360 4.89 -9.32 -13.48
C PHE B 360 6.18 -9.50 -12.67
N LEU B 361 6.82 -8.38 -12.37
CA LEU B 361 8.11 -8.40 -11.68
C LEU B 361 7.95 -8.07 -10.19
N ALA B 362 6.72 -7.84 -9.77
CA ALA B 362 6.42 -7.56 -8.37
C ALA B 362 5.00 -8.02 -8.03
N GLY B 363 4.81 -8.43 -6.77
CA GLY B 363 3.51 -8.92 -6.33
C GLY B 363 3.51 -10.42 -6.16
N GLN B 364 2.36 -10.99 -5.80
CA GLN B 364 2.27 -12.42 -5.57
C GLN B 364 2.32 -13.25 -6.85
N ASN B 365 1.94 -12.65 -7.97
CA ASN B 365 1.97 -13.34 -9.26
C ASN B 365 3.31 -13.15 -9.97
N ASN B 366 4.30 -12.74 -9.19
CA ASN B 366 5.64 -12.41 -9.67
C ASN B 366 6.25 -13.57 -10.47
N ILE B 367 7.10 -13.22 -11.43
CA ILE B 367 7.72 -14.20 -12.34
C ILE B 367 9.00 -14.77 -11.73
N ILE B 368 9.61 -14.00 -10.84
CA ILE B 368 10.85 -14.45 -10.22
C ILE B 368 10.57 -15.55 -9.16
N ASN B 369 9.39 -15.65 -8.56
CA ASN B 369 9.31 -16.74 -7.58
C ASN B 369 8.92 -18.03 -8.30
N GLN B 370 8.98 -18.04 -9.63
CA GLN B 370 8.78 -19.28 -10.35
C GLN B 370 10.14 -19.94 -10.63
N LEU B 371 11.21 -19.17 -10.46
CA LEU B 371 12.55 -19.71 -10.55
C LEU B 371 12.80 -20.67 -9.39
N GLU B 372 13.70 -21.63 -9.59
CA GLU B 372 14.02 -22.58 -8.53
C GLU B 372 14.88 -21.91 -7.46
N ARG B 373 14.91 -22.52 -6.27
CA ARG B 373 15.60 -21.95 -5.12
C ARG B 373 17.08 -21.73 -5.40
N GLU B 374 17.76 -22.74 -5.93
CA GLU B 374 19.19 -22.62 -6.21
C GLU B 374 19.43 -21.67 -7.38
N ALA B 375 18.45 -21.59 -8.28
CA ALA B 375 18.54 -20.70 -9.42
C ALA B 375 18.53 -19.24 -8.97
N LYS B 376 17.59 -18.90 -8.09
CA LYS B 376 17.51 -17.55 -7.54
C LYS B 376 18.79 -17.19 -6.79
N GLU B 377 19.24 -18.10 -5.94
CA GLU B 377 20.45 -17.88 -5.14
C GLU B 377 21.67 -17.65 -6.03
N LEU B 378 21.83 -18.49 -7.04
CA LEU B 378 22.91 -18.34 -8.00
C LEU B 378 22.74 -17.06 -8.82
N SER B 379 21.50 -16.77 -9.19
CA SER B 379 21.21 -15.61 -10.04
C SER B 379 21.35 -14.29 -9.32
N PHE B 380 21.05 -14.28 -8.03
CA PHE B 380 21.05 -13.02 -7.28
C PHE B 380 22.24 -12.92 -6.32
N ASN B 381 23.00 -14.01 -6.20
CA ASN B 381 24.17 -14.07 -5.33
C ASN B 381 23.81 -13.74 -3.88
N MET B 382 22.72 -14.34 -3.41
CA MET B 382 22.21 -14.10 -2.07
C MET B 382 21.58 -15.36 -1.50
N PRO B 383 21.55 -15.49 -0.16
CA PRO B 383 20.86 -16.63 0.45
C PRO B 383 19.34 -16.56 0.24
N ARG B 384 18.66 -17.69 0.36
CA ARG B 384 17.24 -17.78 0.05
C ARG B 384 16.37 -16.84 0.89
N GLU B 385 16.81 -16.60 2.12
CA GLU B 385 16.02 -15.82 3.07
C GLU B 385 16.08 -14.32 2.81
N GLU B 386 17.19 -13.86 2.24
CA GLU B 386 17.32 -12.45 1.89
C GLU B 386 16.68 -12.17 0.53
N ILE B 387 16.41 -13.25 -0.20
CA ILE B 387 15.73 -13.16 -1.49
C ILE B 387 14.22 -13.09 -1.30
N GLU B 388 13.70 -13.97 -0.45
CA GLU B 388 12.30 -13.92 -0.03
C GLU B 388 11.92 -12.50 0.39
N GLU B 389 12.87 -11.88 1.10
CA GLU B 389 12.74 -10.53 1.65
C GLU B 389 12.38 -9.48 0.62
N ILE B 390 12.67 -9.76 -0.65
CA ILE B 390 12.51 -8.76 -1.71
C ILE B 390 11.37 -9.10 -2.67
N PHE B 391 11.21 -10.38 -2.97
CA PHE B 391 10.23 -10.81 -3.98
C PHE B 391 9.03 -11.56 -3.41
N GLU B 392 8.84 -11.49 -2.09
CA GLU B 392 7.68 -12.15 -1.47
C GLU B 392 6.99 -11.33 -0.40
N ARG B 393 7.27 -10.03 -0.32
CA ARG B 393 6.68 -9.22 0.73
C ARG B 393 5.69 -8.20 0.19
N GLN B 394 5.39 -8.29 -1.10
CA GLN B 394 4.26 -7.56 -1.67
C GLN B 394 3.09 -8.53 -1.75
N VAL B 395 1.98 -8.16 -1.09
CA VAL B 395 0.89 -9.11 -0.88
C VAL B 395 -0.17 -9.06 -1.98
N GLU B 396 -0.25 -7.95 -2.70
CA GLU B 396 -1.21 -7.82 -3.79
C GLU B 396 -0.53 -7.98 -5.15
N SER B 397 -1.34 -7.94 -6.22
CA SER B 397 -0.82 -8.09 -7.57
C SER B 397 -1.27 -6.93 -8.45
N TYR B 398 -0.76 -6.89 -9.67
CA TYR B 398 -1.13 -5.86 -10.65
C TYR B 398 -0.93 -4.43 -10.15
N PHE B 399 -1.69 -4.03 -9.13
CA PHE B 399 -1.68 -2.64 -8.67
C PHE B 399 -1.30 -2.50 -7.19
N VAL B 400 -0.41 -1.56 -6.91
CA VAL B 400 0.05 -1.26 -5.55
C VAL B 400 0.13 0.24 -5.31
N PRO B 401 0.01 0.67 -4.04
CA PRO B 401 0.10 2.09 -3.71
C PRO B 401 1.54 2.62 -3.70
N MET B 402 1.70 3.90 -4.03
CA MET B 402 3.02 4.52 -4.09
C MET B 402 3.57 4.84 -2.71
N GLU B 403 3.41 6.10 -2.29
CA GLU B 403 3.90 6.52 -0.98
C GLU B 403 2.76 6.66 0.01
N ARG C 9 35.41 -12.35 -47.27
CA ARG C 9 34.24 -12.83 -47.96
C ARG C 9 33.17 -11.74 -47.84
N HIS C 10 32.55 -11.19 -48.90
CA HIS C 10 32.76 -11.29 -50.37
C HIS C 10 32.15 -12.56 -51.00
N ASN C 11 31.55 -13.43 -50.18
CA ASN C 11 30.58 -14.41 -50.67
C ASN C 11 29.21 -14.05 -50.10
N PRO C 12 28.22 -13.78 -50.98
CA PRO C 12 26.93 -13.29 -50.43
C PRO C 12 26.18 -14.29 -49.56
N TYR C 13 26.51 -15.57 -49.66
CA TYR C 13 25.81 -16.59 -48.89
C TYR C 13 26.68 -17.22 -47.81
N TYR C 14 27.93 -16.79 -47.71
CA TYR C 14 28.88 -17.43 -46.79
C TYR C 14 29.35 -16.48 -45.68
N PHE C 15 29.29 -16.96 -44.45
CA PHE C 15 29.70 -16.16 -43.29
C PHE C 15 30.79 -16.88 -42.49
N HIS C 16 32.02 -16.39 -42.59
CA HIS C 16 33.15 -17.00 -41.88
C HIS C 16 33.05 -16.74 -40.38
N SER C 17 33.47 -17.73 -39.59
CA SER C 17 33.28 -17.72 -38.15
C SER C 17 33.92 -16.54 -37.44
N GLN C 18 35.03 -16.02 -37.97
CA GLN C 18 35.71 -14.92 -37.34
C GLN C 18 35.03 -13.58 -37.65
N GLY C 19 33.95 -13.65 -38.41
CA GLY C 19 33.15 -12.47 -38.72
C GLY C 19 32.04 -12.31 -37.72
N LEU C 20 31.78 -13.36 -36.94
CA LEU C 20 30.80 -13.31 -35.86
C LEU C 20 31.16 -12.23 -34.86
N ARG C 21 30.18 -11.47 -34.41
CA ARG C 21 30.43 -10.49 -33.38
C ARG C 21 30.40 -11.17 -32.03
N SER C 22 31.55 -11.15 -31.35
CA SER C 22 31.63 -11.74 -30.03
C SER C 22 31.08 -10.74 -29.04
N ARG C 23 30.15 -11.20 -28.21
CA ARG C 23 29.68 -10.38 -27.11
C ARG C 23 30.90 -10.04 -26.28
N HIS C 24 31.04 -8.77 -25.92
CA HIS C 24 32.00 -8.36 -24.91
C HIS C 24 31.53 -9.10 -23.66
N GLU C 25 32.22 -8.99 -22.52
CA GLU C 25 31.56 -9.30 -21.24
C GLU C 25 31.33 -10.81 -20.91
N SER C 26 31.39 -11.69 -21.91
CA SER C 26 30.96 -13.10 -21.80
C SER C 26 31.24 -13.84 -20.49
N GLY C 27 32.43 -13.70 -19.93
CA GLY C 27 32.77 -14.35 -18.68
C GLY C 27 33.34 -15.75 -18.83
N GLU C 28 32.76 -16.70 -18.11
CA GLU C 28 33.20 -18.09 -18.16
C GLU C 28 32.58 -18.83 -19.34
N GLY C 29 32.76 -18.26 -20.54
CA GLY C 29 32.21 -18.80 -21.75
C GLY C 29 32.21 -17.74 -22.83
N GLU C 30 31.40 -17.90 -23.87
CA GLU C 30 31.28 -16.87 -24.89
C GLU C 30 29.94 -16.92 -25.61
N VAL C 31 29.41 -15.75 -25.93
CA VAL C 31 28.20 -15.62 -26.73
C VAL C 31 28.51 -14.84 -28.00
N LYS C 32 28.32 -15.49 -29.16
CA LYS C 32 28.59 -14.82 -30.43
C LYS C 32 27.31 -14.50 -31.19
N TYR C 33 27.29 -13.35 -31.85
CA TYR C 33 26.14 -12.93 -32.63
C TYR C 33 26.49 -12.84 -34.11
N LEU C 34 25.74 -13.56 -34.93
CA LEU C 34 25.86 -13.41 -36.37
C LEU C 34 25.19 -12.11 -36.79
N GLU C 35 25.82 -11.39 -37.70
CA GLU C 35 25.29 -10.12 -38.19
C GLU C 35 23.94 -10.30 -38.87
N ARG C 36 23.33 -9.19 -39.26
CA ARG C 36 22.12 -9.27 -40.07
C ARG C 36 22.46 -9.78 -41.46
N PHE C 37 21.56 -10.57 -42.03
CA PHE C 37 21.78 -11.13 -43.36
C PHE C 37 21.76 -10.03 -44.42
N THR C 38 21.19 -8.89 -44.06
CA THR C 38 21.06 -7.77 -44.99
C THR C 38 22.12 -6.69 -44.74
N GLU C 39 23.15 -7.03 -43.97
CA GLU C 39 24.16 -6.05 -43.57
C GLU C 39 25.09 -5.68 -44.72
N ARG C 40 25.63 -6.68 -45.39
CA ARG C 40 26.60 -6.44 -46.46
C ARG C 40 25.99 -6.62 -47.85
N THR C 41 24.82 -7.26 -47.90
CA THR C 41 24.18 -7.55 -49.18
C THR C 41 22.66 -7.51 -49.08
N GLU C 42 22.00 -7.33 -50.23
CA GLU C 42 20.55 -7.28 -50.27
C GLU C 42 19.97 -8.59 -50.79
N LEU C 43 20.85 -9.55 -51.08
CA LEU C 43 20.44 -10.82 -51.65
C LEU C 43 19.75 -11.74 -50.64
N LEU C 44 19.75 -11.35 -49.38
CA LEU C 44 19.13 -12.16 -48.33
C LEU C 44 17.98 -11.43 -47.64
N ARG C 45 17.37 -10.49 -48.34
CA ARG C 45 16.27 -9.69 -47.79
C ARG C 45 15.10 -10.55 -47.35
N GLY C 46 14.94 -11.71 -47.98
CA GLY C 46 13.84 -12.61 -47.67
C GLY C 46 13.84 -13.14 -46.25
N ILE C 47 15.01 -13.12 -45.60
CA ILE C 47 15.13 -13.64 -44.25
C ILE C 47 15.70 -12.61 -43.29
N GLU C 48 15.38 -11.34 -43.53
CA GLU C 48 15.91 -10.24 -42.74
C GLU C 48 15.54 -10.36 -41.26
N ASN C 49 14.41 -11.00 -40.98
CA ASN C 49 13.95 -11.16 -39.61
C ASN C 49 14.44 -12.45 -38.96
N TYR C 50 15.68 -12.82 -39.25
CA TYR C 50 16.27 -14.00 -38.63
C TYR C 50 17.71 -13.74 -38.21
N ARG C 51 18.03 -14.14 -36.98
CA ARG C 51 19.36 -13.95 -36.42
C ARG C 51 19.88 -15.26 -35.85
N VAL C 52 21.21 -15.42 -35.88
CA VAL C 52 21.84 -16.61 -35.33
C VAL C 52 22.69 -16.25 -34.13
N VAL C 53 22.51 -16.98 -33.03
CA VAL C 53 23.32 -16.79 -31.83
C VAL C 53 23.94 -18.11 -31.40
N ILE C 54 25.24 -18.08 -31.12
CA ILE C 54 25.95 -19.24 -30.63
C ILE C 54 26.38 -19.05 -29.18
N LEU C 55 25.91 -19.94 -28.31
CA LEU C 55 26.29 -19.90 -26.91
C LEU C 55 27.25 -21.02 -26.56
N GLU C 56 28.38 -20.68 -25.96
CA GLU C 56 29.28 -21.71 -25.45
C GLU C 56 29.60 -21.45 -23.97
N ALA C 57 29.36 -22.47 -23.16
CA ALA C 57 29.58 -22.36 -21.72
C ALA C 57 30.57 -23.40 -21.22
N ASN C 58 31.52 -22.95 -20.41
CA ASN C 58 32.51 -23.83 -19.78
C ASN C 58 31.90 -24.89 -18.89
N PRO C 59 32.69 -25.93 -18.56
CA PRO C 59 32.21 -26.93 -17.60
C PRO C 59 31.88 -26.32 -16.24
N ASN C 60 30.87 -26.87 -15.59
CA ASN C 60 30.40 -26.38 -14.29
C ASN C 60 30.07 -24.89 -14.32
N THR C 61 29.14 -24.50 -15.18
CA THR C 61 28.76 -23.09 -15.29
C THR C 61 27.25 -22.88 -15.20
N PHE C 62 26.87 -21.63 -14.97
CA PHE C 62 25.47 -21.25 -14.87
C PHE C 62 25.23 -20.00 -15.71
N VAL C 63 24.36 -20.12 -16.70
CA VAL C 63 23.99 -18.98 -17.55
C VAL C 63 22.85 -18.21 -16.89
N LEU C 64 23.09 -16.95 -16.58
CA LEU C 64 22.11 -16.11 -15.88
C LEU C 64 20.80 -16.01 -16.64
N PRO C 65 19.67 -15.95 -15.90
CA PRO C 65 18.33 -15.91 -16.48
C PRO C 65 18.05 -14.63 -17.28
N TYR C 66 17.34 -14.78 -18.39
CA TYR C 66 16.95 -13.63 -19.20
C TYR C 66 15.85 -13.99 -20.19
N HIS C 67 15.27 -12.97 -20.83
CA HIS C 67 14.31 -13.16 -21.90
C HIS C 67 14.66 -12.23 -23.05
N LYS C 68 14.14 -12.51 -24.25
CA LYS C 68 14.45 -11.67 -25.40
C LYS C 68 13.23 -11.44 -26.30
N ASP C 69 13.35 -10.44 -27.17
CA ASP C 69 12.27 -10.09 -28.09
C ASP C 69 12.20 -11.07 -29.26
N ALA C 70 12.31 -12.36 -29.00
CA ALA C 70 12.41 -13.31 -30.10
C ALA C 70 12.05 -14.73 -29.72
N GLU C 71 11.40 -15.41 -30.66
CA GLU C 71 11.23 -16.86 -30.58
C GLU C 71 12.57 -17.51 -30.85
N SER C 72 12.77 -18.72 -30.32
CA SER C 72 14.06 -19.39 -30.47
C SER C 72 13.92 -20.87 -30.74
N VAL C 73 14.75 -21.36 -31.67
CA VAL C 73 14.93 -22.80 -31.85
C VAL C 73 16.38 -23.14 -31.52
N ILE C 74 16.55 -24.04 -30.56
CA ILE C 74 17.87 -24.35 -30.03
C ILE C 74 18.36 -25.73 -30.44
N VAL C 75 19.61 -25.80 -30.88
CA VAL C 75 20.26 -27.07 -31.17
C VAL C 75 21.53 -27.22 -30.34
N VAL C 76 21.62 -28.32 -29.59
CA VAL C 76 22.84 -28.62 -28.85
C VAL C 76 23.83 -29.33 -29.77
N THR C 77 24.93 -28.66 -30.07
CA THR C 77 25.88 -29.16 -31.05
C THR C 77 27.13 -29.72 -30.38
N ARG C 78 27.24 -29.51 -29.08
CA ARG C 78 28.40 -29.97 -28.32
C ARG C 78 28.13 -30.01 -26.83
N GLY C 79 28.47 -31.13 -26.21
CA GLY C 79 28.27 -31.30 -24.78
C GLY C 79 26.82 -31.53 -24.40
N ARG C 80 26.49 -31.23 -23.16
CA ARG C 80 25.11 -31.35 -22.65
C ARG C 80 24.78 -30.18 -21.71
N ALA C 81 23.49 -30.00 -21.44
CA ALA C 81 23.03 -28.94 -20.55
C ALA C 81 21.63 -29.21 -20.03
N THR C 82 21.29 -28.53 -18.94
CA THR C 82 19.92 -28.49 -18.46
C THR C 82 19.33 -27.12 -18.76
N LEU C 83 18.30 -27.10 -19.58
CA LEU C 83 17.65 -25.84 -19.95
C LEU C 83 16.32 -25.68 -19.22
N THR C 84 16.14 -24.53 -18.60
CA THR C 84 14.90 -24.23 -17.89
C THR C 84 14.40 -22.85 -18.27
N PHE C 85 13.12 -22.73 -18.59
CA PHE C 85 12.52 -21.43 -18.85
C PHE C 85 11.15 -21.30 -18.19
N VAL C 86 10.86 -20.10 -17.70
CA VAL C 86 9.58 -19.83 -17.06
C VAL C 86 8.78 -18.83 -17.89
N SER C 87 7.45 -18.98 -17.84
CA SER C 87 6.55 -18.10 -18.59
C SER C 87 5.20 -18.04 -17.89
N GLN C 88 4.80 -16.83 -17.48
CA GLN C 88 3.57 -16.62 -16.74
C GLN C 88 3.57 -17.42 -15.44
N GLU C 89 2.89 -18.57 -15.45
CA GLU C 89 2.77 -19.38 -14.24
C GLU C 89 3.35 -20.77 -14.43
N ARG C 90 3.89 -21.05 -15.62
CA ARG C 90 4.43 -22.36 -15.93
C ARG C 90 5.96 -22.35 -15.96
N ARG C 91 6.55 -23.43 -15.45
CA ARG C 91 7.98 -23.64 -15.58
C ARG C 91 8.25 -24.98 -16.25
N GLU C 92 9.13 -24.98 -17.24
CA GLU C 92 9.51 -26.20 -17.92
C GLU C 92 11.02 -26.39 -17.89
N SER C 93 11.46 -27.59 -17.56
CA SER C 93 12.88 -27.89 -17.46
C SER C 93 13.21 -29.19 -18.18
N PHE C 94 14.26 -29.17 -18.98
CA PHE C 94 14.65 -30.34 -19.76
C PHE C 94 16.14 -30.61 -19.72
N ASN C 95 16.50 -31.89 -19.66
CA ASN C 95 17.88 -32.30 -19.81
C ASN C 95 18.20 -32.48 -21.29
N LEU C 96 19.09 -31.65 -21.82
CA LEU C 96 19.35 -31.64 -23.25
C LEU C 96 20.55 -32.48 -23.63
N GLU C 97 20.43 -33.18 -24.76
CA GLU C 97 21.47 -34.08 -25.24
C GLU C 97 22.19 -33.52 -26.45
N TYR C 98 23.23 -34.23 -26.89
CA TYR C 98 23.84 -33.89 -28.16
C TYR C 98 22.81 -34.08 -29.25
N GLY C 99 22.64 -33.07 -30.08
CA GLY C 99 21.72 -33.16 -31.19
C GLY C 99 20.27 -32.93 -30.80
N ASP C 100 20.05 -32.53 -29.55
CA ASP C 100 18.69 -32.24 -29.10
C ASP C 100 18.20 -30.89 -29.59
N VAL C 101 16.91 -30.82 -29.92
CA VAL C 101 16.29 -29.60 -30.40
C VAL C 101 15.12 -29.22 -29.50
N ILE C 102 15.12 -27.96 -29.05
CA ILE C 102 14.08 -27.47 -28.16
C ILE C 102 13.67 -26.05 -28.52
N ARG C 103 12.42 -25.69 -28.21
CA ARG C 103 11.93 -24.35 -28.46
C ARG C 103 11.84 -23.55 -27.18
N VAL C 104 12.29 -22.30 -27.22
CA VAL C 104 12.11 -21.38 -26.11
C VAL C 104 11.26 -20.19 -26.54
N PRO C 105 10.02 -20.11 -26.05
CA PRO C 105 9.05 -19.07 -26.40
C PRO C 105 9.60 -17.67 -26.15
N ALA C 106 9.16 -16.70 -26.97
CA ALA C 106 9.57 -15.32 -26.79
C ALA C 106 9.08 -14.79 -25.45
N GLY C 107 9.91 -14.01 -24.78
CA GLY C 107 9.54 -13.41 -23.52
C GLY C 107 9.71 -14.33 -22.33
N ALA C 108 9.92 -15.62 -22.58
CA ALA C 108 10.15 -16.58 -21.52
C ALA C 108 11.52 -16.37 -20.90
N THR C 109 11.57 -16.37 -19.57
CA THR C 109 12.84 -16.18 -18.86
C THR C 109 13.61 -17.50 -18.81
N GLU C 110 14.79 -17.50 -19.41
CA GLU C 110 15.55 -18.73 -19.64
C GLU C 110 16.93 -18.70 -18.97
N TYR C 111 17.32 -19.81 -18.34
CA TYR C 111 18.68 -19.97 -17.85
C TYR C 111 19.21 -21.37 -18.13
N VAL C 112 20.53 -21.49 -18.24
CA VAL C 112 21.17 -22.74 -18.67
C VAL C 112 22.19 -23.25 -17.65
N ILE C 113 22.25 -24.57 -17.52
CA ILE C 113 23.18 -25.23 -16.61
C ILE C 113 24.11 -26.18 -17.34
N ASN C 114 25.41 -26.05 -17.10
CA ASN C 114 26.36 -27.03 -17.61
C ASN C 114 26.86 -27.89 -16.46
N GLN C 115 26.21 -29.04 -16.28
CA GLN C 115 26.40 -29.90 -15.13
C GLN C 115 27.64 -30.80 -15.30
N ASP C 116 28.25 -30.74 -16.47
CA ASP C 116 29.40 -31.58 -16.78
C ASP C 116 30.70 -30.87 -16.39
N SER C 117 31.66 -31.64 -15.90
CA SER C 117 32.92 -31.09 -15.40
C SER C 117 34.00 -31.05 -16.48
N ASN C 118 33.77 -31.72 -17.60
CA ASN C 118 34.81 -31.84 -18.61
C ASN C 118 34.45 -31.27 -19.99
N GLU C 119 33.32 -31.66 -20.55
CA GLU C 119 33.01 -31.19 -21.90
C GLU C 119 32.28 -29.85 -21.90
N ARG C 120 32.89 -28.92 -22.62
CA ARG C 120 32.37 -27.58 -22.85
C ARG C 120 31.06 -27.62 -23.61
N LEU C 121 30.11 -26.76 -23.24
CA LEU C 121 28.78 -26.76 -23.87
C LEU C 121 28.71 -25.81 -25.06
N GLU C 122 28.02 -26.23 -26.12
CA GLU C 122 27.74 -25.33 -27.24
C GLU C 122 26.29 -25.43 -27.70
N MET C 123 25.67 -24.26 -27.89
CA MET C 123 24.29 -24.18 -28.36
C MET C 123 24.17 -23.25 -29.55
N VAL C 124 23.51 -23.74 -30.60
CA VAL C 124 23.23 -22.91 -31.77
C VAL C 124 21.75 -22.57 -31.83
N LYS C 125 21.44 -21.28 -31.88
CA LYS C 125 20.05 -20.82 -31.83
C LYS C 125 19.66 -19.97 -33.02
N LEU C 126 18.49 -20.26 -33.59
CA LEU C 126 17.89 -19.39 -34.60
C LEU C 126 16.82 -18.54 -33.95
N LEU C 127 16.92 -17.23 -34.10
CA LEU C 127 16.02 -16.31 -33.43
C LEU C 127 15.06 -15.62 -34.40
N GLN C 128 13.81 -15.47 -33.99
CA GLN C 128 12.82 -14.75 -34.77
C GLN C 128 12.22 -13.60 -33.96
N PRO C 129 12.75 -12.39 -34.13
CA PRO C 129 12.30 -11.18 -33.44
C PRO C 129 10.80 -10.91 -33.58
N VAL C 130 10.18 -10.44 -32.50
CA VAL C 130 8.74 -10.15 -32.52
C VAL C 130 8.46 -8.66 -32.68
N ASN C 131 9.46 -7.83 -32.40
CA ASN C 131 9.32 -6.39 -32.58
C ASN C 131 9.79 -5.97 -33.97
N ASN C 132 10.77 -5.09 -34.03
CA ASN C 132 11.32 -4.64 -35.31
C ASN C 132 12.03 -5.80 -36.01
N PRO C 133 11.90 -5.87 -37.34
CA PRO C 133 12.48 -6.95 -38.14
C PRO C 133 14.00 -7.06 -38.00
N GLY C 134 14.46 -8.26 -37.62
CA GLY C 134 15.89 -8.53 -37.52
C GLY C 134 16.57 -7.89 -36.32
N GLN C 135 15.76 -7.41 -35.37
CA GLN C 135 16.30 -6.75 -34.20
C GLN C 135 15.77 -7.40 -32.92
N PHE C 136 16.68 -7.76 -32.03
CA PHE C 136 16.29 -8.32 -30.74
C PHE C 136 17.18 -7.79 -29.62
N ARG C 137 16.73 -7.94 -28.39
CA ARG C 137 17.48 -7.50 -27.22
C ARG C 137 17.34 -8.52 -26.10
N GLU C 138 18.34 -8.58 -25.23
CA GLU C 138 18.31 -9.51 -24.11
C GLU C 138 18.08 -8.75 -22.81
N TYR C 139 17.10 -9.20 -22.04
CA TYR C 139 16.70 -8.53 -20.80
C TYR C 139 17.09 -9.35 -19.57
N TYR C 140 18.01 -8.82 -18.77
CA TYR C 140 18.51 -9.55 -17.60
C TYR C 140 17.87 -9.04 -16.30
N ALA C 141 17.21 -9.95 -15.59
CA ALA C 141 16.63 -9.62 -14.30
C ALA C 141 17.72 -9.30 -13.28
N ALA C 142 18.74 -10.14 -13.26
CA ALA C 142 19.91 -9.92 -12.41
C ALA C 142 21.15 -9.81 -13.30
N GLY C 143 21.94 -8.77 -13.09
CA GLY C 143 23.06 -8.49 -13.98
C GLY C 143 24.44 -8.70 -13.38
N ALA C 144 25.43 -8.03 -13.97
CA ALA C 144 26.81 -8.12 -13.53
C ALA C 144 27.46 -6.75 -13.62
N GLN C 145 28.79 -6.70 -13.44
CA GLN C 145 29.54 -5.44 -13.55
C GLN C 145 29.41 -4.84 -14.94
N SER C 146 28.81 -5.60 -15.84
CA SER C 146 28.95 -5.38 -17.26
C SER C 146 27.64 -5.68 -17.98
N THR C 147 26.63 -6.09 -17.20
CA THR C 147 25.28 -6.24 -17.70
C THR C 147 24.31 -5.61 -16.70
N GLU C 148 23.58 -4.60 -17.14
CA GLU C 148 22.65 -3.91 -16.26
C GLU C 148 21.35 -4.69 -16.10
N SER C 149 20.90 -4.83 -14.86
CA SER C 149 19.59 -5.39 -14.58
C SER C 149 18.53 -4.39 -15.02
N TYR C 150 17.45 -4.86 -15.65
CA TYR C 150 16.42 -3.93 -16.10
C TYR C 150 15.61 -3.42 -14.92
N LEU C 151 15.72 -4.08 -13.78
CA LEU C 151 15.07 -3.63 -12.56
C LEU C 151 15.73 -2.37 -12.02
N ARG C 152 17.03 -2.23 -12.29
CA ARG C 152 17.81 -1.10 -11.78
C ARG C 152 17.55 0.16 -12.62
N VAL C 153 16.77 0.01 -13.68
CA VAL C 153 16.46 1.13 -14.56
C VAL C 153 15.37 2.01 -13.94
N PHE C 154 14.44 1.38 -13.22
CA PHE C 154 13.34 2.10 -12.58
C PHE C 154 13.80 3.04 -11.48
N SER C 155 12.99 4.04 -11.17
CA SER C 155 13.25 4.93 -10.06
C SER C 155 13.10 4.16 -8.75
N ASN C 156 13.80 4.62 -7.71
CA ASN C 156 13.73 3.98 -6.41
C ASN C 156 12.31 3.95 -5.85
N ASP C 157 11.56 5.03 -6.10
CA ASP C 157 10.19 5.14 -5.64
C ASP C 157 9.32 3.98 -6.14
N ILE C 158 9.50 3.62 -7.41
CA ILE C 158 8.72 2.55 -8.02
C ILE C 158 9.05 1.21 -7.39
N LEU C 159 10.34 0.92 -7.22
CA LEU C 159 10.78 -0.38 -6.72
C LEU C 159 10.43 -0.64 -5.26
N VAL C 160 10.60 0.35 -4.40
CA VAL C 160 10.31 0.16 -2.98
C VAL C 160 8.82 -0.03 -2.77
N ALA C 161 8.01 0.62 -3.60
CA ALA C 161 6.55 0.54 -3.50
C ALA C 161 6.04 -0.77 -4.08
N ALA C 162 6.59 -1.16 -5.23
CA ALA C 162 6.19 -2.37 -5.91
C ALA C 162 6.52 -3.61 -5.10
N LEU C 163 7.76 -3.69 -4.63
CA LEU C 163 8.26 -4.88 -3.94
C LEU C 163 7.93 -4.87 -2.45
N ASN C 164 7.55 -3.71 -1.94
CA ASN C 164 7.31 -3.52 -0.52
C ASN C 164 8.55 -3.93 0.28
N THR C 165 9.66 -3.26 0.00
CA THR C 165 10.93 -3.55 0.66
C THR C 165 11.70 -2.24 0.83
N PRO C 166 12.40 -2.10 1.96
CA PRO C 166 13.10 -0.84 2.27
C PRO C 166 14.19 -0.49 1.26
N ARG C 167 14.39 0.81 1.04
CA ARG C 167 15.31 1.32 0.04
C ARG C 167 16.75 0.83 0.22
N ASP C 168 17.18 0.74 1.48
CA ASP C 168 18.55 0.35 1.79
C ASP C 168 18.89 -1.06 1.27
N ARG C 169 17.93 -1.97 1.38
CA ARG C 169 18.16 -3.36 1.02
C ARG C 169 18.19 -3.57 -0.49
N LEU C 170 17.43 -2.74 -1.22
CA LEU C 170 17.41 -2.83 -2.67
C LEU C 170 18.79 -2.56 -3.27
N GLU C 171 19.49 -1.57 -2.71
CA GLU C 171 20.80 -1.24 -3.22
C GLU C 171 21.83 -2.27 -2.75
N ARG C 172 21.51 -2.99 -1.68
CA ARG C 172 22.33 -4.14 -1.29
C ARG C 172 22.13 -5.25 -2.32
N PHE C 173 20.87 -5.42 -2.73
CA PHE C 173 20.47 -6.42 -3.71
C PHE C 173 21.16 -6.22 -5.06
N PHE C 174 21.35 -4.96 -5.43
CA PHE C 174 21.98 -4.62 -6.70
C PHE C 174 23.50 -4.70 -6.63
N ASP C 175 24.06 -4.34 -5.48
CA ASP C 175 25.50 -4.46 -5.25
C ASP C 175 25.96 -5.91 -5.25
N GLN C 176 25.11 -6.83 -4.80
CA GLN C 176 25.42 -8.26 -4.83
C GLN C 176 25.65 -8.74 -6.25
N GLN C 177 25.15 -7.98 -7.21
CA GLN C 177 25.18 -8.40 -8.60
C GLN C 177 26.37 -7.81 -9.34
N GLU C 178 26.85 -6.65 -8.87
CA GLU C 178 28.00 -6.02 -9.48
C GLU C 178 29.30 -6.58 -8.91
N GLN C 179 29.21 -7.81 -8.39
CA GLN C 179 30.37 -8.52 -7.84
C GLN C 179 30.94 -9.45 -8.89
N ARG C 180 30.04 -10.14 -9.58
CA ARG C 180 30.38 -11.06 -10.65
C ARG C 180 30.61 -10.34 -11.96
N GLU C 181 31.56 -10.82 -12.74
CA GLU C 181 31.79 -10.32 -14.09
C GLU C 181 31.37 -11.34 -15.12
N GLY C 182 30.34 -11.01 -15.90
CA GLY C 182 29.86 -11.90 -16.94
C GLY C 182 28.46 -12.44 -16.68
N VAL C 183 27.73 -12.72 -17.76
CA VAL C 183 26.41 -13.33 -17.66
C VAL C 183 26.54 -14.84 -17.60
N ILE C 184 27.76 -15.34 -17.72
CA ILE C 184 28.05 -16.76 -17.52
C ILE C 184 29.03 -16.90 -16.37
N ILE C 185 28.63 -17.63 -15.33
CA ILE C 185 29.41 -17.69 -14.11
C ILE C 185 29.81 -19.11 -13.72
N ARG C 186 30.89 -19.23 -12.96
CA ARG C 186 31.33 -20.51 -12.42
C ARG C 186 30.45 -20.89 -11.23
N ALA C 187 30.15 -22.17 -11.10
CA ALA C 187 29.27 -22.62 -10.03
C ALA C 187 29.73 -23.94 -9.43
N SER C 188 29.25 -24.21 -8.21
CA SER C 188 29.52 -25.49 -7.56
C SER C 188 28.89 -26.63 -8.34
N GLN C 189 29.47 -27.82 -8.25
CA GLN C 189 28.89 -29.00 -8.87
C GLN C 189 27.75 -29.54 -8.01
N GLU C 190 27.59 -28.96 -6.82
CA GLU C 190 26.60 -29.42 -5.86
C GLU C 190 25.25 -28.74 -6.06
N LYS C 191 25.28 -27.44 -6.36
CA LYS C 191 24.04 -26.73 -6.65
C LYS C 191 23.51 -27.13 -8.02
N LEU C 192 24.41 -27.34 -8.97
CA LEU C 192 24.02 -27.61 -10.35
C LEU C 192 23.34 -28.97 -10.48
N ARG C 193 23.69 -29.89 -9.59
CA ARG C 193 23.08 -31.21 -9.59
C ARG C 193 21.64 -31.15 -9.09
N ALA C 194 21.41 -30.29 -8.10
CA ALA C 194 20.08 -30.11 -7.54
C ALA C 194 19.10 -29.57 -8.57
N LEU C 195 19.61 -28.71 -9.45
CA LEU C 195 18.78 -28.04 -10.45
C LEU C 195 18.49 -28.92 -11.67
N SER C 196 18.21 -30.20 -11.44
CA SER C 196 17.87 -31.11 -12.51
C SER C 196 16.76 -32.07 -12.11
N GLY C 213 6.53 -31.28 -27.22
CA GLY C 213 6.52 -31.28 -25.77
C GLY C 213 7.90 -31.15 -25.16
N GLY C 214 8.75 -32.14 -25.42
CA GLY C 214 10.10 -32.14 -24.89
C GLY C 214 11.15 -31.99 -26.00
N PRO C 215 12.42 -32.23 -25.65
CA PRO C 215 13.54 -32.11 -26.59
C PRO C 215 13.39 -33.04 -27.79
N ILE C 216 13.84 -32.57 -28.96
CA ILE C 216 13.75 -33.35 -30.18
C ILE C 216 15.10 -33.94 -30.55
N SER C 217 15.19 -35.27 -30.55
CA SER C 217 16.45 -35.93 -30.91
C SER C 217 16.55 -36.08 -32.42
N LEU C 218 17.51 -35.37 -33.01
CA LEU C 218 17.69 -35.37 -34.45
C LEU C 218 17.94 -36.76 -35.01
N LYS C 219 18.88 -37.48 -34.41
CA LYS C 219 19.23 -38.81 -34.90
C LYS C 219 18.23 -39.87 -34.46
N SER C 220 17.01 -39.43 -34.16
CA SER C 220 15.92 -40.34 -33.83
C SER C 220 14.71 -40.06 -34.73
N GLN C 221 14.93 -39.26 -35.77
CA GLN C 221 13.85 -38.83 -36.64
C GLN C 221 13.51 -39.87 -37.71
N ARG C 222 12.23 -39.94 -38.05
CA ARG C 222 11.75 -40.88 -39.07
C ARG C 222 12.24 -40.47 -40.45
N SER C 223 12.35 -39.17 -40.67
CA SER C 223 12.82 -38.67 -41.96
C SER C 223 14.35 -38.69 -42.00
N SER C 224 14.90 -39.81 -42.47
CA SER C 224 16.35 -40.00 -42.47
C SER C 224 16.81 -40.89 -43.63
N TYR C 225 18.05 -40.66 -44.06
CA TYR C 225 18.70 -41.55 -45.01
C TYR C 225 20.18 -41.65 -44.68
N SER C 226 20.70 -42.87 -44.64
CA SER C 226 22.10 -43.07 -44.31
C SER C 226 22.71 -44.16 -45.18
N ASN C 227 23.94 -43.95 -45.62
CA ASN C 227 24.71 -45.00 -46.29
C ASN C 227 26.17 -44.97 -45.85
N GLN C 228 27.03 -45.61 -46.62
CA GLN C 228 28.44 -45.76 -46.24
C GLN C 228 29.21 -44.45 -46.30
N PHE C 229 28.56 -43.39 -46.80
CA PHE C 229 29.26 -42.16 -47.11
C PHE C 229 28.67 -40.96 -46.39
N GLY C 230 27.58 -41.19 -45.65
CA GLY C 230 26.98 -40.13 -44.88
C GLY C 230 25.66 -40.49 -44.23
N GLN C 231 25.20 -39.63 -43.32
CA GLN C 231 23.91 -39.81 -42.68
C GLN C 231 23.14 -38.48 -42.65
N PHE C 232 21.82 -38.57 -42.75
CA PHE C 232 20.98 -37.38 -42.77
C PHE C 232 19.73 -37.60 -41.91
N PHE C 233 19.45 -36.63 -41.05
CA PHE C 233 18.25 -36.67 -40.22
C PHE C 233 17.55 -35.31 -40.27
N GLU C 234 16.22 -35.32 -40.23
CA GLU C 234 15.47 -34.07 -40.32
C GLU C 234 14.18 -34.09 -39.51
N ALA C 235 13.95 -33.01 -38.78
CA ALA C 235 12.71 -32.83 -38.02
C ALA C 235 11.83 -31.77 -38.68
N CYS C 236 10.71 -32.19 -39.22
CA CYS C 236 9.81 -31.27 -39.91
C CYS C 236 8.69 -30.79 -38.99
N PRO C 237 8.29 -29.51 -39.13
CA PRO C 237 7.27 -28.87 -38.29
C PRO C 237 5.92 -29.59 -38.27
N GLU C 238 5.59 -30.32 -39.34
CA GLU C 238 4.31 -31.03 -39.39
C GLU C 238 4.17 -32.06 -38.28
N GLU C 239 5.28 -32.61 -37.83
CA GLU C 239 5.26 -33.64 -36.80
C GLU C 239 5.61 -33.11 -35.42
N HIS C 240 6.16 -31.89 -35.36
CA HIS C 240 6.54 -31.30 -34.09
C HIS C 240 5.91 -29.92 -33.89
N ARG C 241 5.03 -29.82 -32.90
CA ARG C 241 4.28 -28.59 -32.64
C ARG C 241 5.18 -27.42 -32.31
N GLN C 242 6.27 -27.67 -31.59
CA GLN C 242 7.14 -26.59 -31.14
C GLN C 242 7.93 -25.95 -32.29
N LEU C 243 7.92 -26.60 -33.44
CA LEU C 243 8.61 -26.06 -34.61
C LEU C 243 7.66 -25.29 -35.51
N GLN C 244 6.37 -25.30 -35.17
CA GLN C 244 5.36 -24.65 -35.99
C GLN C 244 5.25 -23.15 -35.73
N GLU C 245 5.74 -22.70 -34.58
CA GLU C 245 5.68 -21.29 -34.25
C GLU C 245 6.58 -20.46 -35.15
N MET C 246 7.81 -20.94 -35.36
CA MET C 246 8.76 -20.25 -36.22
C MET C 246 8.64 -20.77 -37.65
N ASP C 247 7.83 -21.81 -37.82
CA ASP C 247 7.64 -22.47 -39.11
C ASP C 247 9.00 -22.85 -39.70
N VAL C 248 9.65 -23.82 -39.05
CA VAL C 248 11.04 -24.12 -39.34
C VAL C 248 11.29 -25.63 -39.25
N LEU C 249 12.12 -26.14 -40.16
CA LEU C 249 12.60 -27.50 -40.04
C LEU C 249 14.05 -27.47 -39.58
N VAL C 250 14.44 -28.48 -38.80
CA VAL C 250 15.81 -28.59 -38.32
C VAL C 250 16.40 -29.92 -38.75
N ASN C 251 17.54 -29.88 -39.44
CA ASN C 251 18.15 -31.11 -39.92
C ASN C 251 19.62 -31.25 -39.56
N TYR C 252 20.13 -32.47 -39.71
CA TYR C 252 21.49 -32.80 -39.35
C TYR C 252 22.12 -33.67 -40.44
N ALA C 253 23.35 -33.34 -40.82
CA ALA C 253 24.04 -34.10 -41.85
C ALA C 253 25.51 -34.32 -41.51
N GLU C 254 25.93 -35.58 -41.55
CA GLU C 254 27.34 -35.91 -41.45
C GLU C 254 27.82 -36.48 -42.78
N ILE C 255 28.76 -35.79 -43.40
CA ILE C 255 29.36 -36.27 -44.63
C ILE C 255 30.72 -36.87 -44.33
N LYS C 256 30.83 -38.19 -44.47
CA LYS C 256 32.07 -38.90 -44.19
C LYS C 256 33.21 -38.37 -45.08
N ARG C 257 34.43 -38.45 -44.55
CA ARG C 257 35.61 -37.94 -45.25
C ARG C 257 35.75 -38.52 -46.66
N GLY C 258 36.14 -37.67 -47.60
CA GLY C 258 36.31 -38.10 -48.98
C GLY C 258 35.02 -38.28 -49.74
N ALA C 259 33.89 -38.03 -49.09
CA ALA C 259 32.59 -38.20 -49.74
C ALA C 259 31.93 -36.85 -50.01
N MET C 260 30.68 -36.90 -50.47
CA MET C 260 29.94 -35.68 -50.79
C MET C 260 28.45 -35.91 -50.66
N MET C 261 27.70 -34.83 -50.46
CA MET C 261 26.25 -34.89 -50.60
C MET C 261 25.89 -34.44 -52.01
N VAL C 262 25.22 -35.31 -52.74
CA VAL C 262 24.92 -35.08 -54.15
C VAL C 262 24.12 -33.80 -54.37
N PRO C 263 24.28 -33.17 -55.55
CA PRO C 263 23.55 -31.96 -55.92
C PRO C 263 22.04 -32.10 -55.72
N HIS C 264 21.45 -31.13 -55.04
CA HIS C 264 20.03 -31.14 -54.72
C HIS C 264 19.57 -29.71 -54.46
N TYR C 265 18.25 -29.52 -54.34
CA TYR C 265 17.73 -28.21 -53.99
C TYR C 265 16.46 -28.32 -53.15
N ASN C 266 16.20 -27.30 -52.36
CA ASN C 266 14.99 -27.23 -51.56
C ASN C 266 13.91 -26.45 -52.31
N SER C 267 12.70 -26.99 -52.33
CA SER C 267 11.61 -26.39 -53.07
C SER C 267 11.16 -25.06 -52.47
N LYS C 268 11.18 -24.98 -51.14
CA LYS C 268 10.52 -23.88 -50.45
C LYS C 268 11.36 -23.31 -49.30
N ALA C 269 12.09 -24.17 -48.61
CA ALA C 269 12.84 -23.76 -47.43
C ALA C 269 14.15 -23.06 -47.77
N THR C 270 14.46 -22.00 -47.02
CA THR C 270 15.77 -21.36 -47.07
C THR C 270 16.58 -21.83 -45.87
N VAL C 271 17.62 -22.62 -46.13
CA VAL C 271 18.33 -23.29 -45.05
C VAL C 271 19.58 -22.54 -44.59
N VAL C 272 19.63 -22.24 -43.29
CA VAL C 272 20.82 -21.66 -42.67
C VAL C 272 21.64 -22.79 -42.04
N VAL C 273 22.85 -22.99 -42.55
CA VAL C 273 23.65 -24.13 -42.15
C VAL C 273 24.85 -23.73 -41.28
N TYR C 274 25.04 -24.46 -40.19
CA TYR C 274 26.16 -24.22 -39.29
C TYR C 274 27.11 -25.41 -39.28
N VAL C 275 28.40 -25.14 -39.46
CA VAL C 275 29.40 -26.20 -39.48
C VAL C 275 29.80 -26.59 -38.06
N VAL C 276 29.32 -27.75 -37.61
CA VAL C 276 29.57 -28.17 -36.24
C VAL C 276 31.01 -28.64 -36.05
N GLU C 277 31.48 -29.47 -36.96
CA GLU C 277 32.81 -30.06 -36.84
C GLU C 277 33.35 -30.52 -38.18
N GLY C 278 34.65 -30.30 -38.39
CA GLY C 278 35.32 -30.77 -39.60
C GLY C 278 35.60 -29.68 -40.60
N THR C 279 36.02 -30.08 -41.79
CA THR C 279 36.25 -29.15 -42.89
C THR C 279 35.65 -29.71 -44.17
N GLY C 280 35.56 -28.88 -45.20
CA GLY C 280 34.98 -29.30 -46.45
C GLY C 280 34.74 -28.16 -47.41
N ARG C 281 33.78 -28.34 -48.31
CA ARG C 281 33.51 -27.37 -49.36
C ARG C 281 32.08 -27.50 -49.88
N PHE C 282 31.51 -26.39 -50.36
CA PHE C 282 30.22 -26.46 -51.02
C PHE C 282 30.21 -25.68 -52.32
N GLU C 283 29.44 -26.16 -53.29
CA GLU C 283 29.23 -25.45 -54.55
C GLU C 283 27.75 -25.20 -54.75
N MET C 284 27.40 -23.97 -55.15
CA MET C 284 26.01 -23.59 -55.33
C MET C 284 25.80 -22.89 -56.67
N ALA C 285 24.77 -23.31 -57.39
CA ALA C 285 24.43 -22.65 -58.66
C ALA C 285 23.47 -21.49 -58.40
N CYS C 286 24.01 -20.28 -58.48
CA CYS C 286 23.24 -19.08 -58.17
C CYS C 286 23.05 -18.17 -59.37
N PRO C 287 21.78 -17.90 -59.72
CA PRO C 287 21.42 -17.01 -60.83
C PRO C 287 21.30 -15.54 -60.42
N HIS C 288 21.82 -15.18 -59.25
CA HIS C 288 21.76 -13.80 -58.78
C HIS C 288 23.11 -13.11 -58.93
N GLN C 312 23.89 -15.65 -66.91
CA GLN C 312 22.77 -16.17 -66.14
C GLN C 312 23.24 -16.69 -64.79
N PHE C 313 23.72 -17.93 -64.76
CA PHE C 313 24.14 -18.58 -63.52
C PHE C 313 25.56 -18.20 -63.11
N GLN C 314 25.92 -18.58 -61.89
CA GLN C 314 27.29 -18.44 -61.39
C GLN C 314 27.55 -19.47 -60.29
N LYS C 315 28.76 -20.00 -60.24
CA LYS C 315 29.14 -20.93 -59.19
C LYS C 315 29.52 -20.20 -57.91
N VAL C 316 28.67 -20.28 -56.90
CA VAL C 316 28.96 -19.74 -55.59
C VAL C 316 29.60 -20.82 -54.73
N THR C 317 30.80 -20.54 -54.22
CA THR C 317 31.55 -21.56 -53.50
C THR C 317 32.38 -20.97 -52.35
N ALA C 318 32.64 -21.79 -51.35
CA ALA C 318 33.42 -21.37 -50.20
C ALA C 318 33.99 -22.56 -49.43
N ARG C 319 35.11 -22.34 -48.76
CA ARG C 319 35.74 -23.37 -47.94
C ARG C 319 35.10 -23.39 -46.56
N LEU C 320 34.68 -24.57 -46.11
CA LEU C 320 33.99 -24.70 -44.83
C LEU C 320 34.90 -25.17 -43.71
N ALA C 321 34.73 -24.56 -42.55
CA ALA C 321 35.42 -24.97 -41.34
C ALA C 321 34.47 -24.80 -40.16
N ARG C 322 34.87 -25.29 -38.98
CA ARG C 322 34.02 -25.20 -37.81
C ARG C 322 33.66 -23.74 -37.51
N GLY C 323 32.42 -23.53 -37.10
CA GLY C 323 31.94 -22.20 -36.76
C GLY C 323 31.41 -21.41 -37.94
N ASP C 324 31.66 -21.90 -39.15
CA ASP C 324 31.19 -21.23 -40.36
C ASP C 324 29.69 -21.34 -40.52
N ILE C 325 29.10 -20.36 -41.19
CA ILE C 325 27.68 -20.36 -41.50
C ILE C 325 27.45 -19.97 -42.95
N PHE C 326 26.64 -20.74 -43.65
CA PHE C 326 26.26 -20.38 -45.02
C PHE C 326 24.78 -20.61 -45.26
N VAL C 327 24.22 -19.88 -46.22
CA VAL C 327 22.79 -19.88 -46.47
C VAL C 327 22.45 -20.45 -47.85
N ILE C 328 21.46 -21.33 -47.88
CA ILE C 328 20.99 -21.92 -49.14
C ILE C 328 19.56 -21.47 -49.45
N PRO C 329 19.42 -20.37 -50.20
CA PRO C 329 18.09 -19.90 -50.58
C PRO C 329 17.35 -20.95 -51.40
N ALA C 330 16.03 -21.05 -51.23
CA ALA C 330 15.23 -22.06 -51.90
C ALA C 330 15.43 -22.04 -53.41
N GLY C 331 15.40 -23.21 -54.03
CA GLY C 331 15.55 -23.32 -55.46
C GLY C 331 16.99 -23.52 -55.91
N HIS C 332 17.93 -22.98 -55.13
CA HIS C 332 19.34 -23.14 -55.43
C HIS C 332 19.79 -24.59 -55.33
N PRO C 333 20.32 -25.15 -56.44
CA PRO C 333 20.92 -26.48 -56.37
C PRO C 333 22.28 -26.43 -55.67
N ILE C 334 22.48 -27.32 -54.70
CA ILE C 334 23.65 -27.27 -53.84
C ILE C 334 24.36 -28.62 -53.71
N ALA C 335 25.69 -28.60 -53.71
CA ALA C 335 26.49 -29.79 -53.48
C ALA C 335 27.57 -29.51 -52.43
N ILE C 336 27.74 -30.43 -51.49
CA ILE C 336 28.69 -30.24 -50.41
C ILE C 336 29.65 -31.42 -50.28
N THR C 337 30.94 -31.14 -50.30
CA THR C 337 31.96 -32.19 -50.19
C THR C 337 32.74 -32.09 -48.89
N ALA C 338 32.97 -33.22 -48.24
CA ALA C 338 33.80 -33.26 -47.05
C ALA C 338 35.26 -33.21 -47.44
N SER C 339 36.14 -33.08 -46.45
CA SER C 339 37.57 -33.18 -46.71
C SER C 339 37.92 -34.66 -46.85
N GLN C 340 39.15 -34.93 -47.29
CA GLN C 340 39.57 -36.31 -47.53
C GLN C 340 39.99 -36.98 -46.22
N ASN C 341 40.38 -36.17 -45.23
CA ASN C 341 40.91 -36.72 -43.98
C ASN C 341 40.00 -36.64 -42.76
N GLU C 342 39.05 -35.72 -42.76
CA GLU C 342 38.08 -35.67 -41.66
C GLU C 342 36.66 -35.47 -42.15
N ASN C 343 35.71 -35.99 -41.37
CA ASN C 343 34.30 -35.83 -41.66
C ASN C 343 33.85 -34.38 -41.61
N LEU C 344 32.77 -34.07 -42.30
CA LEU C 344 32.14 -32.76 -42.19
C LEU C 344 30.76 -32.93 -41.60
N ARG C 345 30.52 -32.27 -40.47
CA ARG C 345 29.25 -32.42 -39.78
C ARG C 345 28.51 -31.08 -39.70
N LEU C 346 27.28 -31.08 -40.18
CA LEU C 346 26.50 -29.84 -40.32
C LEU C 346 25.13 -29.96 -39.66
N VAL C 347 24.68 -28.85 -39.07
CA VAL C 347 23.29 -28.76 -38.62
C VAL C 347 22.65 -27.59 -39.36
N GLY C 348 21.39 -27.73 -39.73
CA GLY C 348 20.73 -26.72 -40.54
C GLY C 348 19.34 -26.31 -40.08
N PHE C 349 19.06 -25.01 -40.20
CA PHE C 349 17.73 -24.48 -39.91
C PHE C 349 17.00 -24.14 -41.21
N GLY C 350 15.84 -24.74 -41.41
CA GLY C 350 15.08 -24.52 -42.63
C GLY C 350 13.97 -23.50 -42.48
N ILE C 351 14.28 -22.25 -42.78
CA ILE C 351 13.30 -21.17 -42.75
C ILE C 351 12.22 -21.40 -43.81
N ASN C 352 10.96 -21.13 -43.46
CA ASN C 352 9.81 -21.42 -44.31
C ASN C 352 9.76 -22.90 -44.66
N GLY C 353 9.77 -23.75 -43.63
CA GLY C 353 10.00 -25.16 -43.80
C GLY C 353 8.79 -26.06 -43.96
N LYS C 354 7.58 -25.53 -43.79
CA LYS C 354 6.40 -26.37 -43.92
C LYS C 354 6.23 -26.85 -45.36
N ASN C 355 5.92 -28.13 -45.52
CA ASN C 355 5.74 -28.77 -46.82
C ASN C 355 6.93 -28.63 -47.77
N ASN C 356 8.11 -28.39 -47.22
CA ASN C 356 9.31 -28.31 -48.04
C ASN C 356 9.63 -29.64 -48.69
N GLN C 357 10.21 -29.60 -49.88
CA GLN C 357 10.58 -30.82 -50.60
C GLN C 357 12.02 -30.75 -51.08
N ARG C 358 12.82 -31.72 -50.67
CA ARG C 358 14.21 -31.81 -51.12
C ARG C 358 14.28 -32.64 -52.38
N ASN C 359 14.70 -32.03 -53.47
CA ASN C 359 14.79 -32.71 -54.76
C ASN C 359 16.23 -32.96 -55.16
N PHE C 360 16.56 -34.24 -55.37
CA PHE C 360 17.91 -34.63 -55.73
C PHE C 360 18.08 -34.71 -57.24
N LEU C 361 19.24 -34.30 -57.72
CA LEU C 361 19.52 -34.25 -59.15
C LEU C 361 20.43 -35.38 -59.57
N ALA C 362 20.88 -36.16 -58.60
CA ALA C 362 21.74 -37.31 -58.84
C ALA C 362 21.49 -38.38 -57.80
N GLY C 363 21.72 -39.63 -58.16
CA GLY C 363 21.45 -40.73 -57.25
C GLY C 363 20.21 -41.50 -57.66
N GLN C 364 19.89 -42.55 -56.91
CA GLN C 364 18.76 -43.40 -57.23
C GLN C 364 17.40 -42.70 -57.06
N ASN C 365 17.36 -41.70 -56.19
CA ASN C 365 16.10 -41.02 -55.89
C ASN C 365 15.93 -39.71 -56.65
N ASN C 366 16.80 -39.48 -57.64
CA ASN C 366 16.80 -38.22 -58.37
C ASN C 366 15.48 -37.97 -59.10
N ILE C 367 15.19 -36.70 -59.38
CA ILE C 367 13.88 -36.31 -59.90
C ILE C 367 13.69 -36.53 -61.41
N ILE C 368 14.79 -36.54 -62.16
CA ILE C 368 14.77 -36.66 -63.62
C ILE C 368 14.15 -37.99 -64.03
N ASN C 369 14.46 -38.96 -63.20
CA ASN C 369 13.94 -40.31 -63.24
C ASN C 369 12.43 -40.49 -63.06
N GLN C 370 11.75 -39.39 -62.75
CA GLN C 370 10.30 -39.36 -62.65
C GLN C 370 9.63 -38.84 -63.93
N LEU C 371 10.41 -38.22 -64.81
CA LEU C 371 9.90 -37.80 -66.11
C LEU C 371 9.57 -39.04 -66.93
N GLU C 372 8.60 -38.94 -67.82
CA GLU C 372 8.34 -40.05 -68.73
C GLU C 372 9.44 -40.10 -69.79
N ARG C 373 9.57 -41.23 -70.47
CA ARG C 373 10.63 -41.43 -71.45
C ARG C 373 10.65 -40.34 -72.52
N GLU C 374 9.47 -39.98 -73.01
CA GLU C 374 9.35 -38.98 -74.07
C GLU C 374 9.74 -37.60 -73.56
N ALA C 375 9.45 -37.33 -72.30
CA ALA C 375 9.80 -36.06 -71.68
C ALA C 375 11.31 -35.94 -71.54
N LYS C 376 11.95 -37.01 -71.11
CA LYS C 376 13.41 -37.05 -71.00
C LYS C 376 14.06 -36.81 -72.34
N GLU C 377 13.62 -37.57 -73.34
CA GLU C 377 14.18 -37.48 -74.68
C GLU C 377 14.01 -36.09 -75.29
N LEU C 378 12.82 -35.54 -75.15
CA LEU C 378 12.52 -34.21 -75.68
C LEU C 378 13.34 -33.12 -74.97
N SER C 379 13.50 -33.27 -73.66
CA SER C 379 14.19 -32.27 -72.86
C SER C 379 15.70 -32.29 -73.07
N PHE C 380 16.27 -33.48 -73.20
CA PHE C 380 17.72 -33.63 -73.26
C PHE C 380 18.25 -33.83 -74.68
N ASN C 381 17.34 -34.00 -75.63
CA ASN C 381 17.69 -34.19 -77.03
C ASN C 381 18.59 -35.41 -77.24
N MET C 382 18.23 -36.51 -76.59
CA MET C 382 18.99 -37.76 -76.67
C MET C 382 18.06 -38.97 -76.55
N PRO C 383 18.46 -40.12 -77.11
CA PRO C 383 17.67 -41.34 -76.98
C PRO C 383 17.62 -41.85 -75.53
N ARG C 384 16.61 -42.65 -75.23
CA ARG C 384 16.32 -43.09 -73.87
C ARG C 384 17.51 -43.78 -73.18
N GLU C 385 18.28 -44.54 -73.95
CA GLU C 385 19.35 -45.35 -73.38
C GLU C 385 20.62 -44.55 -73.10
N GLU C 386 20.81 -43.43 -73.81
CA GLU C 386 21.97 -42.60 -73.58
C GLU C 386 21.70 -41.63 -72.43
N ILE C 387 20.43 -41.48 -72.09
CA ILE C 387 20.03 -40.71 -70.92
C ILE C 387 20.23 -41.55 -69.67
N GLU C 388 19.89 -42.83 -69.77
CA GLU C 388 20.11 -43.80 -68.70
C GLU C 388 21.56 -43.85 -68.26
N GLU C 389 22.46 -43.69 -69.21
CA GLU C 389 23.90 -43.70 -68.94
C GLU C 389 24.32 -42.53 -68.05
N ILE C 390 23.45 -41.52 -67.97
CA ILE C 390 23.75 -40.33 -67.19
C ILE C 390 23.06 -40.35 -65.83
N PHE C 391 21.80 -40.78 -65.80
CA PHE C 391 20.99 -40.66 -64.59
C PHE C 391 20.59 -41.98 -63.96
N GLU C 392 21.22 -43.08 -64.38
CA GLU C 392 20.89 -44.38 -63.81
C GLU C 392 22.14 -45.21 -63.53
N ARG C 393 23.27 -44.55 -63.33
CA ARG C 393 24.54 -45.24 -63.10
C ARG C 393 25.03 -45.06 -61.67
N GLN C 394 24.25 -44.36 -60.85
CA GLN C 394 24.56 -44.18 -59.43
C GLN C 394 23.62 -45.05 -58.59
N VAL C 395 24.20 -45.92 -57.76
CA VAL C 395 23.40 -46.90 -57.04
C VAL C 395 22.97 -46.43 -55.65
N GLU C 396 23.66 -45.42 -55.11
CA GLU C 396 23.26 -44.85 -53.83
C GLU C 396 22.57 -43.49 -54.01
N SER C 397 22.12 -42.92 -52.90
CA SER C 397 21.49 -41.60 -52.91
C SER C 397 22.18 -40.70 -51.90
N TYR C 398 21.57 -39.54 -51.65
CA TYR C 398 22.07 -38.55 -50.68
C TYR C 398 23.60 -38.36 -50.70
N PHE C 399 24.34 -39.38 -50.30
CA PHE C 399 25.79 -39.27 -50.16
C PHE C 399 26.57 -40.28 -51.00
N VAL C 400 27.60 -39.80 -51.70
CA VAL C 400 28.41 -40.65 -52.56
C VAL C 400 29.90 -40.33 -52.40
N PRO C 401 30.78 -41.31 -52.70
CA PRO C 401 32.22 -41.08 -52.64
C PRO C 401 32.74 -40.29 -53.84
N MET C 402 33.76 -39.47 -53.62
CA MET C 402 34.34 -38.68 -54.70
C MET C 402 35.10 -39.56 -55.69
N GLU C 403 35.35 -40.80 -55.29
CA GLU C 403 35.96 -41.79 -56.16
C GLU C 403 34.91 -42.80 -56.58
N ARG C 404 34.63 -42.86 -57.88
CA ARG C 404 33.53 -43.66 -58.40
C ARG C 404 33.72 -45.16 -58.16
N GLN C 405 32.61 -45.88 -58.10
CA GLN C 405 32.63 -47.31 -57.83
C GLN C 405 31.73 -48.06 -58.83
N ARG D 9 -0.91 -13.88 26.59
CA ARG D 9 -1.05 -15.30 26.95
C ARG D 9 -1.16 -15.48 28.45
N HIS D 10 -0.29 -16.35 28.96
CA HIS D 10 -0.09 -16.56 30.40
C HIS D 10 0.71 -15.41 30.97
N ASN D 11 1.02 -14.44 30.12
CA ASN D 11 1.83 -13.29 30.48
C ASN D 11 0.95 -12.10 30.84
N PRO D 12 1.02 -11.64 32.09
CA PRO D 12 0.18 -10.55 32.60
C PRO D 12 0.57 -9.18 32.07
N TYR D 13 1.78 -9.05 31.51
CA TYR D 13 2.22 -7.78 30.96
C TYR D 13 2.08 -7.74 29.45
N TYR D 14 1.60 -8.83 28.86
CA TYR D 14 1.51 -8.94 27.40
C TYR D 14 0.07 -8.99 26.93
N PHE D 15 -0.26 -8.12 25.98
CA PHE D 15 -1.60 -8.07 25.44
C PHE D 15 -1.60 -8.31 23.93
N HIS D 16 -2.02 -9.51 23.55
CA HIS D 16 -2.03 -9.94 22.15
C HIS D 16 -3.10 -9.19 21.35
N SER D 17 -2.80 -8.94 20.08
CA SER D 17 -3.66 -8.12 19.22
C SER D 17 -5.07 -8.67 19.07
N GLN D 18 -5.22 -9.99 19.18
CA GLN D 18 -6.54 -10.60 19.04
C GLN D 18 -7.37 -10.50 20.31
N GLY D 19 -6.81 -9.86 21.33
CA GLY D 19 -7.50 -9.67 22.60
C GLY D 19 -8.26 -8.36 22.64
N LEU D 20 -7.92 -7.45 21.73
CA LEU D 20 -8.61 -6.18 21.60
C LEU D 20 -10.08 -6.42 21.27
N ARG D 21 -10.97 -5.68 21.92
CA ARG D 21 -12.38 -5.78 21.62
C ARG D 21 -12.74 -4.81 20.51
N SER D 22 -13.39 -5.32 19.47
CA SER D 22 -13.79 -4.48 18.35
C SER D 22 -15.10 -3.76 18.66
N ARG D 23 -15.15 -2.46 18.39
CA ARG D 23 -16.39 -1.70 18.53
C ARG D 23 -17.42 -2.18 17.52
N HIS D 24 -18.67 -2.34 17.96
CA HIS D 24 -19.69 -2.80 17.03
C HIS D 24 -19.99 -1.70 16.01
N GLU D 25 -20.17 -2.15 14.76
CA GLU D 25 -20.21 -1.33 13.55
C GLU D 25 -19.44 -0.02 13.60
N SER D 26 -18.16 -0.16 13.27
CA SER D 26 -17.29 0.96 13.02
C SER D 26 -17.52 1.42 11.60
N GLY D 27 -18.04 0.51 10.77
CA GLY D 27 -18.34 0.83 9.38
C GLY D 27 -17.12 0.78 8.48
N GLU D 28 -16.75 1.94 7.94
CA GLU D 28 -15.65 2.04 7.00
C GLU D 28 -14.31 2.11 7.74
N GLY D 29 -14.08 1.16 8.63
CA GLY D 29 -12.86 1.11 9.41
C GLY D 29 -13.06 0.30 10.66
N GLU D 30 -12.21 0.53 11.66
CA GLU D 30 -12.29 -0.23 12.91
C GLU D 30 -11.82 0.57 14.12
N VAL D 31 -12.54 0.41 15.23
CA VAL D 31 -12.12 0.98 16.50
C VAL D 31 -11.91 -0.15 17.50
N LYS D 32 -10.69 -0.27 18.01
CA LYS D 32 -10.36 -1.36 18.91
C LYS D 32 -10.07 -0.86 20.33
N TYR D 33 -10.54 -1.62 21.31
CA TYR D 33 -10.38 -1.24 22.71
C TYR D 33 -9.57 -2.26 23.48
N LEU D 34 -8.51 -1.79 24.12
CA LEU D 34 -7.76 -2.64 25.05
C LEU D 34 -8.54 -2.74 26.35
N GLU D 35 -8.57 -3.94 26.92
CA GLU D 35 -9.23 -4.16 28.20
C GLU D 35 -8.58 -3.31 29.29
N ARG D 36 -9.20 -3.27 30.47
CA ARG D 36 -8.57 -2.62 31.59
C ARG D 36 -7.33 -3.43 31.98
N PHE D 37 -6.26 -2.73 32.30
CA PHE D 37 -5.00 -3.37 32.67
C PHE D 37 -5.17 -4.28 33.89
N THR D 38 -6.25 -4.05 34.63
CA THR D 38 -6.49 -4.75 35.89
C THR D 38 -7.54 -5.86 35.79
N GLU D 39 -7.90 -6.25 34.57
CA GLU D 39 -9.05 -7.15 34.42
C GLU D 39 -8.71 -8.62 34.69
N ARG D 40 -7.63 -9.12 34.11
CA ARG D 40 -7.26 -10.52 34.35
C ARG D 40 -6.17 -10.61 35.39
N THR D 41 -5.56 -9.48 35.69
CA THR D 41 -4.50 -9.48 36.69
C THR D 41 -4.49 -8.22 37.53
N GLU D 42 -3.79 -8.29 38.65
CA GLU D 42 -3.74 -7.17 39.58
C GLU D 42 -2.32 -6.64 39.70
N LEU D 43 -1.48 -7.10 38.78
CA LEU D 43 -0.09 -6.66 38.67
C LEU D 43 0.06 -5.31 37.98
N LEU D 44 -1.01 -4.84 37.36
CA LEU D 44 -0.98 -3.54 36.70
C LEU D 44 -1.96 -2.55 37.34
N ARG D 45 -2.30 -2.78 38.60
CA ARG D 45 -3.12 -1.86 39.42
C ARG D 45 -2.74 -0.40 39.30
N GLY D 46 -1.44 -0.14 39.23
CA GLY D 46 -0.91 1.21 39.29
C GLY D 46 -1.37 2.09 38.15
N ILE D 47 -1.75 1.45 37.05
CA ILE D 47 -2.17 2.20 35.87
C ILE D 47 -3.61 1.86 35.47
N GLU D 48 -4.43 1.57 36.48
CA GLU D 48 -5.84 1.28 36.29
C GLU D 48 -6.58 2.35 35.49
N ASN D 49 -6.21 3.61 35.70
CA ASN D 49 -6.92 4.72 35.09
C ASN D 49 -6.32 5.11 33.74
N TYR D 50 -5.89 4.11 32.99
CA TYR D 50 -5.40 4.33 31.64
C TYR D 50 -5.98 3.30 30.69
N ARG D 51 -6.45 3.75 29.54
CA ARG D 51 -7.03 2.87 28.54
C ARG D 51 -6.40 3.12 27.19
N VAL D 52 -6.32 2.09 26.37
CA VAL D 52 -5.73 2.21 25.04
C VAL D 52 -6.80 2.01 23.97
N VAL D 53 -6.84 2.92 23.02
CA VAL D 53 -7.77 2.83 21.90
C VAL D 53 -7.02 2.93 20.58
N ILE D 54 -7.28 1.99 19.68
CA ILE D 54 -6.69 2.04 18.35
C ILE D 54 -7.74 2.37 17.30
N LEU D 55 -7.50 3.42 16.53
CA LEU D 55 -8.41 3.83 15.48
C LEU D 55 -7.84 3.51 14.10
N GLU D 56 -8.60 2.77 13.30
CA GLU D 56 -8.23 2.53 11.92
C GLU D 56 -9.33 3.01 10.97
N ALA D 57 -8.97 3.91 10.07
CA ALA D 57 -9.93 4.45 9.12
C ALA D 57 -9.51 4.17 7.68
N ASN D 58 -10.43 3.59 6.91
CA ASN D 58 -10.22 3.33 5.49
C ASN D 58 -9.91 4.63 4.73
N PRO D 59 -9.30 4.52 3.54
CA PRO D 59 -9.03 5.72 2.76
C PRO D 59 -10.30 6.49 2.40
N ASN D 60 -10.18 7.81 2.28
CA ASN D 60 -11.32 8.68 1.96
C ASN D 60 -12.49 8.49 2.92
N THR D 61 -12.24 8.71 4.21
CA THR D 61 -13.27 8.53 5.21
C THR D 61 -13.39 9.71 6.16
N PHE D 62 -14.50 9.76 6.89
CA PHE D 62 -14.79 10.81 7.85
C PHE D 62 -15.25 10.18 9.17
N VAL D 63 -14.51 10.44 10.24
CA VAL D 63 -14.91 9.95 11.55
C VAL D 63 -15.88 10.92 12.20
N LEU D 64 -17.08 10.44 12.52
CA LEU D 64 -18.14 11.28 13.09
C LEU D 64 -17.68 11.96 14.38
N PRO D 65 -18.18 13.19 14.61
CA PRO D 65 -17.79 13.98 15.78
C PRO D 65 -18.22 13.35 17.10
N TYR D 66 -17.38 13.48 18.11
CA TYR D 66 -17.70 12.99 19.45
C TYR D 66 -16.75 13.61 20.47
N HIS D 67 -17.14 13.56 21.74
CA HIS D 67 -16.25 13.93 22.83
C HIS D 67 -16.26 12.83 23.88
N LYS D 68 -15.28 12.84 24.76
CA LYS D 68 -15.23 11.85 25.83
C LYS D 68 -14.81 12.46 27.16
N ASP D 69 -15.19 11.78 28.24
CA ASP D 69 -14.81 12.19 29.58
C ASP D 69 -13.41 11.67 29.92
N ALA D 70 -12.45 11.99 29.06
CA ALA D 70 -11.10 11.48 29.20
C ALA D 70 -10.11 12.30 28.38
N GLU D 71 -8.94 12.56 28.96
CA GLU D 71 -7.84 13.17 28.24
C GLU D 71 -7.22 12.12 27.32
N SER D 72 -6.57 12.57 26.25
CA SER D 72 -6.01 11.63 25.28
C SER D 72 -4.71 12.13 24.65
N VAL D 73 -3.76 11.21 24.52
CA VAL D 73 -2.55 11.46 23.76
C VAL D 73 -2.55 10.53 22.54
N ILE D 74 -2.44 11.13 21.35
CA ILE D 74 -2.58 10.39 20.11
C ILE D 74 -1.27 10.29 19.35
N VAL D 75 -0.93 9.09 18.88
CA VAL D 75 0.22 8.89 18.02
C VAL D 75 -0.22 8.29 16.70
N VAL D 76 0.18 8.92 15.59
CA VAL D 76 -0.10 8.39 14.27
C VAL D 76 0.95 7.35 13.89
N THR D 77 0.54 6.10 13.80
CA THR D 77 1.46 4.99 13.53
C THR D 77 1.34 4.50 12.09
N ARG D 78 0.39 5.04 11.34
CA ARG D 78 0.19 4.65 9.95
C ARG D 78 -0.70 5.64 9.20
N GLY D 79 -0.23 6.07 8.03
CA GLY D 79 -1.05 6.88 7.14
C GLY D 79 -0.95 8.37 7.33
N ARG D 80 -2.04 9.05 6.97
CA ARG D 80 -2.13 10.51 7.03
C ARG D 80 -3.49 10.91 7.58
N ALA D 81 -3.58 12.11 8.16
CA ALA D 81 -4.86 12.56 8.72
C ALA D 81 -4.92 14.06 9.01
N THR D 82 -6.13 14.58 9.02
CA THR D 82 -6.41 15.92 9.54
C THR D 82 -7.28 15.78 10.79
N LEU D 83 -6.76 16.26 11.92
CA LEU D 83 -7.48 16.17 13.18
C LEU D 83 -8.03 17.52 13.60
N THR D 84 -9.32 17.55 13.96
CA THR D 84 -9.97 18.79 14.33
C THR D 84 -10.85 18.59 15.57
N PHE D 85 -10.74 19.50 16.53
CA PHE D 85 -11.63 19.45 17.68
C PHE D 85 -12.07 20.83 18.12
N VAL D 86 -13.32 20.90 18.60
CA VAL D 86 -13.86 22.16 19.11
C VAL D 86 -14.26 22.03 20.58
N SER D 87 -14.10 23.13 21.30
CA SER D 87 -14.52 23.22 22.69
C SER D 87 -14.59 24.71 23.01
N GLN D 88 -15.65 25.13 23.70
CA GLN D 88 -15.89 26.54 24.03
C GLN D 88 -16.24 27.36 22.79
N GLU D 89 -15.28 28.19 22.39
CA GLU D 89 -15.43 29.07 21.23
C GLU D 89 -14.24 28.87 20.30
N ARG D 90 -13.44 27.87 20.61
CA ARG D 90 -12.20 27.61 19.88
C ARG D 90 -12.31 26.37 18.98
N ARG D 91 -11.76 26.49 17.78
CA ARG D 91 -11.56 25.34 16.91
C ARG D 91 -10.10 25.24 16.52
N GLU D 92 -9.54 24.04 16.62
CA GLU D 92 -8.16 23.82 16.22
C GLU D 92 -8.08 22.66 15.23
N SER D 93 -7.37 22.88 14.13
CA SER D 93 -7.21 21.88 13.09
C SER D 93 -5.74 21.59 12.84
N PHE D 94 -5.39 20.30 12.78
CA PHE D 94 -4.01 19.92 12.58
C PHE D 94 -3.88 18.85 11.51
N ASN D 95 -2.89 19.00 10.65
CA ASN D 95 -2.60 18.00 9.63
C ASN D 95 -1.50 17.07 10.12
N LEU D 96 -1.90 15.87 10.47
CA LEU D 96 -1.00 14.92 11.13
C LEU D 96 -0.41 13.91 10.16
N GLU D 97 0.89 13.69 10.28
CA GLU D 97 1.57 12.68 9.48
C GLU D 97 2.05 11.54 10.38
N TYR D 98 2.74 10.57 9.77
CA TYR D 98 3.27 9.43 10.51
C TYR D 98 4.28 9.87 11.58
N GLY D 99 4.09 9.36 12.80
CA GLY D 99 4.98 9.67 13.89
C GLY D 99 4.66 10.96 14.62
N ASP D 100 3.53 11.58 14.26
CA ASP D 100 3.10 12.80 14.93
C ASP D 100 2.40 12.49 16.25
N VAL D 101 2.66 13.32 17.26
CA VAL D 101 2.05 13.16 18.58
C VAL D 101 1.31 14.43 18.96
N ILE D 102 0.05 14.26 19.41
CA ILE D 102 -0.76 15.41 19.74
C ILE D 102 -1.75 15.09 20.87
N ARG D 103 -2.15 16.12 21.61
CA ARG D 103 -3.08 15.96 22.70
C ARG D 103 -4.48 16.44 22.32
N VAL D 104 -5.49 15.67 22.71
CA VAL D 104 -6.88 16.09 22.55
C VAL D 104 -7.52 16.20 23.93
N PRO D 105 -7.78 17.44 24.38
CA PRO D 105 -8.33 17.73 25.70
C PRO D 105 -9.66 17.00 25.96
N ALA D 106 -9.89 16.66 27.22
CA ALA D 106 -11.13 15.98 27.60
C ALA D 106 -12.34 16.88 27.35
N GLY D 107 -13.44 16.27 26.91
CA GLY D 107 -14.67 17.01 26.68
C GLY D 107 -14.72 17.68 25.32
N ALA D 108 -13.57 17.80 24.67
CA ALA D 108 -13.50 18.39 23.35
C ALA D 108 -14.14 17.48 22.32
N THR D 109 -15.01 18.05 21.48
CA THR D 109 -15.66 17.29 20.42
C THR D 109 -14.71 17.12 19.24
N GLU D 110 -14.40 15.86 18.91
CA GLU D 110 -13.36 15.57 17.93
C GLU D 110 -13.90 14.85 16.69
N TYR D 111 -13.42 15.25 15.51
CA TYR D 111 -13.64 14.47 14.30
C TYR D 111 -12.36 14.37 13.47
N VAL D 112 -12.21 13.25 12.76
CA VAL D 112 -10.99 12.95 12.02
C VAL D 112 -11.28 12.67 10.54
N ILE D 113 -10.40 13.15 9.67
CA ILE D 113 -10.53 12.92 8.24
C ILE D 113 -9.32 12.18 7.65
N ASN D 114 -9.57 11.09 6.94
CA ASN D 114 -8.52 10.44 6.18
C ASN D 114 -8.63 10.83 4.71
N GLN D 115 -7.92 11.90 4.35
CA GLN D 115 -8.00 12.48 3.02
C GLN D 115 -7.08 11.73 2.03
N ASP D 116 -6.36 10.74 2.56
CA ASP D 116 -5.47 9.93 1.74
C ASP D 116 -6.28 8.87 0.99
N SER D 117 -5.93 8.63 -0.28
CA SER D 117 -6.74 7.80 -1.16
C SER D 117 -6.38 6.32 -1.15
N ASN D 118 -5.19 5.99 -0.64
CA ASN D 118 -4.71 4.61 -0.68
C ASN D 118 -4.40 4.04 0.70
N GLU D 119 -3.74 4.85 1.52
CA GLU D 119 -3.20 4.38 2.80
C GLU D 119 -4.24 4.44 3.92
N ARG D 120 -4.47 3.31 4.58
CA ARG D 120 -5.33 3.28 5.76
C ARG D 120 -4.66 4.04 6.90
N LEU D 121 -5.45 4.80 7.64
CA LEU D 121 -4.95 5.56 8.78
C LEU D 121 -4.99 4.74 10.06
N GLU D 122 -3.94 4.83 10.87
CA GLU D 122 -3.99 4.25 12.20
C GLU D 122 -3.57 5.26 13.27
N MET D 123 -4.37 5.32 14.33
CA MET D 123 -4.06 6.17 15.48
C MET D 123 -4.07 5.35 16.76
N VAL D 124 -2.98 5.44 17.52
CA VAL D 124 -2.91 4.78 18.81
C VAL D 124 -3.09 5.80 19.92
N LYS D 125 -4.08 5.57 20.77
CA LYS D 125 -4.47 6.55 21.78
C LYS D 125 -4.33 6.02 23.20
N LEU D 126 -3.68 6.78 24.05
CA LEU D 126 -3.69 6.50 25.48
C LEU D 126 -4.68 7.44 26.14
N LEU D 127 -5.65 6.88 26.86
CA LEU D 127 -6.73 7.67 27.45
C LEU D 127 -6.62 7.74 28.97
N GLN D 128 -6.86 8.93 29.52
CA GLN D 128 -6.91 9.10 30.97
C GLN D 128 -8.25 9.69 31.38
N PRO D 129 -9.19 8.84 31.81
CA PRO D 129 -10.53 9.20 32.25
C PRO D 129 -10.53 10.29 33.33
N VAL D 130 -11.52 11.17 33.31
CA VAL D 130 -11.61 12.26 34.29
C VAL D 130 -12.65 11.95 35.36
N ASN D 131 -13.58 11.03 35.07
CA ASN D 131 -14.55 10.62 36.07
C ASN D 131 -14.07 9.39 36.84
N ASN D 132 -14.84 8.31 36.76
CA ASN D 132 -14.47 7.07 37.45
C ASN D 132 -13.20 6.45 36.86
N PRO D 133 -12.34 5.91 37.73
CA PRO D 133 -11.05 5.31 37.36
C PRO D 133 -11.15 4.24 36.28
N GLY D 134 -10.42 4.44 35.18
CA GLY D 134 -10.37 3.48 34.10
C GLY D 134 -11.65 3.36 33.31
N GLN D 135 -12.54 4.33 33.46
CA GLN D 135 -13.82 4.32 32.77
C GLN D 135 -14.04 5.59 31.95
N PHE D 136 -14.36 5.40 30.68
CA PHE D 136 -14.67 6.54 29.82
C PHE D 136 -15.87 6.23 28.93
N ARG D 137 -16.46 7.26 28.36
CA ARG D 137 -17.59 7.10 27.45
C ARG D 137 -17.46 8.02 26.26
N GLU D 138 -18.06 7.62 25.15
CA GLU D 138 -18.03 8.41 23.93
C GLU D 138 -19.40 9.01 23.64
N TYR D 139 -19.45 10.34 23.53
CA TYR D 139 -20.69 11.06 23.29
C TYR D 139 -20.79 11.56 21.86
N TYR D 140 -21.74 11.05 21.10
CA TYR D 140 -21.89 11.45 19.71
C TYR D 140 -23.02 12.45 19.53
N ALA D 141 -22.69 13.63 19.00
CA ALA D 141 -23.69 14.65 18.70
C ALA D 141 -24.66 14.13 17.63
N ALA D 142 -24.09 13.55 16.58
CA ALA D 142 -24.87 12.85 15.57
C ALA D 142 -24.49 11.38 15.59
N GLY D 143 -25.49 10.51 15.72
CA GLY D 143 -25.23 9.09 15.84
C GLY D 143 -25.46 8.31 14.55
N ALA D 144 -25.67 7.01 14.70
CA ALA D 144 -25.93 6.14 13.56
C ALA D 144 -26.96 5.08 13.91
N GLN D 145 -27.11 4.10 13.03
CA GLN D 145 -28.06 3.02 13.25
C GLN D 145 -27.70 2.22 14.50
N SER D 146 -26.41 2.23 14.85
CA SER D 146 -25.94 1.51 16.04
C SER D 146 -25.30 2.45 17.06
N THR D 147 -25.48 3.75 16.86
CA THR D 147 -24.99 4.75 17.81
C THR D 147 -26.04 5.83 18.02
N GLU D 148 -26.54 5.96 19.24
CA GLU D 148 -27.56 6.95 19.53
C GLU D 148 -26.93 8.30 19.82
N SER D 149 -27.49 9.35 19.22
CA SER D 149 -27.09 10.71 19.53
C SER D 149 -27.63 11.06 20.91
N TYR D 150 -26.83 11.76 21.72
CA TYR D 150 -27.26 12.07 23.08
C TYR D 150 -28.34 13.14 23.10
N LEU D 151 -28.52 13.82 21.97
CA LEU D 151 -29.54 14.84 21.85
C LEU D 151 -30.95 14.24 21.82
N ARG D 152 -31.08 13.04 21.27
CA ARG D 152 -32.37 12.39 21.18
C ARG D 152 -32.81 11.83 22.53
N VAL D 153 -31.90 11.86 23.50
CA VAL D 153 -32.22 11.39 24.85
C VAL D 153 -33.08 12.40 25.58
N PHE D 154 -32.84 13.68 25.30
CA PHE D 154 -33.63 14.76 25.90
C PHE D 154 -35.09 14.70 25.46
N SER D 155 -35.98 15.24 26.29
CA SER D 155 -37.39 15.30 25.94
C SER D 155 -37.63 16.28 24.79
N ASN D 156 -38.70 16.04 24.03
CA ASN D 156 -39.04 16.91 22.91
C ASN D 156 -39.33 18.33 23.37
N ASP D 157 -39.97 18.47 24.53
CA ASP D 157 -40.24 19.78 25.10
C ASP D 157 -38.95 20.57 25.23
N ILE D 158 -37.93 19.91 25.77
CA ILE D 158 -36.62 20.54 25.99
C ILE D 158 -35.91 20.81 24.67
N LEU D 159 -35.96 19.85 23.75
CA LEU D 159 -35.29 19.98 22.47
C LEU D 159 -35.87 21.10 21.61
N VAL D 160 -37.19 21.15 21.48
CA VAL D 160 -37.82 22.16 20.64
C VAL D 160 -37.73 23.55 21.27
N ALA D 161 -37.67 23.61 22.60
CA ALA D 161 -37.60 24.90 23.28
C ALA D 161 -36.19 25.47 23.21
N ALA D 162 -35.21 24.61 23.43
CA ALA D 162 -33.81 25.02 23.43
C ALA D 162 -33.36 25.48 22.05
N LEU D 163 -33.67 24.69 21.04
CA LEU D 163 -33.21 24.98 19.68
C LEU D 163 -34.16 25.92 18.95
N ASN D 164 -35.37 26.09 19.48
CA ASN D 164 -36.41 26.89 18.86
C ASN D 164 -36.68 26.40 17.44
N THR D 165 -37.01 25.11 17.33
CA THR D 165 -37.29 24.49 16.05
C THR D 165 -38.40 23.45 16.23
N PRO D 166 -39.29 23.34 15.23
CA PRO D 166 -40.45 22.46 15.36
C PRO D 166 -40.08 20.98 15.42
N ARG D 167 -40.92 20.19 16.08
CA ARG D 167 -40.64 18.79 16.35
C ARG D 167 -40.44 17.95 15.09
N ASP D 168 -41.16 18.30 14.03
CA ASP D 168 -41.09 17.53 12.79
C ASP D 168 -39.70 17.57 12.16
N ARG D 169 -39.05 18.73 12.24
CA ARG D 169 -37.73 18.89 11.65
C ARG D 169 -36.65 18.26 12.52
N LEU D 170 -36.92 18.12 13.81
CA LEU D 170 -36.01 17.41 14.70
C LEU D 170 -36.07 15.92 14.43
N GLU D 171 -37.27 15.42 14.19
CA GLU D 171 -37.47 13.99 14.01
C GLU D 171 -37.02 13.55 12.62
N ARG D 172 -36.95 14.48 11.68
CA ARG D 172 -36.37 14.18 10.37
C ARG D 172 -34.87 14.41 10.39
N PHE D 173 -34.42 15.20 11.36
CA PHE D 173 -32.99 15.41 11.59
C PHE D 173 -32.33 14.14 12.10
N PHE D 174 -33.04 13.41 12.95
CA PHE D 174 -32.51 12.20 13.57
C PHE D 174 -32.63 11.00 12.65
N ASP D 175 -33.74 10.94 11.92
CA ASP D 175 -33.91 9.87 10.95
C ASP D 175 -32.83 9.90 9.88
N GLN D 176 -32.30 11.07 9.51
CA GLN D 176 -31.27 11.03 8.47
C GLN D 176 -29.97 10.43 9.05
N GLN D 177 -29.92 10.23 10.36
CA GLN D 177 -28.69 9.71 10.94
C GLN D 177 -28.82 8.22 11.12
N GLU D 178 -30.05 7.74 11.13
CA GLU D 178 -30.31 6.31 11.26
C GLU D 178 -30.27 5.61 9.90
N GLN D 179 -29.67 6.28 8.92
CA GLN D 179 -29.52 5.74 7.58
C GLN D 179 -28.14 5.11 7.39
N ARG D 180 -27.16 5.68 8.08
CA ARG D 180 -25.77 5.23 7.97
C ARG D 180 -25.46 4.15 9.00
N GLU D 181 -24.70 3.15 8.58
CA GLU D 181 -24.26 2.10 9.48
C GLU D 181 -22.78 2.28 9.85
N GLY D 182 -22.53 2.68 11.09
CA GLY D 182 -21.17 2.88 11.55
C GLY D 182 -20.85 4.34 11.80
N VAL D 183 -19.90 4.59 12.70
CA VAL D 183 -19.51 5.94 13.04
C VAL D 183 -18.32 6.40 12.18
N ILE D 184 -17.88 5.54 11.27
CA ILE D 184 -16.89 5.91 10.28
C ILE D 184 -17.52 5.76 8.90
N ILE D 185 -17.52 6.86 8.14
CA ILE D 185 -18.27 6.91 6.90
C ILE D 185 -17.41 7.29 5.70
N ARG D 186 -17.90 6.93 4.50
CA ARG D 186 -17.22 7.31 3.26
C ARG D 186 -17.50 8.76 2.92
N ALA D 187 -16.50 9.44 2.37
CA ALA D 187 -16.65 10.85 2.01
C ALA D 187 -16.02 11.15 0.65
N SER D 188 -16.48 12.23 0.03
CA SER D 188 -15.98 12.65 -1.27
C SER D 188 -14.65 13.39 -1.13
N GLN D 189 -13.79 13.27 -2.14
CA GLN D 189 -12.47 13.87 -2.12
C GLN D 189 -12.52 15.39 -2.24
N GLU D 190 -13.70 15.93 -2.53
CA GLU D 190 -13.87 17.37 -2.67
C GLU D 190 -14.10 18.03 -1.32
N LYS D 191 -14.88 17.38 -0.46
CA LYS D 191 -15.11 17.89 0.88
C LYS D 191 -13.94 17.57 1.80
N LEU D 192 -13.30 16.43 1.59
CA LEU D 192 -12.16 16.04 2.39
C LEU D 192 -10.97 16.95 2.11
N ARG D 193 -10.87 17.43 0.87
CA ARG D 193 -9.82 18.36 0.50
C ARG D 193 -10.08 19.74 1.09
N ALA D 194 -11.36 20.11 1.13
CA ALA D 194 -11.75 21.41 1.67
C ALA D 194 -11.42 21.50 3.15
N LEU D 195 -11.59 20.38 3.85
CA LEU D 195 -11.35 20.34 5.29
C LEU D 195 -9.87 20.15 5.61
N SER D 196 -9.01 20.74 4.79
CA SER D 196 -7.57 20.66 5.00
C SER D 196 -6.89 21.98 4.65
N GLY D 213 1.61 23.63 21.24
CA GLY D 213 0.22 23.26 21.09
C GLY D 213 -0.05 22.50 19.80
N GLY D 214 0.89 22.59 18.87
CA GLY D 214 0.78 21.89 17.61
C GLY D 214 1.26 20.46 17.73
N PRO D 215 1.27 19.72 16.61
CA PRO D 215 1.71 18.32 16.59
C PRO D 215 3.18 18.19 16.98
N ILE D 216 3.51 17.12 17.70
CA ILE D 216 4.89 16.86 18.07
C ILE D 216 5.46 15.77 17.16
N SER D 217 6.43 16.14 16.33
CA SER D 217 7.06 15.18 15.43
C SER D 217 8.12 14.37 16.15
N LEU D 218 7.86 13.08 16.31
CA LEU D 218 8.76 12.20 17.04
C LEU D 218 10.17 12.18 16.45
N LYS D 219 10.23 12.14 15.11
CA LYS D 219 11.52 12.04 14.42
C LYS D 219 12.31 13.36 14.41
N SER D 220 11.90 14.31 15.23
CA SER D 220 12.59 15.59 15.31
C SER D 220 12.90 15.95 16.75
N GLN D 221 12.74 14.98 17.64
CA GLN D 221 12.99 15.19 19.06
C GLN D 221 14.48 15.33 19.35
N ARG D 222 14.81 16.20 20.29
CA ARG D 222 16.19 16.43 20.69
C ARG D 222 16.71 15.26 21.52
N SER D 223 15.80 14.58 22.21
CA SER D 223 16.17 13.37 22.93
C SER D 223 16.13 12.17 22.00
N SER D 224 17.24 11.90 21.33
CA SER D 224 17.28 10.82 20.34
C SER D 224 18.65 10.18 20.25
N TYR D 225 18.68 8.91 19.85
CA TYR D 225 19.92 8.20 19.58
C TYR D 225 19.74 7.27 18.40
N SER D 226 20.76 7.22 17.53
CA SER D 226 20.68 6.40 16.34
C SER D 226 22.03 5.75 16.00
N ASN D 227 22.00 4.46 15.71
CA ASN D 227 23.16 3.80 15.14
C ASN D 227 22.78 2.82 14.04
N GLN D 228 23.70 1.92 13.73
CA GLN D 228 23.55 1.01 12.61
C GLN D 228 22.56 -0.12 12.89
N PHE D 229 22.08 -0.19 14.13
CA PHE D 229 21.30 -1.34 14.57
C PHE D 229 19.96 -0.91 15.16
N GLY D 230 19.69 0.38 15.15
CA GLY D 230 18.42 0.87 15.64
C GLY D 230 18.34 2.39 15.72
N GLN D 231 17.14 2.89 15.93
CA GLN D 231 16.91 4.32 16.10
C GLN D 231 15.94 4.56 17.25
N PHE D 232 16.15 5.66 17.97
CA PHE D 232 15.31 5.98 19.12
C PHE D 232 15.00 7.46 19.19
N PHE D 233 13.73 7.79 19.41
CA PHE D 233 13.30 9.16 19.61
C PHE D 233 12.43 9.22 20.86
N GLU D 234 12.48 10.33 21.58
CA GLU D 234 11.64 10.47 22.77
C GLU D 234 11.20 11.92 23.01
N ALA D 235 9.91 12.08 23.27
CA ALA D 235 9.34 13.36 23.64
C ALA D 235 8.92 13.33 25.10
N CYS D 236 9.54 14.19 25.90
CA CYS D 236 9.28 14.27 27.33
C CYS D 236 8.18 15.27 27.65
N PRO D 237 7.52 15.11 28.81
CA PRO D 237 6.59 16.16 29.23
C PRO D 237 7.29 17.50 29.49
N GLU D 238 8.57 17.48 29.83
CA GLU D 238 9.27 18.71 30.19
C GLU D 238 9.39 19.74 29.06
N GLU D 239 9.54 19.29 27.81
CA GLU D 239 9.69 20.25 26.71
C GLU D 239 8.36 20.49 25.98
N HIS D 240 7.36 19.66 26.27
CA HIS D 240 6.08 19.78 25.58
C HIS D 240 4.94 19.93 26.58
N ARG D 241 4.34 21.12 26.59
CA ARG D 241 3.31 21.46 27.56
C ARG D 241 2.10 20.54 27.46
N GLN D 242 1.77 20.11 26.24
CA GLN D 242 0.59 19.29 26.01
C GLN D 242 0.73 17.88 26.58
N LEU D 243 1.95 17.51 26.97
CA LEU D 243 2.19 16.20 27.54
C LEU D 243 2.22 16.26 29.06
N GLN D 244 2.13 17.46 29.62
CA GLN D 244 2.19 17.65 31.06
C GLN D 244 0.84 17.40 31.73
N GLU D 245 -0.22 17.41 30.93
CA GLU D 245 -1.56 17.21 31.47
C GLU D 245 -1.77 15.76 31.89
N MET D 246 -1.38 14.83 31.02
CA MET D 246 -1.46 13.41 31.34
C MET D 246 -0.16 12.95 32.00
N ASP D 247 0.84 13.83 31.98
CA ASP D 247 2.16 13.53 32.53
C ASP D 247 2.70 12.25 31.90
N VAL D 248 3.05 12.33 30.63
CA VAL D 248 3.39 11.14 29.88
C VAL D 248 4.55 11.34 28.90
N LEU D 249 5.40 10.33 28.77
CA LEU D 249 6.42 10.29 27.73
C LEU D 249 5.88 9.56 26.51
N VAL D 250 6.24 10.03 25.33
CA VAL D 250 5.95 9.28 24.11
C VAL D 250 7.23 9.09 23.32
N ASN D 251 7.58 7.83 23.08
CA ASN D 251 8.81 7.53 22.36
C ASN D 251 8.62 6.49 21.26
N TYR D 252 9.62 6.38 20.39
CA TYR D 252 9.57 5.50 19.24
C TYR D 252 10.90 4.78 19.06
N ALA D 253 10.85 3.50 18.74
CA ALA D 253 12.05 2.72 18.57
C ALA D 253 11.95 1.75 17.39
N GLU D 254 12.91 1.84 16.48
CA GLU D 254 13.04 0.86 15.42
C GLU D 254 14.28 0.00 15.66
N ILE D 255 14.05 -1.29 15.90
CA ILE D 255 15.15 -2.22 16.07
C ILE D 255 15.34 -3.02 14.79
N LYS D 256 16.45 -2.77 14.10
CA LYS D 256 16.72 -3.44 12.84
C LYS D 256 16.87 -4.95 13.03
N ARG D 257 16.52 -5.67 11.97
CA ARG D 257 16.63 -7.13 11.89
C ARG D 257 17.91 -7.66 12.53
N GLY D 258 17.80 -8.78 13.24
CA GLY D 258 18.97 -9.40 13.84
C GLY D 258 19.73 -8.54 14.82
N ALA D 259 19.15 -7.40 15.21
CA ALA D 259 19.75 -6.56 16.24
C ALA D 259 18.88 -6.59 17.48
N MET D 260 19.26 -5.80 18.48
CA MET D 260 18.51 -5.78 19.73
C MET D 260 18.71 -4.46 20.46
N MET D 261 17.76 -4.12 21.32
CA MET D 261 17.97 -3.02 22.25
C MET D 261 18.46 -3.59 23.57
N VAL D 262 19.64 -3.13 24.00
CA VAL D 262 20.31 -3.67 25.18
C VAL D 262 19.44 -3.57 26.43
N PRO D 263 19.63 -4.52 27.36
CA PRO D 263 18.90 -4.53 28.64
C PRO D 263 18.95 -3.19 29.36
N HIS D 264 17.78 -2.72 29.78
CA HIS D 264 17.66 -1.42 30.43
C HIS D 264 16.40 -1.37 31.27
N TYR D 265 16.27 -0.34 32.10
CA TYR D 265 15.05 -0.18 32.88
C TYR D 265 14.72 1.30 33.07
N ASN D 266 13.43 1.58 33.26
CA ASN D 266 13.00 2.93 33.54
C ASN D 266 12.89 3.17 35.03
N SER D 267 13.44 4.29 35.48
CA SER D 267 13.46 4.63 36.90
C SER D 267 12.07 4.88 37.45
N LYS D 268 11.21 5.49 36.63
CA LYS D 268 9.95 6.02 37.13
C LYS D 268 8.77 5.75 36.21
N ALA D 269 9.00 5.74 34.91
CA ALA D 269 7.92 5.62 33.94
C ALA D 269 7.49 4.17 33.72
N THR D 270 6.18 3.99 33.61
CA THR D 270 5.60 2.71 33.18
C THR D 270 5.22 2.82 31.72
N VAL D 271 5.95 2.12 30.85
CA VAL D 271 5.76 2.30 29.42
C VAL D 271 4.79 1.28 28.82
N VAL D 272 3.75 1.80 28.17
CA VAL D 272 2.85 0.97 27.38
C VAL D 272 3.30 0.97 25.93
N VAL D 273 3.71 -0.20 25.44
CA VAL D 273 4.31 -0.29 24.11
C VAL D 273 3.37 -0.93 23.09
N TYR D 274 3.24 -0.29 21.94
CA TYR D 274 2.44 -0.83 20.84
C TYR D 274 3.35 -1.20 19.67
N VAL D 275 3.17 -2.40 19.14
CA VAL D 275 3.98 -2.85 18.01
C VAL D 275 3.44 -2.28 16.71
N VAL D 276 4.15 -1.29 16.18
CA VAL D 276 3.73 -0.62 14.95
C VAL D 276 3.90 -1.54 13.73
N GLU D 277 5.09 -2.10 13.57
CA GLU D 277 5.34 -2.99 12.43
C GLU D 277 6.49 -3.96 12.71
N GLY D 278 6.36 -5.18 12.19
CA GLY D 278 7.42 -6.17 12.27
C GLY D 278 7.15 -7.28 13.26
N THR D 279 8.19 -8.07 13.54
CA THR D 279 8.11 -9.13 14.52
C THR D 279 9.34 -9.13 15.41
N GLY D 280 9.28 -9.89 16.50
CA GLY D 280 10.40 -9.96 17.44
C GLY D 280 9.96 -10.57 18.76
N ARG D 281 10.69 -10.23 19.82
CA ARG D 281 10.38 -10.74 21.14
C ARG D 281 11.01 -9.87 22.22
N PHE D 282 10.48 -9.95 23.45
CA PHE D 282 11.08 -9.24 24.56
C PHE D 282 11.28 -10.16 25.75
N GLU D 283 12.32 -9.89 26.52
CA GLU D 283 12.56 -10.60 27.78
C GLU D 283 12.61 -9.59 28.92
N MET D 284 11.91 -9.89 30.01
CA MET D 284 11.83 -8.96 31.13
C MET D 284 12.12 -9.66 32.46
N ALA D 285 12.93 -9.01 33.30
CA ALA D 285 13.23 -9.51 34.62
C ALA D 285 12.18 -9.03 35.62
N CYS D 286 11.30 -9.95 36.03
CA CYS D 286 10.16 -9.59 36.88
C CYS D 286 10.25 -10.21 38.27
N PRO D 287 10.23 -9.38 39.32
CA PRO D 287 10.29 -9.81 40.71
C PRO D 287 8.93 -10.05 41.34
N HIS D 288 7.89 -10.14 40.52
CA HIS D 288 6.54 -10.41 41.00
C HIS D 288 6.17 -11.86 40.70
N ASP D 289 4.91 -12.22 40.90
CA ASP D 289 4.44 -13.57 40.59
C ASP D 289 3.18 -13.49 39.74
N GLN D 312 14.03 -15.31 43.36
CA GLN D 312 13.15 -14.16 43.48
C GLN D 312 12.63 -13.70 42.13
N PHE D 313 13.57 -13.46 41.20
CA PHE D 313 13.21 -12.96 39.88
C PHE D 313 12.66 -14.06 38.98
N GLN D 314 12.14 -13.68 37.83
CA GLN D 314 11.53 -14.61 36.90
C GLN D 314 11.54 -14.06 35.48
N LYS D 315 11.67 -14.94 34.49
CA LYS D 315 11.77 -14.48 33.11
C LYS D 315 10.40 -14.33 32.47
N VAL D 316 10.00 -13.08 32.26
CA VAL D 316 8.79 -12.77 31.54
C VAL D 316 9.17 -12.50 30.08
N THR D 317 8.57 -13.26 29.17
CA THR D 317 8.90 -13.13 27.77
C THR D 317 7.71 -13.39 26.86
N ALA D 318 7.77 -12.83 25.65
CA ALA D 318 6.73 -13.01 24.65
C ALA D 318 7.25 -12.66 23.26
N ARG D 319 6.72 -13.35 22.26
CA ARG D 319 7.04 -13.04 20.87
C ARG D 319 6.13 -11.91 20.38
N LEU D 320 6.72 -10.92 19.73
CA LEU D 320 5.99 -9.72 19.34
C LEU D 320 5.57 -9.75 17.87
N ALA D 321 4.35 -9.29 17.61
CA ALA D 321 3.85 -9.11 16.26
C ALA D 321 3.02 -7.82 16.22
N ARG D 322 2.64 -7.37 15.03
CA ARG D 322 1.86 -6.14 14.90
C ARG D 322 0.54 -6.19 15.65
N GLY D 323 0.20 -5.08 16.30
CA GLY D 323 -1.06 -4.97 17.01
C GLY D 323 -0.92 -5.34 18.47
N ASP D 324 0.20 -5.98 18.79
CA ASP D 324 0.47 -6.39 20.16
C ASP D 324 0.74 -5.20 21.06
N ILE D 325 0.41 -5.37 22.34
CA ILE D 325 0.70 -4.36 23.35
C ILE D 325 1.32 -5.05 24.56
N PHE D 326 2.41 -4.49 25.07
CA PHE D 326 2.97 -5.00 26.31
C PHE D 326 3.40 -3.86 27.23
N VAL D 327 3.40 -4.13 28.53
CA VAL D 327 3.62 -3.09 29.53
C VAL D 327 4.94 -3.30 30.28
N ILE D 328 5.71 -2.22 30.42
CA ILE D 328 6.97 -2.25 31.14
C ILE D 328 6.90 -1.39 32.39
N PRO D 329 6.49 -2.00 33.51
CA PRO D 329 6.42 -1.27 34.79
C PRO D 329 7.80 -0.76 35.20
N ALA D 330 7.84 0.38 35.88
CA ALA D 330 9.10 1.01 36.28
C ALA D 330 9.96 0.05 37.09
N GLY D 331 11.28 0.11 36.87
CA GLY D 331 12.21 -0.71 37.60
C GLY D 331 12.56 -2.02 36.90
N HIS D 332 11.63 -2.53 36.09
CA HIS D 332 11.83 -3.78 35.37
C HIS D 332 12.90 -3.66 34.29
N PRO D 333 13.96 -4.49 34.38
CA PRO D 333 14.95 -4.57 33.31
C PRO D 333 14.38 -5.26 32.07
N ILE D 334 14.51 -4.62 30.92
CA ILE D 334 13.89 -5.11 29.70
C ILE D 334 14.88 -5.17 28.53
N ALA D 335 14.82 -6.26 27.77
CA ALA D 335 15.61 -6.39 26.55
C ALA D 335 14.69 -6.81 25.40
N ILE D 336 14.87 -6.18 24.24
CA ILE D 336 14.03 -6.47 23.09
C ILE D 336 14.85 -6.80 21.86
N THR D 337 14.57 -7.95 21.25
CA THR D 337 15.27 -8.38 20.04
C THR D 337 14.31 -8.40 18.85
N ALA D 338 14.75 -7.84 17.73
CA ALA D 338 13.98 -7.93 16.50
C ALA D 338 14.05 -9.34 15.95
N SER D 339 13.30 -9.61 14.88
CA SER D 339 13.40 -10.89 14.21
C SER D 339 14.67 -10.88 13.38
N GLN D 340 15.10 -12.05 12.92
CA GLN D 340 16.30 -12.12 12.10
C GLN D 340 15.99 -11.80 10.64
N ASN D 341 14.71 -11.62 10.34
CA ASN D 341 14.30 -11.38 8.96
C ASN D 341 13.69 -10.00 8.70
N GLU D 342 13.10 -9.39 9.72
CA GLU D 342 12.53 -8.06 9.55
C GLU D 342 12.73 -7.15 10.75
N ASN D 343 12.69 -5.84 10.51
CA ASN D 343 12.81 -4.84 11.55
C ASN D 343 11.65 -4.90 12.54
N LEU D 344 11.86 -4.33 13.72
CA LEU D 344 10.80 -4.21 14.71
C LEU D 344 10.59 -2.75 15.05
N ARG D 345 9.37 -2.26 14.89
CA ARG D 345 9.09 -0.85 15.14
C ARG D 345 8.03 -0.69 16.22
N LEU D 346 8.38 0.08 17.25
CA LEU D 346 7.55 0.20 18.43
C LEU D 346 7.26 1.66 18.78
N VAL D 347 6.08 1.91 19.34
CA VAL D 347 5.77 3.21 19.90
C VAL D 347 5.39 3.00 21.37
N GLY D 348 5.78 3.93 22.23
CA GLY D 348 5.57 3.74 23.66
C GLY D 348 5.06 4.96 24.40
N PHE D 349 4.13 4.72 25.32
CA PHE D 349 3.61 5.77 26.19
C PHE D 349 4.20 5.65 27.59
N GLY D 350 4.91 6.68 28.04
CA GLY D 350 5.54 6.65 29.35
C GLY D 350 4.69 7.28 30.43
N ILE D 351 3.81 6.48 31.04
CA ILE D 351 2.99 6.94 32.16
C ILE D 351 3.89 7.34 33.32
N ASN D 352 3.57 8.47 33.96
CA ASN D 352 4.40 9.06 35.01
C ASN D 352 5.81 9.30 34.49
N GLY D 353 5.91 10.00 33.37
CA GLY D 353 7.16 10.13 32.67
C GLY D 353 8.00 11.35 33.01
N LYS D 354 7.47 12.23 33.85
CA LYS D 354 8.21 13.42 34.26
C LYS D 354 9.49 12.98 34.96
N ASN D 355 10.56 13.75 34.77
CA ASN D 355 11.96 13.38 35.06
C ASN D 355 12.24 11.88 35.20
N ASN D 356 11.69 11.08 34.31
CA ASN D 356 12.05 9.65 34.20
C ASN D 356 13.49 9.50 33.74
N GLN D 357 14.14 8.42 34.16
CA GLN D 357 15.53 8.16 33.78
C GLN D 357 15.72 6.75 33.25
N ARG D 358 16.24 6.65 32.03
CA ARG D 358 16.50 5.33 31.44
C ARG D 358 17.91 4.87 31.75
N ASN D 359 18.03 3.77 32.49
CA ASN D 359 19.33 3.23 32.86
C ASN D 359 19.64 1.95 32.08
N PHE D 360 20.74 1.99 31.33
CA PHE D 360 21.13 0.85 30.52
C PHE D 360 22.06 -0.07 31.31
N LEU D 361 21.97 -1.36 31.05
CA LEU D 361 22.78 -2.34 31.77
C LEU D 361 23.92 -2.86 30.90
N ALA D 362 23.92 -2.45 29.63
CA ALA D 362 24.94 -2.87 28.69
C ALA D 362 25.20 -1.79 27.66
N GLY D 363 26.43 -1.75 27.14
CA GLY D 363 26.81 -0.72 26.20
C GLY D 363 27.62 0.36 26.89
N GLN D 364 28.04 1.35 26.12
CA GLN D 364 28.83 2.45 26.66
C GLN D 364 28.00 3.33 27.59
N ASN D 365 26.69 3.13 27.55
CA ASN D 365 25.76 3.91 28.35
C ASN D 365 25.53 3.32 29.74
N ASN D 366 26.01 2.11 29.97
CA ASN D 366 25.60 1.34 31.14
C ASN D 366 26.04 1.96 32.48
N ILE D 367 25.32 1.60 33.54
CA ILE D 367 25.49 2.24 34.86
C ILE D 367 26.57 1.61 35.73
N ILE D 368 26.90 0.34 35.46
CA ILE D 368 27.88 -0.41 36.24
C ILE D 368 29.24 0.24 36.14
N ASN D 369 29.48 0.73 34.95
CA ASN D 369 30.59 1.58 34.57
C ASN D 369 30.76 2.89 35.32
N GLN D 370 29.75 3.22 36.13
CA GLN D 370 29.77 4.42 36.95
C GLN D 370 30.22 4.17 38.38
N LEU D 371 30.19 2.90 38.80
CA LEU D 371 30.66 2.54 40.14
C LEU D 371 32.17 2.77 40.22
N GLU D 372 32.67 3.03 41.42
CA GLU D 372 34.11 3.17 41.61
C GLU D 372 34.74 1.79 41.61
N ARG D 373 36.05 1.74 41.46
CA ARG D 373 36.76 0.48 41.25
C ARG D 373 36.63 -0.49 42.43
N GLU D 374 36.80 0.02 43.65
CA GLU D 374 36.64 -0.81 44.83
C GLU D 374 35.20 -1.25 45.02
N ALA D 375 34.27 -0.41 44.58
CA ALA D 375 32.85 -0.73 44.65
C ALA D 375 32.52 -1.89 43.72
N LYS D 376 33.12 -1.87 42.53
CA LYS D 376 32.95 -2.95 41.57
C LYS D 376 33.47 -4.27 42.16
N GLU D 377 34.69 -4.23 42.68
CA GLU D 377 35.31 -5.40 43.29
C GLU D 377 34.46 -5.98 44.41
N LEU D 378 34.01 -5.10 45.31
CA LEU D 378 33.26 -5.53 46.49
C LEU D 378 31.87 -6.05 46.13
N SER D 379 31.23 -5.42 45.15
CA SER D 379 29.86 -5.78 44.78
C SER D 379 29.77 -7.12 44.04
N PHE D 380 30.67 -7.33 43.08
CA PHE D 380 30.58 -8.49 42.20
C PHE D 380 31.51 -9.63 42.60
N ASN D 381 32.32 -9.39 43.62
CA ASN D 381 33.26 -10.39 44.14
C ASN D 381 34.26 -10.85 43.06
N MET D 382 34.80 -9.88 42.34
CA MET D 382 35.79 -10.14 41.30
C MET D 382 36.81 -9.02 41.29
N PRO D 383 38.05 -9.31 40.86
CA PRO D 383 39.01 -8.20 40.77
C PRO D 383 38.58 -7.16 39.75
N ARG D 384 39.09 -5.94 39.89
CA ARG D 384 38.71 -4.82 39.06
C ARG D 384 38.78 -5.12 37.57
N GLU D 385 39.79 -5.88 37.17
CA GLU D 385 40.10 -6.07 35.76
C GLU D 385 39.21 -7.12 35.07
N GLU D 386 38.63 -8.03 35.84
CA GLU D 386 37.73 -9.03 35.26
C GLU D 386 36.31 -8.48 35.13
N ILE D 387 36.00 -7.45 35.91
CA ILE D 387 34.69 -6.82 35.87
C ILE D 387 34.62 -5.77 34.75
N GLU D 388 35.63 -4.92 34.71
CA GLU D 388 35.74 -3.90 33.68
C GLU D 388 35.67 -4.52 32.29
N GLU D 389 36.23 -5.71 32.14
CA GLU D 389 36.25 -6.37 30.84
C GLU D 389 34.87 -6.79 30.36
N ILE D 390 33.93 -6.90 31.30
CA ILE D 390 32.59 -7.37 30.96
C ILE D 390 31.66 -6.23 30.56
N PHE D 391 31.79 -5.11 31.25
CA PHE D 391 30.89 -3.98 31.02
C PHE D 391 31.59 -2.84 30.27
N GLU D 392 32.74 -3.13 29.66
CA GLU D 392 33.45 -2.12 28.87
C GLU D 392 33.96 -2.68 27.54
N ARG D 393 33.40 -3.78 27.07
CA ARG D 393 33.81 -4.34 25.79
C ARG D 393 32.72 -4.17 24.74
N GLN D 394 31.61 -3.53 25.12
CA GLN D 394 30.58 -3.18 24.14
C GLN D 394 30.83 -1.76 23.65
N VAL D 395 30.97 -1.61 22.34
CA VAL D 395 31.43 -0.35 21.75
C VAL D 395 30.26 0.56 21.37
N GLU D 396 29.10 -0.04 21.07
CA GLU D 396 27.92 0.74 20.76
C GLU D 396 27.03 0.89 22.00
N SER D 397 25.95 1.66 21.86
CA SER D 397 24.96 1.81 22.93
C SER D 397 23.58 1.44 22.40
N TYR D 398 22.55 1.71 23.20
CA TYR D 398 21.16 1.43 22.86
C TYR D 398 20.94 0.12 22.09
N PHE D 399 21.44 0.07 20.86
CA PHE D 399 21.20 -1.06 19.98
C PHE D 399 22.47 -1.79 19.57
N VAL D 400 22.46 -3.11 19.68
CA VAL D 400 23.56 -3.94 19.25
C VAL D 400 23.05 -5.11 18.40
N PRO D 401 23.90 -5.62 17.49
CA PRO D 401 23.54 -6.76 16.64
C PRO D 401 23.62 -8.10 17.37
N MET D 402 22.73 -9.02 17.02
CA MET D 402 22.75 -10.37 17.55
C MET D 402 23.83 -11.19 16.85
N GLU D 403 23.72 -12.51 16.91
CA GLU D 403 24.65 -13.39 16.22
C GLU D 403 23.97 -14.13 15.07
N ASN E 11 -5.05 -0.63 69.78
CA ASN E 11 -4.43 0.55 69.18
C ASN E 11 -4.13 0.31 67.70
N PRO E 12 -4.88 1.00 66.83
CA PRO E 12 -4.78 0.88 65.36
C PRO E 12 -3.60 1.65 64.76
N TYR E 13 -2.99 2.56 65.51
CA TYR E 13 -1.93 3.40 64.96
C TYR E 13 -0.55 3.02 65.46
N TYR E 14 -0.46 1.97 66.26
CA TYR E 14 0.81 1.60 66.89
C TYR E 14 1.35 0.28 66.34
N PHE E 15 2.61 0.31 65.91
CA PHE E 15 3.27 -0.88 65.38
C PHE E 15 4.54 -1.19 66.18
N HIS E 16 4.46 -2.20 67.04
CA HIS E 16 5.59 -2.59 67.87
C HIS E 16 6.69 -3.22 67.04
N SER E 17 7.93 -3.01 67.45
CA SER E 17 9.11 -3.40 66.66
C SER E 17 9.17 -4.89 66.34
N GLN E 18 8.55 -5.72 67.18
CA GLN E 18 8.56 -7.16 66.95
C GLN E 18 7.55 -7.58 65.89
N GLY E 19 6.90 -6.59 65.27
CA GLY E 19 5.96 -6.85 64.20
C GLY E 19 6.62 -6.66 62.85
N LEU E 20 7.80 -6.05 62.85
CA LEU E 20 8.57 -5.86 61.63
C LEU E 20 8.95 -7.19 61.01
N ARG E 21 8.87 -7.26 59.68
CA ARG E 21 9.29 -8.46 58.95
C ARG E 21 10.77 -8.33 58.58
N SER E 22 11.55 -9.35 58.92
CA SER E 22 12.98 -9.32 58.68
C SER E 22 13.33 -9.99 57.34
N ARG E 23 14.27 -9.39 56.62
CA ARG E 23 14.74 -9.97 55.36
C ARG E 23 15.56 -11.22 55.63
N HIS E 24 15.22 -12.29 54.93
CA HIS E 24 15.96 -13.54 55.04
C HIS E 24 17.37 -13.39 54.48
N GLU E 25 18.35 -13.88 55.24
CA GLU E 25 19.74 -13.95 54.79
C GLU E 25 20.32 -12.57 54.42
N SER E 26 20.30 -11.64 55.37
CA SER E 26 20.81 -10.30 55.11
C SER E 26 22.32 -10.23 55.33
N GLY E 27 22.82 -11.10 56.21
CA GLY E 27 24.25 -11.20 56.44
C GLY E 27 24.78 -10.34 57.58
N GLU E 28 25.77 -9.51 57.26
CA GLU E 28 26.47 -8.72 58.27
C GLU E 28 25.66 -7.49 58.68
N GLY E 29 24.43 -7.73 59.09
CA GLY E 29 23.49 -6.68 59.43
C GLY E 29 22.07 -7.20 59.28
N GLU E 30 21.10 -6.29 59.17
CA GLU E 30 19.71 -6.71 59.08
C GLU E 30 18.82 -5.66 58.43
N VAL E 31 17.87 -6.13 57.62
CA VAL E 31 16.92 -5.25 56.96
C VAL E 31 15.50 -5.58 57.39
N LYS E 32 14.80 -4.59 57.94
CA LYS E 32 13.45 -4.81 58.45
C LYS E 32 12.41 -4.05 57.65
N TYR E 33 11.26 -4.69 57.42
CA TYR E 33 10.20 -4.10 56.62
C TYR E 33 8.92 -3.95 57.44
N LEU E 34 8.39 -2.74 57.50
CA LEU E 34 7.09 -2.50 58.11
C LEU E 34 5.99 -2.95 57.16
N GLU E 35 4.94 -3.54 57.70
CA GLU E 35 3.82 -4.02 56.91
C GLU E 35 3.11 -2.86 56.22
N ARG E 36 2.17 -3.20 55.34
CA ARG E 36 1.32 -2.19 54.75
C ARG E 36 0.46 -1.58 55.85
N PHE E 37 0.27 -0.27 55.79
CA PHE E 37 -0.51 0.42 56.81
C PHE E 37 -1.97 -0.04 56.82
N THR E 38 -2.40 -0.63 55.70
CA THR E 38 -3.79 -1.02 55.53
C THR E 38 -4.03 -2.50 55.79
N GLU E 39 -3.03 -3.20 56.31
CA GLU E 39 -3.13 -4.64 56.46
C GLU E 39 -3.97 -5.06 57.66
N ARG E 40 -3.73 -4.44 58.81
CA ARG E 40 -4.46 -4.79 60.02
C ARG E 40 -5.61 -3.83 60.32
N THR E 41 -5.60 -2.67 59.67
CA THR E 41 -6.66 -1.69 59.88
C THR E 41 -6.98 -0.89 58.63
N GLU E 42 -8.16 -0.31 58.60
CA GLU E 42 -8.61 0.49 57.46
C GLU E 42 -8.49 1.97 57.75
N LEU E 43 -8.05 2.31 58.96
CA LEU E 43 -7.98 3.70 59.39
C LEU E 43 -6.78 4.43 58.79
N LEU E 44 -5.93 3.70 58.08
CA LEU E 44 -4.75 4.29 57.48
C LEU E 44 -4.74 4.11 55.97
N ARG E 45 -5.92 3.90 55.39
CA ARG E 45 -6.07 3.76 53.95
C ARG E 45 -5.54 4.98 53.20
N GLY E 46 -5.53 6.13 53.88
CA GLY E 46 -5.04 7.36 53.28
C GLY E 46 -3.55 7.36 52.96
N ILE E 47 -2.79 6.51 53.62
CA ILE E 47 -1.34 6.47 53.39
C ILE E 47 -0.85 5.08 52.97
N GLU E 48 -1.70 4.36 52.23
CA GLU E 48 -1.39 3.01 51.75
C GLU E 48 -0.10 2.94 50.96
N ASN E 49 0.15 3.97 50.15
CA ASN E 49 1.31 3.97 49.25
C ASN E 49 2.59 4.46 49.93
N TYR E 50 2.78 4.08 51.19
CA TYR E 50 4.00 4.42 51.90
C TYR E 50 4.49 3.25 52.73
N ARG E 51 5.79 2.99 52.66
CA ARG E 51 6.40 1.87 53.36
C ARG E 51 7.61 2.33 54.15
N VAL E 52 7.86 1.66 55.29
CA VAL E 52 9.03 1.97 56.11
C VAL E 52 10.02 0.81 56.07
N VAL E 53 11.28 1.12 55.78
CA VAL E 53 12.33 0.11 55.76
C VAL E 53 13.51 0.55 56.63
N ILE E 54 13.94 -0.35 57.50
CA ILE E 54 15.05 -0.06 58.41
C ILE E 54 16.27 -0.92 58.08
N LEU E 55 17.40 -0.25 57.87
CA LEU E 55 18.65 -0.95 57.54
C LEU E 55 19.66 -0.88 58.68
N GLU E 56 20.19 -2.03 59.05
CA GLU E 56 21.29 -2.10 60.01
C GLU E 56 22.52 -2.72 59.36
N ALA E 57 23.66 -2.05 59.50
CA ALA E 57 24.91 -2.59 58.98
C ALA E 57 25.97 -2.66 60.07
N ASN E 58 26.52 -3.85 60.29
CA ASN E 58 27.60 -4.05 61.25
C ASN E 58 28.82 -3.19 60.91
N PRO E 59 29.75 -3.03 61.87
CA PRO E 59 30.96 -2.26 61.55
C PRO E 59 31.76 -2.88 60.41
N ASN E 60 32.41 -2.05 59.61
CA ASN E 60 33.17 -2.49 58.45
C ASN E 60 32.35 -3.36 57.50
N THR E 61 31.26 -2.80 56.99
CA THR E 61 30.40 -3.54 56.07
C THR E 61 30.11 -2.79 54.78
N PHE E 62 29.70 -3.54 53.77
CA PHE E 62 29.36 -2.99 52.46
C PHE E 62 28.02 -3.54 52.02
N VAL E 63 27.03 -2.67 51.84
CA VAL E 63 25.71 -3.11 51.39
C VAL E 63 25.68 -3.17 49.86
N LEU E 64 25.41 -4.36 49.33
CA LEU E 64 25.42 -4.59 47.89
C LEU E 64 24.45 -3.66 47.16
N PRO E 65 24.81 -3.25 45.94
CA PRO E 65 24.01 -2.30 45.15
C PRO E 65 22.67 -2.85 44.70
N TYR E 66 21.67 -1.97 44.69
CA TYR E 66 20.34 -2.30 44.18
C TYR E 66 19.54 -1.02 43.95
N HIS E 67 18.42 -1.15 43.24
CA HIS E 67 17.51 -0.03 43.06
C HIS E 67 16.09 -0.49 43.34
N LYS E 68 15.19 0.46 43.61
CA LYS E 68 13.80 0.11 43.87
C LYS E 68 12.84 0.89 42.98
N ASP E 69 11.66 0.32 42.77
CA ASP E 69 10.58 1.01 42.08
C ASP E 69 9.82 1.89 43.07
N ALA E 70 10.57 2.74 43.77
CA ALA E 70 10.00 3.58 44.82
C ALA E 70 10.94 4.73 45.17
N GLU E 71 10.37 5.90 45.43
CA GLU E 71 11.13 7.02 45.95
C GLU E 71 11.49 6.76 47.40
N SER E 72 12.57 7.36 47.89
CA SER E 72 13.00 7.13 49.25
C SER E 72 13.53 8.40 49.93
N VAL E 73 13.12 8.59 51.18
CA VAL E 73 13.76 9.58 52.04
C VAL E 73 14.43 8.83 53.19
N ILE E 74 15.72 9.06 53.36
CA ILE E 74 16.50 8.30 54.33
C ILE E 74 16.98 9.17 55.48
N VAL E 75 16.83 8.67 56.71
CA VAL E 75 17.35 9.34 57.89
C VAL E 75 18.33 8.44 58.63
N VAL E 76 19.52 8.95 58.90
CA VAL E 76 20.51 8.20 59.67
C VAL E 76 20.23 8.33 61.16
N THR E 77 19.87 7.22 61.79
CA THR E 77 19.47 7.23 63.18
C THR E 77 20.54 6.68 64.13
N ARG E 78 21.64 6.20 63.56
CA ARG E 78 22.73 5.65 64.36
C ARG E 78 24.01 5.49 63.54
N GLY E 79 25.10 6.07 64.05
CA GLY E 79 26.41 5.91 63.43
C GLY E 79 26.69 6.85 62.27
N ARG E 80 27.58 6.43 61.39
CA ARG E 80 27.91 7.17 60.18
C ARG E 80 27.91 6.25 58.98
N ALA E 81 27.87 6.82 57.78
CA ALA E 81 27.91 6.02 56.56
C ALA E 81 28.28 6.83 55.33
N THR E 82 28.74 6.13 54.30
CA THR E 82 28.89 6.70 52.98
C THR E 82 27.83 6.11 52.08
N LEU E 83 26.91 6.95 51.62
CA LEU E 83 25.88 6.48 50.69
C LEU E 83 26.21 6.95 49.29
N THR E 84 26.21 6.00 48.36
CA THR E 84 26.49 6.32 46.96
C THR E 84 25.42 5.72 46.07
N PHE E 85 24.85 6.53 45.18
CA PHE E 85 23.91 6.00 44.21
C PHE E 85 24.23 6.48 42.80
N VAL E 86 23.99 5.60 41.83
CA VAL E 86 24.27 5.88 40.44
C VAL E 86 22.97 6.06 39.67
N SER E 87 22.93 7.06 38.81
CA SER E 87 21.79 7.26 37.91
C SER E 87 22.26 7.64 36.52
N GLN E 88 21.89 6.86 35.50
CA GLN E 88 22.32 7.07 34.12
C GLN E 88 23.85 6.96 34.02
N GLU E 89 24.50 8.12 33.97
CA GLU E 89 25.94 8.22 33.94
C GLU E 89 26.40 9.13 35.06
N ARG E 90 25.49 9.45 35.98
CA ARG E 90 25.79 10.30 37.13
C ARG E 90 25.99 9.50 38.41
N ARG E 91 26.94 9.93 39.23
CA ARG E 91 27.18 9.31 40.52
C ARG E 91 27.18 10.36 41.61
N GLU E 92 26.44 10.08 42.69
CA GLU E 92 26.45 10.95 43.85
C GLU E 92 26.87 10.15 45.08
N SER E 93 27.83 10.70 45.82
CA SER E 93 28.33 10.05 47.03
C SER E 93 28.32 11.02 48.20
N PHE E 94 27.87 10.56 49.36
CA PHE E 94 27.76 11.44 50.52
C PHE E 94 28.18 10.75 51.81
N ASN E 95 28.94 11.46 52.63
CA ASN E 95 29.24 10.99 53.96
C ASN E 95 28.16 11.46 54.93
N LEU E 96 27.38 10.51 55.44
CA LEU E 96 26.25 10.81 56.30
C LEU E 96 26.57 10.51 57.75
N GLU E 97 26.20 11.41 58.64
CA GLU E 97 26.26 11.12 60.06
C GLU E 97 24.86 11.22 60.68
N TYR E 98 24.79 10.98 61.98
CA TYR E 98 23.54 10.94 62.73
C TYR E 98 22.67 12.17 62.48
N GLY E 99 21.43 11.95 62.06
CA GLY E 99 20.49 13.03 61.84
C GLY E 99 20.52 13.62 60.44
N ASP E 100 21.36 13.08 59.58
CA ASP E 100 21.42 13.54 58.19
C ASP E 100 20.29 12.92 57.40
N VAL E 101 19.69 13.71 56.51
CA VAL E 101 18.55 13.26 55.74
C VAL E 101 18.78 13.43 54.24
N ILE E 102 18.55 12.37 53.47
CA ILE E 102 18.69 12.45 52.02
C ILE E 102 17.60 11.72 51.25
N ARG E 103 17.38 12.16 50.02
CA ARG E 103 16.48 11.50 49.10
C ARG E 103 17.28 10.62 48.14
N VAL E 104 16.82 9.39 47.94
CA VAL E 104 17.36 8.54 46.90
C VAL E 104 16.31 8.36 45.83
N PRO E 105 16.52 8.99 44.66
CA PRO E 105 15.56 8.95 43.56
C PRO E 105 15.20 7.53 43.15
N ALA E 106 13.96 7.32 42.70
CA ALA E 106 13.54 6.01 42.22
C ALA E 106 14.42 5.59 41.04
N GLY E 107 14.78 4.31 41.01
CA GLY E 107 15.56 3.77 39.90
C GLY E 107 17.05 3.95 40.06
N ALA E 108 17.46 4.79 41.00
CA ALA E 108 18.89 4.99 41.26
C ALA E 108 19.48 3.77 41.95
N THR E 109 20.62 3.29 41.45
CA THR E 109 21.29 2.13 42.03
C THR E 109 22.13 2.54 43.24
N GLU E 110 21.77 2.01 44.40
CA GLU E 110 22.32 2.49 45.66
C GLU E 110 23.13 1.44 46.44
N TYR E 111 24.28 1.84 46.98
CA TYR E 111 25.02 1.01 47.91
C TYR E 111 25.57 1.85 49.07
N VAL E 112 25.77 1.22 50.22
CA VAL E 112 26.14 1.93 51.44
C VAL E 112 27.44 1.40 52.07
N ILE E 113 28.27 2.30 52.56
CA ILE E 113 29.52 1.93 53.23
C ILE E 113 29.50 2.31 54.71
N ASN E 114 29.78 1.33 55.56
CA ASN E 114 29.98 1.59 56.98
C ASN E 114 31.44 1.36 57.36
N GLN E 115 32.26 2.41 57.26
CA GLN E 115 33.70 2.25 57.49
C GLN E 115 34.08 2.42 58.95
N ASP E 116 33.08 2.58 59.81
CA ASP E 116 33.35 2.71 61.24
C ASP E 116 33.56 1.32 61.83
N SER E 117 34.55 1.18 62.71
CA SER E 117 34.94 -0.12 63.23
C SER E 117 34.22 -0.48 64.52
N ASN E 118 33.59 0.50 65.15
CA ASN E 118 32.96 0.28 66.45
C ASN E 118 31.45 0.36 66.43
N GLU E 119 30.89 1.50 66.02
CA GLU E 119 29.44 1.63 66.09
C GLU E 119 28.72 1.29 64.80
N ARG E 120 27.66 0.52 64.99
CA ARG E 120 26.77 0.03 63.94
C ARG E 120 26.01 1.17 63.27
N LEU E 121 25.71 0.99 61.98
CA LEU E 121 24.92 1.95 61.22
C LEU E 121 23.44 1.58 61.22
N GLU E 122 22.58 2.58 61.39
CA GLU E 122 21.14 2.37 61.25
C GLU E 122 20.52 3.44 60.37
N MET E 123 19.69 3.01 59.42
CA MET E 123 19.00 3.92 58.52
C MET E 123 17.50 3.63 58.49
N VAL E 124 16.71 4.68 58.64
CA VAL E 124 15.26 4.56 58.52
C VAL E 124 14.78 5.22 57.23
N LYS E 125 14.02 4.47 56.45
CA LYS E 125 13.60 4.94 55.13
C LYS E 125 12.09 5.01 54.98
N LEU E 126 11.61 6.11 54.42
CA LEU E 126 10.22 6.19 53.99
C LEU E 126 10.16 5.98 52.48
N LEU E 127 9.37 5.00 52.06
CA LEU E 127 9.31 4.65 50.65
C LEU E 127 7.97 5.01 50.02
N GLN E 128 8.02 5.56 48.82
CA GLN E 128 6.82 5.85 48.05
C GLN E 128 6.86 5.15 46.70
N PRO E 129 6.24 3.97 46.61
CA PRO E 129 6.18 3.15 45.39
C PRO E 129 5.69 3.93 44.17
N VAL E 130 6.27 3.65 43.01
CA VAL E 130 5.88 4.33 41.78
C VAL E 130 4.95 3.47 40.93
N ASN E 131 4.93 2.17 41.21
CA ASN E 131 4.05 1.25 40.50
C ASN E 131 2.74 1.04 41.26
N ASN E 132 2.47 -0.19 41.65
CA ASN E 132 1.26 -0.51 42.40
C ASN E 132 1.31 0.11 43.80
N PRO E 133 0.17 0.61 44.29
CA PRO E 133 0.09 1.29 45.58
C PRO E 133 0.56 0.41 46.75
N GLY E 134 1.56 0.90 47.48
CA GLY E 134 2.07 0.21 48.65
C GLY E 134 2.91 -1.00 48.35
N GLN E 135 3.34 -1.14 47.10
CA GLN E 135 4.15 -2.29 46.70
C GLN E 135 5.46 -1.88 46.04
N PHE E 136 6.56 -2.40 46.55
CA PHE E 136 7.87 -2.11 45.98
C PHE E 136 8.74 -3.36 45.94
N ARG E 137 9.76 -3.33 45.10
CA ARG E 137 10.69 -4.44 45.00
C ARG E 137 12.13 -3.95 44.96
N GLU E 138 13.05 -4.81 45.37
CA GLU E 138 14.47 -4.48 45.29
C GLU E 138 15.11 -5.26 44.13
N TYR E 139 15.75 -4.52 43.23
CA TYR E 139 16.39 -5.10 42.06
C TYR E 139 17.90 -5.11 42.22
N TYR E 140 18.48 -6.30 42.41
CA TYR E 140 19.91 -6.41 42.65
C TYR E 140 20.72 -6.69 41.39
N ALA E 141 21.63 -5.77 41.07
CA ALA E 141 22.55 -5.97 39.96
C ALA E 141 23.51 -7.11 40.29
N ALA E 142 23.98 -7.12 41.52
CA ALA E 142 24.82 -8.20 42.02
C ALA E 142 24.11 -8.91 43.16
N GLY E 143 24.12 -10.24 43.13
CA GLY E 143 23.37 -10.98 44.11
C GLY E 143 24.21 -11.72 45.13
N ALA E 144 23.55 -12.67 45.80
CA ALA E 144 24.21 -13.57 46.72
C ALA E 144 23.64 -14.96 46.42
N GLN E 145 23.89 -15.94 47.28
CA GLN E 145 23.30 -17.27 47.08
C GLN E 145 21.79 -17.22 47.34
N SER E 146 21.35 -16.23 48.08
CA SER E 146 19.96 -16.18 48.50
C SER E 146 19.24 -15.08 47.73
N THR E 147 20.02 -14.31 46.99
CA THR E 147 19.48 -13.17 46.27
C THR E 147 19.97 -13.21 44.82
N GLU E 148 19.03 -13.43 43.91
CA GLU E 148 19.33 -13.59 42.51
C GLU E 148 19.47 -12.25 41.81
N SER E 149 20.52 -12.11 41.00
CA SER E 149 20.70 -10.92 40.19
C SER E 149 19.64 -10.90 39.09
N TYR E 150 19.11 -9.72 38.77
CA TYR E 150 18.09 -9.65 37.72
C TYR E 150 18.72 -9.89 36.35
N LEU E 151 20.03 -9.76 36.28
CA LEU E 151 20.76 -10.06 35.05
C LEU E 151 20.80 -11.57 34.77
N ARG E 152 20.69 -12.37 35.82
CA ARG E 152 20.81 -13.82 35.68
C ARG E 152 19.58 -14.41 35.01
N VAL E 153 18.56 -13.57 34.85
CA VAL E 153 17.28 -14.01 34.34
C VAL E 153 17.27 -14.09 32.82
N PHE E 154 18.00 -13.18 32.19
CA PHE E 154 18.04 -13.08 30.74
C PHE E 154 18.62 -14.32 30.08
N SER E 155 18.19 -14.57 28.84
CA SER E 155 18.73 -15.66 28.05
C SER E 155 20.18 -15.35 27.67
N ASN E 156 20.97 -16.39 27.44
CA ASN E 156 22.40 -16.21 27.17
C ASN E 156 22.67 -15.42 25.90
N ASP E 157 21.91 -15.70 24.85
CA ASP E 157 22.11 -15.04 23.56
C ASP E 157 21.99 -13.53 23.67
N ILE E 158 21.07 -13.08 24.52
CA ILE E 158 20.84 -11.66 24.73
C ILE E 158 22.01 -11.00 25.47
N LEU E 159 22.51 -11.67 26.51
CA LEU E 159 23.59 -11.13 27.31
C LEU E 159 24.91 -11.08 26.56
N VAL E 160 25.19 -12.16 25.83
CA VAL E 160 26.43 -12.27 25.08
C VAL E 160 26.49 -11.16 24.02
N ALA E 161 25.36 -10.94 23.35
CA ALA E 161 25.27 -9.93 22.29
C ALA E 161 25.39 -8.51 22.83
N ALA E 162 24.68 -8.23 23.92
CA ALA E 162 24.66 -6.89 24.50
C ALA E 162 26.01 -6.50 25.06
N LEU E 163 26.61 -7.41 25.83
CA LEU E 163 27.88 -7.12 26.50
C LEU E 163 29.10 -7.44 25.63
N ASN E 164 28.86 -8.17 24.54
CA ASN E 164 29.93 -8.64 23.65
C ASN E 164 30.96 -9.45 24.44
N THR E 165 30.47 -10.50 25.10
CA THR E 165 31.29 -11.34 25.98
C THR E 165 30.81 -12.79 25.95
N PRO E 166 31.73 -13.74 25.73
CA PRO E 166 31.40 -15.17 25.59
C PRO E 166 30.78 -15.76 26.85
N ARG E 167 30.08 -16.88 26.68
CA ARG E 167 29.33 -17.53 27.76
C ARG E 167 30.16 -17.80 29.00
N ASP E 168 31.37 -18.28 28.82
CA ASP E 168 32.21 -18.68 29.96
C ASP E 168 32.54 -17.52 30.90
N ARG E 169 32.81 -16.34 30.33
CA ARG E 169 33.17 -15.18 31.13
C ARG E 169 31.96 -14.61 31.86
N LEU E 170 30.79 -14.71 31.23
CA LEU E 170 29.56 -14.27 31.86
C LEU E 170 29.18 -15.21 33.00
N GLU E 171 29.37 -16.50 32.78
CA GLU E 171 28.97 -17.51 33.75
C GLU E 171 29.93 -17.55 34.93
N ARG E 172 31.13 -17.00 34.76
CA ARG E 172 32.07 -16.89 35.85
C ARG E 172 31.75 -15.63 36.64
N PHE E 173 31.20 -14.64 35.92
CA PHE E 173 30.70 -13.42 36.53
C PHE E 173 29.57 -13.73 37.50
N PHE E 174 28.70 -14.66 37.11
CA PHE E 174 27.55 -15.03 37.92
C PHE E 174 27.92 -15.98 39.05
N ASP E 175 28.89 -16.86 38.79
CA ASP E 175 29.33 -17.84 39.78
C ASP E 175 29.99 -17.17 40.98
N GLN E 176 30.71 -16.08 40.72
CA GLN E 176 31.43 -15.37 41.77
C GLN E 176 30.51 -14.64 42.74
N GLN E 177 29.24 -14.50 42.36
CA GLN E 177 28.28 -13.83 43.23
C GLN E 177 27.61 -14.80 44.19
N GLU E 178 27.56 -16.08 43.80
CA GLU E 178 26.90 -17.09 44.62
C GLU E 178 27.83 -17.67 45.68
N GLN E 179 28.94 -17.00 45.93
CA GLN E 179 29.88 -17.45 46.95
C GLN E 179 29.53 -16.78 48.26
N ARG E 180 29.01 -15.57 48.18
CA ARG E 180 28.74 -14.77 49.36
C ARG E 180 27.35 -14.98 49.97
N GLU E 181 27.30 -14.79 51.30
CA GLU E 181 26.09 -14.93 52.11
C GLU E 181 25.47 -13.56 52.42
N GLY E 182 24.37 -13.24 51.75
CA GLY E 182 23.61 -12.04 52.08
C GLY E 182 23.97 -10.80 51.29
N VAL E 183 23.13 -9.77 51.43
CA VAL E 183 23.29 -8.55 50.66
C VAL E 183 24.12 -7.52 51.43
N ILE E 184 24.50 -7.86 52.66
CA ILE E 184 25.45 -7.07 53.42
C ILE E 184 26.68 -7.93 53.73
N ILE E 185 27.85 -7.40 53.38
CA ILE E 185 29.09 -8.19 53.46
C ILE E 185 30.16 -7.53 54.31
N ARG E 186 31.07 -8.35 54.83
CA ARG E 186 32.26 -7.86 55.52
C ARG E 186 33.26 -7.34 54.51
N ALA E 187 33.91 -6.23 54.83
CA ALA E 187 34.89 -5.64 53.93
C ALA E 187 36.13 -5.20 54.69
N SER E 188 37.25 -5.10 53.98
CA SER E 188 38.47 -4.58 54.58
C SER E 188 38.30 -3.09 54.84
N GLN E 189 38.93 -2.58 55.90
CA GLN E 189 38.79 -1.18 56.25
C GLN E 189 39.47 -0.24 55.27
N GLU E 190 40.27 -0.76 54.34
CA GLU E 190 40.92 0.13 53.38
C GLU E 190 40.18 0.22 52.05
N LYS E 191 39.45 -0.83 51.68
CA LYS E 191 38.55 -0.71 50.55
C LYS E 191 37.40 0.20 50.92
N LEU E 192 37.05 0.20 52.21
CA LEU E 192 35.99 1.06 52.72
C LEU E 192 36.47 2.49 52.86
N ARG E 193 37.74 2.65 53.22
CA ARG E 193 38.33 3.98 53.29
C ARG E 193 38.43 4.60 51.90
N ALA E 194 38.74 3.78 50.91
CA ALA E 194 38.89 4.23 49.53
C ALA E 194 37.58 4.77 48.97
N LEU E 195 36.47 4.12 49.33
CA LEU E 195 35.15 4.51 48.84
C LEU E 195 34.53 5.64 49.66
N SER E 196 35.38 6.49 50.22
CA SER E 196 34.92 7.64 51.00
C SER E 196 35.85 8.83 50.82
N GLN E 197 37.04 8.57 50.27
CA GLN E 197 38.01 9.63 50.02
C GLN E 197 37.58 10.48 48.84
N GLY E 213 20.14 16.51 45.33
CA GLY E 213 20.70 17.65 46.02
C GLY E 213 21.88 17.27 46.90
N GLY E 214 21.69 17.39 48.22
CA GLY E 214 22.72 17.03 49.18
C GLY E 214 22.12 16.66 50.51
N PRO E 215 22.95 16.29 51.49
CA PRO E 215 22.48 15.90 52.82
C PRO E 215 21.80 17.06 53.56
N ILE E 216 20.73 16.75 54.27
CA ILE E 216 20.08 17.74 55.13
C ILE E 216 20.42 17.45 56.59
N SER E 217 21.16 18.37 57.20
CA SER E 217 21.50 18.24 58.61
C SER E 217 20.38 18.81 59.48
N LEU E 218 19.67 17.92 60.17
CA LEU E 218 18.54 18.32 61.00
C LEU E 218 18.90 19.34 62.07
N LYS E 219 20.12 19.22 62.59
CA LYS E 219 20.62 20.08 63.66
C LYS E 219 20.91 21.50 63.18
N SER E 220 20.55 21.81 61.94
CA SER E 220 20.86 23.12 61.36
C SER E 220 19.63 23.74 60.71
N GLN E 221 18.47 23.15 60.97
CA GLN E 221 17.23 23.62 60.36
C GLN E 221 16.67 24.86 61.04
N ARG E 222 16.09 25.75 60.24
CA ARG E 222 15.56 27.01 60.74
C ARG E 222 14.31 26.79 61.59
N SER E 223 13.55 25.75 61.27
CA SER E 223 12.34 25.44 62.03
C SER E 223 12.69 24.57 63.24
N SER E 224 12.98 25.22 64.36
CA SER E 224 13.39 24.51 65.57
C SER E 224 13.00 25.27 66.82
N TYR E 225 12.83 24.54 67.92
CA TYR E 225 12.59 25.14 69.22
C TYR E 225 13.36 24.43 70.31
N SER E 226 13.87 25.20 71.27
CA SER E 226 14.73 24.65 72.31
C SER E 226 14.41 25.15 73.71
N ASN E 227 14.31 24.23 74.65
CA ASN E 227 14.35 24.58 76.07
C ASN E 227 14.97 23.45 76.87
N GLN E 228 14.87 23.52 78.19
CA GLN E 228 15.57 22.61 79.07
C GLN E 228 14.85 21.26 79.20
N PHE E 229 13.71 21.13 78.52
CA PHE E 229 12.88 19.95 78.65
C PHE E 229 12.74 19.18 77.34
N GLY E 230 13.33 19.72 76.28
CA GLY E 230 13.26 19.08 74.98
C GLY E 230 13.88 19.85 73.85
N GLN E 231 14.13 19.14 72.75
CA GLN E 231 14.69 19.73 71.54
C GLN E 231 13.85 19.30 70.34
N PHE E 232 13.69 20.19 69.38
CA PHE E 232 12.89 19.87 68.20
C PHE E 232 13.49 20.48 66.95
N PHE E 233 13.66 19.65 65.91
CA PHE E 233 14.16 20.10 64.62
C PHE E 233 13.21 19.65 63.54
N GLU E 234 13.03 20.46 62.50
CA GLU E 234 12.14 20.09 61.40
C GLU E 234 12.59 20.68 60.08
N ALA E 235 12.74 19.81 59.09
CA ALA E 235 13.02 20.22 57.72
C ALA E 235 11.75 20.01 56.90
N CYS E 236 11.16 21.09 56.42
CA CYS E 236 9.93 20.97 55.63
C CYS E 236 10.24 21.12 54.13
N PRO E 237 9.39 20.49 53.28
CA PRO E 237 9.60 20.44 51.83
C PRO E 237 9.73 21.81 51.16
N GLU E 238 9.08 22.84 51.70
CA GLU E 238 9.17 24.17 51.12
C GLU E 238 10.61 24.70 51.05
N GLU E 239 11.43 24.34 52.01
CA GLU E 239 12.82 24.82 52.03
C GLU E 239 13.79 23.86 51.38
N HIS E 240 13.35 22.62 51.14
CA HIS E 240 14.23 21.60 50.59
C HIS E 240 13.60 20.87 49.39
N ARG E 241 14.20 21.05 48.20
CA ARG E 241 13.63 20.48 46.97
C ARG E 241 13.58 18.94 46.99
N GLN E 242 14.69 18.35 47.39
CA GLN E 242 14.80 16.93 47.66
C GLN E 242 13.80 16.30 48.67
N LEU E 243 12.97 17.13 49.28
CA LEU E 243 11.83 16.62 50.04
C LEU E 243 10.51 16.91 49.32
N GLN E 244 10.59 17.60 48.18
CA GLN E 244 9.39 17.99 47.44
C GLN E 244 8.87 16.92 46.50
N GLU E 245 9.73 15.97 46.12
CA GLU E 245 9.31 14.91 45.22
C GLU E 245 8.30 13.99 45.91
N MET E 246 8.58 13.67 47.16
CA MET E 246 7.68 12.84 47.96
C MET E 246 6.72 13.73 48.74
N ASP E 247 6.97 15.03 48.73
CA ASP E 247 6.21 16.02 49.49
C ASP E 247 6.12 15.60 50.95
N VAL E 248 7.24 15.69 51.64
CA VAL E 248 7.34 15.16 52.99
C VAL E 248 8.22 16.07 53.84
N LEU E 249 7.81 16.28 55.09
CA LEU E 249 8.66 16.97 56.05
C LEU E 249 9.31 15.95 56.95
N VAL E 250 10.55 16.20 57.34
CA VAL E 250 11.28 15.32 58.22
C VAL E 250 11.66 16.06 59.49
N ASN E 251 11.26 15.53 60.63
CA ASN E 251 11.55 16.18 61.90
C ASN E 251 12.13 15.25 62.96
N TYR E 252 12.73 15.85 63.98
CA TYR E 252 13.41 15.12 65.04
C TYR E 252 13.04 15.70 66.38
N ALA E 253 12.72 14.84 67.34
CA ALA E 253 12.34 15.31 68.66
C ALA E 253 13.07 14.54 69.76
N GLU E 254 13.76 15.26 70.63
CA GLU E 254 14.29 14.68 71.84
C GLU E 254 13.52 15.20 73.05
N ILE E 255 12.84 14.29 73.74
CA ILE E 255 12.13 14.64 74.96
C ILE E 255 12.94 14.17 76.15
N LYS E 256 13.54 15.12 76.87
CA LYS E 256 14.40 14.79 78.00
C LYS E 256 13.60 14.09 79.09
N ARG E 257 14.29 13.25 79.86
CA ARG E 257 13.64 12.41 80.87
C ARG E 257 12.81 13.22 81.85
N GLY E 258 11.64 12.69 82.20
CA GLY E 258 10.74 13.34 83.12
C GLY E 258 9.90 14.44 82.50
N ALA E 259 10.13 14.71 81.21
CA ALA E 259 9.40 15.77 80.53
C ALA E 259 8.36 15.21 79.56
N MET E 260 7.77 16.09 78.77
CA MET E 260 6.69 15.72 77.85
C MET E 260 6.61 16.72 76.69
N MET E 261 6.29 16.24 75.50
CA MET E 261 5.89 17.15 74.43
C MET E 261 4.40 17.44 74.58
N VAL E 262 4.09 18.72 74.80
CA VAL E 262 2.73 19.19 75.06
C VAL E 262 1.73 18.75 73.99
N PRO E 263 0.50 18.42 74.40
CA PRO E 263 -0.59 18.06 73.47
C PRO E 263 -0.69 19.01 72.30
N HIS E 264 -0.75 18.46 71.10
CA HIS E 264 -0.73 19.25 69.88
C HIS E 264 -1.27 18.44 68.71
N TYR E 265 -1.53 19.10 67.58
CA TYR E 265 -1.98 18.38 66.40
C TYR E 265 -1.49 19.04 65.12
N ASN E 266 -1.41 18.23 64.06
CA ASN E 266 -1.00 18.73 62.75
C ASN E 266 -2.20 19.05 61.87
N SER E 267 -2.13 20.18 61.18
CA SER E 267 -3.23 20.65 60.37
C SER E 267 -3.47 19.77 59.14
N LYS E 268 -2.38 19.29 58.55
CA LYS E 268 -2.45 18.67 57.22
C LYS E 268 -1.61 17.40 57.10
N ALA E 269 -0.48 17.36 57.78
CA ALA E 269 0.46 16.25 57.63
C ALA E 269 0.07 15.03 58.46
N THR E 270 0.23 13.85 57.85
CA THR E 270 0.11 12.58 58.58
C THR E 270 1.52 12.08 58.90
N VAL E 271 1.88 12.07 60.18
CA VAL E 271 3.26 11.82 60.56
C VAL E 271 3.53 10.38 60.96
N VAL E 272 4.51 9.77 60.31
CA VAL E 272 5.00 8.45 60.68
C VAL E 272 6.21 8.62 61.60
N VAL E 273 6.08 8.15 62.84
CA VAL E 273 7.10 8.38 63.85
C VAL E 273 7.86 7.11 64.21
N TYR E 274 9.19 7.20 64.23
CA TYR E 274 10.04 6.08 64.61
C TYR E 274 10.79 6.38 65.89
N VAL E 275 10.73 5.45 66.84
CA VAL E 275 11.42 5.63 68.11
C VAL E 275 12.90 5.27 67.97
N VAL E 276 13.74 6.30 67.94
CA VAL E 276 15.18 6.11 67.73
C VAL E 276 15.86 5.52 68.96
N GLU E 277 15.63 6.10 70.13
CA GLU E 277 16.26 5.64 71.35
C GLU E 277 15.51 6.09 72.59
N GLY E 278 15.46 5.21 73.59
CA GLY E 278 14.80 5.51 74.86
C GLY E 278 13.47 4.81 75.01
N THR E 279 12.74 5.18 76.06
CA THR E 279 11.41 4.65 76.31
C THR E 279 10.45 5.78 76.66
N GLY E 280 9.15 5.48 76.70
CA GLY E 280 8.17 6.50 77.02
C GLY E 280 6.73 6.10 76.77
N ARG E 281 5.92 7.08 76.42
CA ARG E 281 4.47 6.89 76.30
C ARG E 281 3.85 7.96 75.41
N PHE E 282 2.78 7.62 74.71
CA PHE E 282 2.00 8.64 74.00
C PHE E 282 0.50 8.41 74.20
N GLU E 283 -0.24 9.51 74.25
CA GLU E 283 -1.70 9.46 74.32
C GLU E 283 -2.29 10.23 73.15
N MET E 284 -3.30 9.64 72.51
CA MET E 284 -3.88 10.23 71.32
C MET E 284 -5.41 10.24 71.39
N ALA E 285 -6.01 11.39 71.07
CA ALA E 285 -7.45 11.51 71.01
C ALA E 285 -7.95 11.23 69.60
N CYS E 286 -8.53 10.04 69.42
CA CYS E 286 -8.97 9.59 68.10
C CYS E 286 -10.48 9.50 68.01
N PRO E 287 -11.08 10.12 66.97
CA PRO E 287 -12.53 10.07 66.78
C PRO E 287 -13.00 8.97 65.82
N HIS E 288 -12.15 7.99 65.55
CA HIS E 288 -12.50 6.94 64.59
C HIS E 288 -12.88 5.63 65.27
N ASP E 289 -12.83 4.54 64.52
CA ASP E 289 -13.19 3.21 65.03
C ASP E 289 -14.55 3.19 65.70
N GLN E 312 -18.13 9.79 70.86
CA GLN E 312 -17.39 9.92 69.60
C GLN E 312 -15.90 9.63 69.78
N PHE E 313 -15.27 10.31 70.75
CA PHE E 313 -13.82 10.24 70.91
C PHE E 313 -13.33 9.00 71.65
N GLN E 314 -12.04 8.71 71.49
CA GLN E 314 -11.40 7.54 72.09
C GLN E 314 -9.98 7.89 72.53
N LYS E 315 -9.52 7.30 73.62
CA LYS E 315 -8.13 7.47 74.01
C LYS E 315 -7.28 6.34 73.46
N VAL E 316 -6.49 6.66 72.45
CA VAL E 316 -5.55 5.73 71.86
C VAL E 316 -4.17 5.94 72.48
N THR E 317 -3.60 4.90 73.05
CA THR E 317 -2.34 5.02 73.79
C THR E 317 -1.47 3.77 73.72
N ALA E 318 -0.16 3.97 73.91
CA ALA E 318 0.79 2.86 73.92
C ALA E 318 2.13 3.29 74.52
N ARG E 319 2.81 2.36 75.17
CA ARG E 319 4.15 2.64 75.69
C ARG E 319 5.20 2.43 74.60
N LEU E 320 6.19 3.32 74.56
CA LEU E 320 7.18 3.32 73.50
C LEU E 320 8.50 2.71 73.92
N ALA E 321 9.11 1.98 73.00
CA ALA E 321 10.48 1.49 73.16
C ALA E 321 11.18 1.65 71.82
N ARG E 322 12.50 1.42 71.78
CA ARG E 322 13.25 1.59 70.53
C ARG E 322 12.72 0.67 69.45
N GLY E 323 12.69 1.17 68.21
CA GLY E 323 12.26 0.37 67.08
C GLY E 323 10.77 0.45 66.83
N ASP E 324 10.03 1.00 67.79
CA ASP E 324 8.59 1.17 67.65
C ASP E 324 8.26 2.21 66.60
N ILE E 325 7.11 2.04 65.95
CA ILE E 325 6.62 3.00 64.99
C ILE E 325 5.14 3.26 65.26
N PHE E 326 4.75 4.52 65.33
CA PHE E 326 3.35 4.86 65.42
C PHE E 326 3.00 6.01 64.48
N VAL E 327 1.73 6.08 64.09
CA VAL E 327 1.28 7.05 63.09
C VAL E 327 0.35 8.09 63.69
N ILE E 328 0.60 9.36 63.36
CA ILE E 328 -0.24 10.45 63.83
C ILE E 328 -0.99 11.10 62.65
N PRO E 329 -2.21 10.60 62.37
CA PRO E 329 -3.02 11.17 61.28
C PRO E 329 -3.36 12.63 61.55
N ALA E 330 -3.49 13.42 60.48
CA ALA E 330 -3.78 14.84 60.60
C ALA E 330 -5.03 15.09 61.43
N GLY E 331 -5.01 16.15 62.23
CA GLY E 331 -6.15 16.50 63.06
C GLY E 331 -6.11 15.90 64.44
N HIS E 332 -5.47 14.73 64.56
CA HIS E 332 -5.35 14.05 65.84
C HIS E 332 -4.45 14.80 66.81
N PRO E 333 -5.00 15.18 67.98
CA PRO E 333 -4.17 15.76 69.05
C PRO E 333 -3.39 14.69 69.80
N ILE E 334 -2.09 14.91 70.00
CA ILE E 334 -1.23 13.90 70.60
C ILE E 334 -0.29 14.48 71.65
N ALA E 335 -0.09 13.74 72.74
CA ALA E 335 0.87 14.10 73.77
C ALA E 335 1.85 12.95 74.01
N ILE E 336 3.12 13.27 74.13
CA ILE E 336 4.15 12.25 74.32
C ILE E 336 5.02 12.54 75.54
N THR E 337 5.13 11.57 76.44
CA THR E 337 5.92 11.72 77.65
C THR E 337 7.13 10.80 77.65
N ALA E 338 8.28 11.34 78.05
CA ALA E 338 9.49 10.54 78.19
C ALA E 338 9.43 9.71 79.46
N SER E 339 10.37 8.81 79.62
CA SER E 339 10.45 8.02 80.84
C SER E 339 11.17 8.81 81.93
N GLN E 340 11.08 8.33 83.16
CA GLN E 340 11.70 9.02 84.28
C GLN E 340 13.20 8.72 84.37
N ASN E 341 13.67 7.75 83.58
CA ASN E 341 15.03 7.27 83.69
C ASN E 341 15.91 7.59 82.49
N GLU E 342 15.29 7.78 81.33
CA GLU E 342 16.05 8.07 80.11
C GLU E 342 15.30 9.02 79.17
N ASN E 343 16.06 9.77 78.39
CA ASN E 343 15.49 10.64 77.37
C ASN E 343 14.80 9.84 76.28
N LEU E 344 13.91 10.48 75.54
CA LEU E 344 13.22 9.84 74.44
C LEU E 344 13.55 10.53 73.12
N ARG E 345 14.07 9.78 72.17
CA ARG E 345 14.46 10.33 70.89
C ARG E 345 13.58 9.80 69.76
N LEU E 346 12.99 10.72 69.00
CA LEU E 346 12.04 10.36 67.96
C LEU E 346 12.39 10.99 66.62
N VAL E 347 12.14 10.25 65.54
CA VAL E 347 12.25 10.79 64.19
C VAL E 347 10.91 10.59 63.48
N GLY E 348 10.46 11.61 62.76
CA GLY E 348 9.17 11.54 62.11
C GLY E 348 9.16 11.93 60.64
N PHE E 349 8.35 11.21 59.86
CA PHE E 349 8.13 11.56 58.47
C PHE E 349 6.74 12.16 58.31
N GLY E 350 6.67 13.38 57.80
CA GLY E 350 5.40 14.07 57.64
C GLY E 350 4.83 13.94 56.24
N ILE E 351 4.03 12.90 56.03
CA ILE E 351 3.34 12.70 54.76
C ILE E 351 2.34 13.82 54.52
N ASN E 352 2.29 14.33 53.28
CA ASN E 352 1.47 15.48 52.93
C ASN E 352 1.84 16.69 53.80
N GLY E 353 3.12 17.00 53.85
CA GLY E 353 3.63 17.97 54.80
C GLY E 353 3.82 19.38 54.27
N LYS E 354 3.55 19.58 52.99
CA LYS E 354 3.57 20.91 52.40
C LYS E 354 2.57 21.79 53.15
N ASN E 355 3.03 22.97 53.56
CA ASN E 355 2.14 23.98 54.11
C ASN E 355 1.42 23.57 55.40
N ASN E 356 1.97 22.52 56.01
CA ASN E 356 1.52 22.01 57.30
C ASN E 356 1.69 22.99 58.46
N GLN E 357 0.82 22.88 59.44
CA GLN E 357 0.87 23.74 60.62
C GLN E 357 0.61 22.93 61.89
N ARG E 358 1.57 23.00 62.81
CA ARG E 358 1.46 22.31 64.08
C ARG E 358 0.81 23.21 65.12
N ASN E 359 -0.32 22.77 65.64
CA ASN E 359 -1.09 23.58 66.59
C ASN E 359 -1.03 23.02 68.00
N PHE E 360 -0.57 23.83 68.94
CA PHE E 360 -0.40 23.39 70.32
C PHE E 360 -1.59 23.79 71.19
N LEU E 361 -1.93 22.92 72.14
CA LEU E 361 -3.08 23.14 73.00
C LEU E 361 -2.67 23.60 74.40
N ALA E 362 -1.36 23.71 74.62
CA ALA E 362 -0.84 24.19 75.90
C ALA E 362 0.50 24.88 75.71
N GLY E 363 0.80 25.85 76.57
CA GLY E 363 2.03 26.59 76.48
C GLY E 363 1.79 28.00 75.95
N GLN E 364 2.86 28.76 75.77
CA GLN E 364 2.74 30.14 75.30
C GLN E 364 2.32 30.25 73.82
N ASN E 365 2.66 29.24 73.03
CA ASN E 365 2.30 29.25 71.61
C ASN E 365 0.92 28.64 71.35
N ASN E 366 0.14 28.56 72.43
CA ASN E 366 -1.21 27.99 72.43
C ASN E 366 -2.11 28.59 71.34
N ILE E 367 -3.05 27.80 70.85
CA ILE E 367 -3.99 28.25 69.81
C ILE E 367 -5.32 28.79 70.38
N ILE E 368 -5.74 28.25 71.52
CA ILE E 368 -6.97 28.68 72.21
C ILE E 368 -6.84 30.15 72.56
N ASN E 369 -5.59 30.52 72.70
CA ASN E 369 -5.13 31.80 73.21
C ASN E 369 -4.99 32.82 72.10
N GLN E 370 -5.42 32.39 70.92
CA GLN E 370 -5.58 33.24 69.74
C GLN E 370 -7.05 33.56 69.46
N LEU E 371 -7.95 32.83 70.12
CA LEU E 371 -9.35 33.21 70.11
C LEU E 371 -9.45 34.57 70.79
N GLU E 372 -10.38 35.41 70.38
CA GLU E 372 -10.59 36.65 71.12
C GLU E 372 -11.29 36.27 72.42
N ARG E 373 -11.23 37.17 73.40
CA ARG E 373 -11.71 36.86 74.75
C ARG E 373 -13.20 36.49 74.78
N GLU E 374 -14.00 37.17 73.96
CA GLU E 374 -15.44 36.87 73.90
C GLU E 374 -15.69 35.49 73.33
N ALA E 375 -14.85 35.07 72.39
CA ALA E 375 -14.98 33.74 71.80
C ALA E 375 -14.66 32.66 72.83
N LYS E 376 -13.62 32.90 73.63
CA LYS E 376 -13.23 31.99 74.70
C LYS E 376 -14.34 31.80 75.72
N GLU E 377 -14.90 32.93 76.17
CA GLU E 377 -15.96 32.93 77.17
C GLU E 377 -17.17 32.13 76.70
N LEU E 378 -17.60 32.40 75.47
CA LEU E 378 -18.76 31.74 74.88
C LEU E 378 -18.51 30.25 74.67
N SER E 379 -17.29 29.90 74.27
CA SER E 379 -16.94 28.51 73.99
C SER E 379 -16.82 27.68 75.25
N PHE E 380 -16.27 28.27 76.30
CA PHE E 380 -15.96 27.54 77.52
C PHE E 380 -17.03 27.69 78.60
N ASN E 381 -17.96 28.62 78.37
CA ASN E 381 -19.01 28.92 79.34
C ASN E 381 -18.41 29.31 80.69
N MET E 382 -17.39 30.17 80.64
CA MET E 382 -16.67 30.61 81.83
C MET E 382 -16.20 32.06 81.66
N PRO E 383 -16.08 32.80 82.77
CA PRO E 383 -15.56 34.17 82.73
C PRO E 383 -14.07 34.21 82.35
N ARG E 384 -13.61 35.38 81.93
CA ARG E 384 -12.29 35.53 81.33
C ARG E 384 -11.13 35.06 82.22
N GLU E 385 -11.27 35.20 83.53
CA GLU E 385 -10.14 34.96 84.42
C GLU E 385 -10.03 33.52 84.92
N GLU E 386 -11.13 32.79 84.96
CA GLU E 386 -11.05 31.37 85.27
C GLU E 386 -10.55 30.61 84.03
N ILE E 387 -10.66 31.27 82.89
CA ILE E 387 -10.15 30.73 81.64
C ILE E 387 -8.64 30.92 81.57
N GLU E 388 -8.18 32.12 81.93
CA GLU E 388 -6.76 32.43 82.01
C GLU E 388 -6.03 31.47 82.94
N GLU E 389 -6.70 31.09 84.02
CA GLU E 389 -6.13 30.18 84.99
C GLU E 389 -5.86 28.80 84.39
N ILE E 390 -6.51 28.52 83.27
CA ILE E 390 -6.39 27.21 82.63
C ILE E 390 -5.41 27.22 81.46
N PHE E 391 -5.50 28.25 80.63
CA PHE E 391 -4.73 28.28 79.38
C PHE E 391 -3.66 29.37 79.34
N GLU E 392 -3.35 29.96 80.49
CA GLU E 392 -2.31 30.99 80.54
C GLU E 392 -1.39 30.85 81.75
N ARG E 393 -1.30 29.64 82.30
CA ARG E 393 -0.44 29.44 83.46
C ARG E 393 0.77 28.57 83.15
N GLN E 394 0.91 28.17 81.88
CA GLN E 394 2.10 27.46 81.42
C GLN E 394 3.05 28.42 80.72
N VAL E 395 4.28 28.51 81.23
CA VAL E 395 5.23 29.51 80.75
C VAL E 395 6.18 28.99 79.68
N GLU E 396 6.22 27.67 79.51
CA GLU E 396 7.08 27.05 78.52
C GLU E 396 6.33 26.71 77.24
N SER E 397 7.06 26.31 76.21
CA SER E 397 6.45 25.89 74.96
C SER E 397 6.98 24.53 74.53
N TYR E 398 6.26 23.88 73.63
CA TYR E 398 6.63 22.55 73.11
C TYR E 398 6.78 21.50 74.21
N PHE E 399 7.78 21.68 75.07
CA PHE E 399 8.13 20.68 76.08
C PHE E 399 8.00 21.20 77.51
N VAL E 400 7.38 20.42 78.37
CA VAL E 400 7.18 20.79 79.78
C VAL E 400 7.47 19.58 80.69
N PRO E 401 7.83 19.85 81.95
CA PRO E 401 8.04 18.74 82.90
C PRO E 401 6.73 18.17 83.43
N MET E 402 6.69 16.85 83.64
CA MET E 402 5.53 16.19 84.20
C MET E 402 5.41 16.54 85.68
N GLU E 403 6.54 16.90 86.27
CA GLU E 403 6.60 17.31 87.67
C GLU E 403 6.74 18.84 87.76
N ARG E 404 5.72 19.50 88.29
CA ARG E 404 5.66 20.96 88.21
C ARG E 404 6.31 21.69 89.38
N GLN E 405 6.56 22.98 89.16
CA GLN E 405 7.22 23.83 90.14
C GLN E 405 6.45 25.13 90.35
N HIS F 10 -33.66 5.90 43.64
CA HIS F 10 -33.28 5.01 42.55
C HIS F 10 -32.56 5.79 41.45
N ASN F 11 -32.42 7.09 41.64
CA ASN F 11 -31.69 7.94 40.72
C ASN F 11 -30.22 8.01 41.15
N PRO F 12 -29.31 7.55 40.28
CA PRO F 12 -27.89 7.43 40.65
C PRO F 12 -27.19 8.76 40.91
N TYR F 13 -27.74 9.86 40.43
CA TYR F 13 -27.09 11.16 40.57
C TYR F 13 -27.87 12.13 41.44
N TYR F 14 -29.01 11.68 41.97
CA TYR F 14 -29.92 12.56 42.70
C TYR F 14 -30.03 12.20 44.17
N PHE F 15 -29.87 13.19 45.04
CA PHE F 15 -29.96 13.00 46.48
C PHE F 15 -31.04 13.91 47.09
N HIS F 16 -32.15 13.31 47.51
CA HIS F 16 -33.26 14.08 48.07
C HIS F 16 -32.88 14.66 49.43
N SER F 17 -33.33 15.89 49.69
CA SER F 17 -32.95 16.63 50.89
C SER F 17 -33.32 15.90 52.19
N GLN F 18 -34.38 15.11 52.15
CA GLN F 18 -34.82 14.37 53.32
C GLN F 18 -33.93 13.15 53.58
N GLY F 19 -32.94 12.96 52.72
CA GLY F 19 -32.00 11.87 52.86
C GLY F 19 -30.73 12.29 53.58
N LEU F 20 -30.53 13.59 53.71
CA LEU F 20 -29.41 14.14 54.46
C LEU F 20 -29.44 13.66 55.90
N ARG F 21 -28.27 13.32 56.44
CA ARG F 21 -28.16 12.96 57.85
C ARG F 21 -27.88 14.22 58.68
N SER F 22 -28.76 14.52 59.62
CA SER F 22 -28.63 15.73 60.44
C SER F 22 -27.88 15.43 61.73
N ARG F 23 -27.06 16.38 62.19
CA ARG F 23 -26.19 16.14 63.34
C ARG F 23 -26.96 16.06 64.66
N HIS F 24 -26.52 15.14 65.51
CA HIS F 24 -27.11 14.88 66.81
C HIS F 24 -26.90 16.05 67.77
N GLU F 25 -28.00 16.62 68.25
CA GLU F 25 -27.97 17.75 69.16
C GLU F 25 -27.16 18.91 68.58
N SER F 26 -27.72 19.56 67.56
CA SER F 26 -27.06 20.70 66.94
C SER F 26 -27.34 21.98 67.72
N GLY F 27 -28.46 22.00 68.42
CA GLY F 27 -28.81 23.14 69.26
C GLY F 27 -29.61 24.21 68.54
N GLU F 28 -29.11 25.44 68.59
CA GLU F 28 -29.80 26.58 68.00
C GLU F 28 -29.62 26.65 66.49
N GLY F 29 -29.92 25.54 65.83
CA GLY F 29 -29.76 25.44 64.39
C GLY F 29 -29.60 23.98 63.98
N GLU F 30 -29.13 23.76 62.75
CA GLU F 30 -28.96 22.41 62.24
C GLU F 30 -27.71 22.28 61.37
N VAL F 31 -27.01 21.15 61.52
CA VAL F 31 -25.93 20.80 60.63
C VAL F 31 -26.27 19.49 59.93
N LYS F 32 -26.40 19.52 58.61
CA LYS F 32 -26.78 18.33 57.87
C LYS F 32 -25.64 17.81 57.00
N TYR F 33 -25.54 16.49 56.92
CA TYR F 33 -24.45 15.84 56.21
C TYR F 33 -24.93 15.01 55.03
N LEU F 34 -24.37 15.27 53.85
CA LEU F 34 -24.63 14.42 52.71
C LEU F 34 -23.84 13.13 52.86
N GLU F 35 -24.43 12.02 52.45
CA GLU F 35 -23.77 10.71 52.53
C GLU F 35 -22.53 10.67 51.66
N ARG F 36 -21.74 9.61 51.80
CA ARG F 36 -20.59 9.43 50.93
C ARG F 36 -21.08 9.05 49.55
N PHE F 37 -20.47 9.63 48.52
CA PHE F 37 -20.96 9.46 47.15
C PHE F 37 -20.90 8.01 46.67
N THR F 38 -20.08 7.19 47.32
CA THR F 38 -19.90 5.80 46.94
C THR F 38 -20.69 4.84 47.83
N GLU F 39 -21.61 5.40 48.62
CA GLU F 39 -22.36 4.60 49.57
C GLU F 39 -23.49 3.82 48.90
N ARG F 40 -24.21 4.49 48.02
CA ARG F 40 -25.34 3.87 47.32
C ARG F 40 -24.95 3.26 45.99
N THR F 41 -23.89 3.79 45.38
CA THR F 41 -23.54 3.43 44.02
C THR F 41 -22.04 3.51 43.73
N GLU F 42 -21.63 2.83 42.67
CA GLU F 42 -20.24 2.82 42.23
C GLU F 42 -20.03 3.82 41.10
N LEU F 43 -21.12 4.46 40.69
CA LEU F 43 -21.10 5.35 39.52
C LEU F 43 -20.47 6.71 39.84
N LEU F 44 -20.25 6.98 41.12
CA LEU F 44 -19.64 8.24 41.52
C LEU F 44 -18.31 8.03 42.24
N ARG F 45 -17.65 6.91 41.94
CA ARG F 45 -16.40 6.53 42.59
C ARG F 45 -15.32 7.59 42.41
N GLY F 46 -15.39 8.32 41.32
CA GLY F 46 -14.39 9.32 40.99
C GLY F 46 -14.31 10.49 41.96
N ILE F 47 -15.38 10.70 42.72
CA ILE F 47 -15.42 11.81 43.67
C ILE F 47 -15.66 11.34 45.10
N GLU F 48 -15.15 10.17 45.44
CA GLU F 48 -15.36 9.60 46.78
C GLU F 48 -14.78 10.48 47.87
N ASN F 49 -13.72 11.21 47.54
CA ASN F 49 -13.05 12.04 48.54
C ASN F 49 -13.64 13.45 48.62
N TYR F 50 -14.95 13.55 48.47
CA TYR F 50 -15.62 14.83 48.62
C TYR F 50 -16.92 14.66 49.38
N ARG F 51 -17.15 15.57 50.33
CA ARG F 51 -18.36 15.52 51.15
C ARG F 51 -19.03 16.88 51.20
N VAL F 52 -20.35 16.87 51.32
CA VAL F 52 -21.12 18.12 51.41
C VAL F 52 -21.72 18.27 52.80
N VAL F 53 -21.51 19.44 53.40
CA VAL F 53 -22.07 19.74 54.71
C VAL F 53 -22.84 21.06 54.66
N ILE F 54 -24.07 21.05 55.15
CA ILE F 54 -24.88 22.26 55.22
C ILE F 54 -25.06 22.72 56.66
N LEU F 55 -24.67 23.97 56.92
CA LEU F 55 -24.87 24.55 58.24
C LEU F 55 -25.99 25.59 58.22
N GLU F 56 -26.97 25.40 59.09
CA GLU F 56 -28.03 26.40 59.27
C GLU F 56 -28.03 26.83 60.73
N ALA F 57 -27.87 28.14 60.96
CA ALA F 57 -27.84 28.68 62.30
C ALA F 57 -28.97 29.68 62.52
N ASN F 58 -29.72 29.49 63.61
CA ASN F 58 -30.76 30.42 64.00
C ASN F 58 -30.21 31.83 64.21
N PRO F 59 -31.08 32.85 64.19
CA PRO F 59 -30.59 34.21 64.43
C PRO F 59 -29.96 34.38 65.82
N ASN F 60 -29.02 35.30 65.95
CA ASN F 60 -28.37 35.59 67.23
C ASN F 60 -27.69 34.38 67.85
N THR F 61 -26.82 33.73 67.08
CA THR F 61 -26.19 32.49 67.53
C THR F 61 -24.68 32.49 67.38
N PHE F 62 -24.06 31.53 68.07
CA PHE F 62 -22.62 31.32 68.01
C PHE F 62 -22.32 29.85 67.74
N VAL F 63 -21.62 29.58 66.65
CA VAL F 63 -21.22 28.22 66.34
C VAL F 63 -19.89 27.91 67.02
N LEU F 64 -19.88 26.90 67.87
CA LEU F 64 -18.71 26.56 68.68
C LEU F 64 -17.49 26.26 67.82
N PRO F 65 -16.30 26.64 68.29
CA PRO F 65 -15.05 26.44 67.55
C PRO F 65 -14.68 24.97 67.38
N TYR F 66 -14.14 24.63 66.22
CA TYR F 66 -13.65 23.29 65.96
C TYR F 66 -12.76 23.29 64.73
N HIS F 67 -11.99 22.21 64.57
CA HIS F 67 -11.24 22.01 63.34
C HIS F 67 -11.56 20.63 62.78
N LYS F 68 -11.20 20.41 61.53
CA LYS F 68 -11.47 19.14 60.86
C LYS F 68 -10.31 18.73 59.97
N ASP F 69 -10.17 17.42 59.77
CA ASP F 69 -9.12 16.89 58.91
C ASP F 69 -9.56 16.93 57.45
N ALA F 70 -9.99 18.10 56.99
CA ALA F 70 -10.52 18.25 55.64
C ALA F 70 -10.50 19.70 55.19
N GLU F 71 -10.13 19.93 53.94
CA GLU F 71 -10.23 21.24 53.34
C GLU F 71 -11.69 21.55 53.08
N SER F 72 -12.05 22.83 53.09
CA SER F 72 -13.44 23.20 52.88
C SER F 72 -13.58 24.49 52.07
N VAL F 73 -14.52 24.48 51.13
CA VAL F 73 -14.94 25.69 50.44
C VAL F 73 -16.38 25.98 50.82
N ILE F 74 -16.62 27.18 51.32
CA ILE F 74 -17.93 27.52 51.88
C ILE F 74 -18.68 28.53 51.02
N VAL F 75 -19.98 28.26 50.81
CA VAL F 75 -20.84 29.20 50.11
C VAL F 75 -22.01 29.61 51.00
N VAL F 76 -22.22 30.91 51.14
CA VAL F 76 -23.35 31.42 51.91
C VAL F 76 -24.59 31.54 51.03
N THR F 77 -25.61 30.74 51.34
CA THR F 77 -26.80 30.69 50.51
C THR F 77 -27.97 31.45 51.13
N ARG F 78 -27.79 31.93 52.36
CA ARG F 78 -28.85 32.66 53.05
C ARG F 78 -28.30 33.43 54.25
N GLY F 79 -28.66 34.71 54.34
CA GLY F 79 -28.26 35.55 55.45
C GLY F 79 -26.86 36.12 55.32
N ARG F 80 -26.29 36.52 56.45
CA ARG F 80 -24.92 36.99 56.50
C ARG F 80 -24.29 36.56 57.82
N ALA F 81 -22.96 36.55 57.88
CA ALA F 81 -22.26 36.07 59.06
C ALA F 81 -20.82 36.53 59.13
N THR F 82 -20.23 36.41 60.31
CA THR F 82 -18.81 36.64 60.51
C THR F 82 -18.12 35.30 60.73
N LEU F 83 -17.18 34.98 59.86
CA LEU F 83 -16.44 33.73 59.96
C LEU F 83 -15.00 33.98 60.42
N THR F 84 -14.57 33.25 61.43
CA THR F 84 -13.24 33.41 61.99
C THR F 84 -12.55 32.07 62.20
N PHE F 85 -11.32 31.94 61.72
CA PHE F 85 -10.54 30.74 62.01
C PHE F 85 -9.10 31.06 62.39
N VAL F 86 -8.58 30.28 63.32
CA VAL F 86 -7.21 30.46 63.78
C VAL F 86 -6.32 29.28 63.42
N SER F 87 -5.06 29.58 63.16
CA SER F 87 -4.06 28.56 62.88
C SER F 87 -2.70 29.15 63.22
N GLN F 88 -1.79 28.36 63.78
CA GLN F 88 -0.43 28.83 64.03
C GLN F 88 -0.47 29.91 65.10
N GLU F 89 -0.70 31.15 64.68
CA GLU F 89 -0.67 32.31 65.54
C GLU F 89 -1.31 33.39 64.69
N ARG F 90 -1.88 32.93 63.59
CA ARG F 90 -2.59 33.74 62.62
C ARG F 90 -4.09 33.59 62.84
N ARG F 91 -4.79 34.71 62.83
CA ARG F 91 -6.24 34.71 62.93
C ARG F 91 -6.84 35.51 61.79
N GLU F 92 -7.85 34.97 61.14
CA GLU F 92 -8.50 35.66 60.04
C GLU F 92 -10.00 35.76 60.28
N SER F 93 -10.55 36.95 60.08
CA SER F 93 -11.98 37.18 60.25
C SER F 93 -12.56 37.87 59.02
N PHE F 94 -13.73 37.42 58.60
CA PHE F 94 -14.36 38.00 57.43
C PHE F 94 -15.86 38.18 57.62
N ASN F 95 -16.37 39.32 57.16
CA ASN F 95 -17.81 39.53 57.11
C ASN F 95 -18.35 38.98 55.80
N LEU F 96 -19.10 37.89 55.90
CA LEU F 96 -19.62 37.21 54.72
C LEU F 96 -21.06 37.62 54.45
N GLU F 97 -21.33 38.00 53.20
CA GLU F 97 -22.69 38.31 52.78
C GLU F 97 -23.26 37.15 51.97
N TYR F 98 -24.49 37.32 51.50
CA TYR F 98 -25.11 36.33 50.63
C TYR F 98 -24.34 36.20 49.32
N GLY F 99 -24.05 34.96 48.94
CA GLY F 99 -23.35 34.69 47.69
C GLY F 99 -21.84 34.78 47.81
N ASP F 100 -21.34 35.00 49.03
CA ASP F 100 -19.91 35.04 49.25
C ASP F 100 -19.32 33.64 49.35
N VAL F 101 -18.12 33.46 48.80
CA VAL F 101 -17.46 32.16 48.80
C VAL F 101 -16.10 32.23 49.47
N ILE F 102 -15.83 31.30 50.39
CA ILE F 102 -14.58 31.33 51.12
C ILE F 102 -14.04 29.92 51.41
N ARG F 103 -12.72 29.82 51.55
CA ARG F 103 -12.06 28.58 51.91
C ARG F 103 -11.63 28.59 53.37
N VAL F 104 -11.88 27.48 54.07
CA VAL F 104 -11.34 27.29 55.40
C VAL F 104 -10.36 26.12 55.39
N PRO F 105 -9.06 26.42 55.50
CA PRO F 105 -7.99 25.42 55.47
C PRO F 105 -8.18 24.29 56.47
N ALA F 106 -7.72 23.09 56.11
CA ALA F 106 -7.79 21.95 57.00
C ALA F 106 -6.97 22.17 58.26
N GLY F 107 -7.49 21.72 59.39
CA GLY F 107 -6.78 21.84 60.65
C GLY F 107 -7.00 23.16 61.36
N ALA F 108 -7.45 24.16 60.61
CA ALA F 108 -7.74 25.47 61.19
C ALA F 108 -9.00 25.41 62.03
N THR F 109 -8.93 25.98 63.23
CA THR F 109 -10.08 26.01 64.13
C THR F 109 -11.01 27.16 63.78
N GLU F 110 -12.23 26.84 63.35
CA GLU F 110 -13.16 27.85 62.87
C GLU F 110 -14.40 28.00 63.76
N TYR F 111 -14.92 29.22 63.83
CA TYR F 111 -16.22 29.46 64.47
C TYR F 111 -16.95 30.60 63.76
N VAL F 112 -18.27 30.58 63.84
CA VAL F 112 -19.12 31.49 63.06
C VAL F 112 -20.06 32.29 63.96
N ILE F 113 -20.25 33.56 63.61
CA ILE F 113 -21.19 34.42 64.34
C ILE F 113 -22.33 34.88 63.45
N ASN F 114 -23.56 34.66 63.91
CA ASN F 114 -24.74 35.21 63.26
C ASN F 114 -25.35 36.29 64.15
N GLN F 115 -24.91 37.53 63.97
CA GLN F 115 -25.38 38.61 64.83
C GLN F 115 -26.68 39.23 64.29
N ASP F 116 -27.25 38.62 63.26
CA ASP F 116 -28.50 39.11 62.71
C ASP F 116 -29.67 38.59 63.53
N SER F 117 -30.66 39.45 63.74
CA SER F 117 -31.75 39.14 64.66
C SER F 117 -32.97 38.56 63.95
N ASN F 118 -32.95 38.58 62.61
CA ASN F 118 -34.14 38.18 61.85
C ASN F 118 -33.93 37.01 60.87
N GLU F 119 -32.93 37.11 59.98
CA GLU F 119 -32.73 36.05 59.00
C GLU F 119 -31.73 34.99 59.44
N ARG F 120 -32.12 33.74 59.32
CA ARG F 120 -31.24 32.61 59.60
C ARG F 120 -30.09 32.54 58.61
N LEU F 121 -28.96 32.03 59.07
CA LEU F 121 -27.79 31.84 58.21
C LEU F 121 -27.79 30.44 57.61
N GLU F 122 -27.46 30.34 56.32
CA GLU F 122 -27.26 29.04 55.71
C GLU F 122 -25.93 29.00 54.95
N MET F 123 -25.15 27.97 55.23
CA MET F 123 -23.88 27.77 54.55
C MET F 123 -23.81 26.39 53.94
N VAL F 124 -23.40 26.32 52.67
CA VAL F 124 -23.20 25.05 52.00
C VAL F 124 -21.71 24.82 51.79
N LYS F 125 -21.21 23.69 52.27
CA LYS F 125 -19.78 23.41 52.26
C LYS F 125 -19.40 22.18 51.46
N LEU F 126 -18.35 22.30 50.65
CA LEU F 126 -17.75 21.13 50.02
C LEU F 126 -16.46 20.79 50.76
N LEU F 127 -16.36 19.56 51.25
CA LEU F 127 -15.20 19.15 52.03
C LEU F 127 -14.30 18.18 51.28
N GLN F 128 -12.99 18.38 51.43
CA GLN F 128 -12.00 17.48 50.85
C GLN F 128 -11.08 16.93 51.93
N PRO F 129 -11.41 15.73 52.44
CA PRO F 129 -10.65 15.03 53.49
C PRO F 129 -9.16 14.91 53.19
N VAL F 130 -8.34 14.99 54.23
CA VAL F 130 -6.88 14.94 54.06
C VAL F 130 -6.32 13.56 54.39
N ASN F 131 -7.06 12.79 55.17
CA ASN F 131 -6.63 11.45 55.51
C ASN F 131 -7.26 10.43 54.59
N ASN F 132 -7.81 9.42 55.23
CA ASN F 132 -8.82 8.52 54.69
C ASN F 132 -9.86 9.06 53.70
N PRO F 133 -9.93 8.47 52.50
CA PRO F 133 -10.78 9.01 51.43
C PRO F 133 -12.26 9.06 51.78
N GLY F 134 -12.84 10.26 51.68
CA GLY F 134 -14.24 10.47 51.94
C GLY F 134 -14.60 10.44 53.41
N GLN F 135 -13.58 10.52 54.26
CA GLN F 135 -13.80 10.48 55.71
C GLN F 135 -13.24 11.72 56.38
N PHE F 136 -14.05 12.38 57.20
CA PHE F 136 -13.60 13.52 57.96
C PHE F 136 -14.21 13.52 59.37
N ARG F 137 -13.57 14.24 60.28
CA ARG F 137 -14.05 14.33 61.66
C ARG F 137 -13.96 15.75 62.19
N GLU F 138 -14.84 16.07 63.13
CA GLU F 138 -14.87 17.40 63.72
C GLU F 138 -14.30 17.36 65.14
N TYR F 139 -13.30 18.19 65.39
CA TYR F 139 -12.60 18.19 66.67
C TYR F 139 -12.95 19.42 67.51
N TYR F 140 -13.63 19.21 68.62
CA TYR F 140 -14.06 20.32 69.46
C TYR F 140 -13.20 20.47 70.70
N ALA F 141 -12.53 21.61 70.84
CA ALA F 141 -11.76 21.92 72.04
C ALA F 141 -12.69 22.04 73.22
N ALA F 142 -13.81 22.73 73.01
CA ALA F 142 -14.89 22.79 73.99
C ALA F 142 -16.14 22.18 73.38
N GLY F 143 -16.80 21.29 74.13
CA GLY F 143 -17.90 20.53 73.59
C GLY F 143 -19.28 20.93 74.09
N ALA F 144 -20.22 19.99 74.02
CA ALA F 144 -21.59 20.23 74.45
C ALA F 144 -22.12 19.02 75.21
N GLN F 145 -23.45 18.97 75.36
CA GLN F 145 -24.10 17.94 76.17
C GLN F 145 -23.82 16.52 75.68
N SER F 146 -23.64 16.36 74.38
CA SER F 146 -23.34 15.03 73.84
C SER F 146 -22.31 15.12 72.72
N THR F 147 -21.52 16.19 72.75
CA THR F 147 -20.37 16.32 71.86
C THR F 147 -19.13 16.50 72.72
N GLU F 148 -18.22 15.53 72.67
CA GLU F 148 -17.10 15.50 73.60
C GLU F 148 -15.92 16.34 73.16
N SER F 149 -15.30 17.01 74.14
CA SER F 149 -14.08 17.76 73.91
C SER F 149 -12.91 16.79 73.83
N TYR F 150 -11.98 17.04 72.91
CA TYR F 150 -10.83 16.15 72.77
C TYR F 150 -9.81 16.36 73.88
N LEU F 151 -9.89 17.50 74.55
CA LEU F 151 -8.98 17.79 75.65
C LEU F 151 -9.23 16.88 76.84
N ARG F 152 -10.46 16.41 76.96
CA ARG F 152 -10.88 15.62 78.12
C ARG F 152 -10.57 14.14 77.87
N VAL F 153 -10.08 13.85 76.68
CA VAL F 153 -9.63 12.50 76.35
C VAL F 153 -8.32 12.17 77.05
N PHE F 154 -7.44 13.15 77.15
CA PHE F 154 -6.12 12.96 77.77
C PHE F 154 -6.21 12.63 79.25
N SER F 155 -5.16 12.02 79.79
CA SER F 155 -5.08 11.74 81.21
C SER F 155 -4.88 13.02 81.99
N ASN F 156 -5.24 13.01 83.27
CA ASN F 156 -5.07 14.17 84.12
C ASN F 156 -3.60 14.54 84.28
N ASP F 157 -2.74 13.53 84.31
CA ASP F 157 -1.29 13.74 84.38
C ASP F 157 -0.82 14.66 83.27
N ILE F 158 -1.27 14.36 82.05
CA ILE F 158 -0.87 15.10 80.88
C ILE F 158 -1.37 16.55 80.96
N LEU F 159 -2.65 16.71 81.30
CA LEU F 159 -3.27 18.03 81.31
C LEU F 159 -2.71 18.95 82.40
N VAL F 160 -2.56 18.45 83.62
CA VAL F 160 -2.11 19.29 84.72
C VAL F 160 -0.65 19.71 84.56
N ALA F 161 0.15 18.87 83.92
CA ALA F 161 1.56 19.18 83.72
C ALA F 161 1.74 20.11 82.53
N ALA F 162 1.02 19.82 81.44
CA ALA F 162 1.12 20.62 80.23
C ALA F 162 0.57 22.02 80.43
N LEU F 163 -0.59 22.13 81.06
CA LEU F 163 -1.25 23.42 81.23
C LEU F 163 -0.74 24.21 82.42
N ASN F 164 -0.03 23.52 83.31
CA ASN F 164 0.43 24.12 84.57
C ASN F 164 -0.76 24.64 85.35
N THR F 165 -1.70 23.75 85.62
CA THR F 165 -2.94 24.10 86.30
C THR F 165 -3.37 22.94 87.21
N PRO F 166 -3.89 23.28 88.40
CA PRO F 166 -4.30 22.25 89.36
C PRO F 166 -5.44 21.40 88.82
N ARG F 167 -5.50 20.14 89.25
CA ARG F 167 -6.58 19.24 88.87
C ARG F 167 -7.94 19.85 89.19
N ASP F 168 -7.98 20.62 90.27
CA ASP F 168 -9.21 21.24 90.76
C ASP F 168 -9.81 22.23 89.75
N ARG F 169 -8.99 23.14 89.24
CA ARG F 169 -9.46 24.13 88.29
C ARG F 169 -9.73 23.49 86.92
N LEU F 170 -8.98 22.43 86.63
CA LEU F 170 -9.06 21.74 85.35
C LEU F 170 -10.35 20.92 85.24
N GLU F 171 -10.66 20.20 86.30
CA GLU F 171 -11.84 19.36 86.33
C GLU F 171 -13.11 20.20 86.33
N ARG F 172 -13.00 21.43 86.82
CA ARG F 172 -14.12 22.37 86.85
C ARG F 172 -14.31 23.02 85.48
N PHE F 173 -13.25 23.03 84.69
CA PHE F 173 -13.29 23.55 83.33
C PHE F 173 -14.19 22.71 82.45
N PHE F 174 -14.26 21.41 82.73
CA PHE F 174 -14.99 20.48 81.87
C PHE F 174 -16.49 20.40 82.15
N ASP F 175 -16.90 20.54 83.41
CA ASP F 175 -18.32 20.41 83.75
C ASP F 175 -19.15 21.53 83.15
N GLN F 176 -18.59 22.73 83.11
CA GLN F 176 -19.32 23.91 82.65
C GLN F 176 -19.72 23.82 81.18
N GLN F 177 -19.18 22.84 80.48
CA GLN F 177 -19.44 22.67 79.06
C GLN F 177 -20.52 21.63 78.77
N GLU F 178 -20.77 20.76 79.73
CA GLU F 178 -21.76 19.70 79.55
C GLU F 178 -23.14 20.21 79.99
N GLN F 179 -23.22 21.51 80.23
CA GLN F 179 -24.48 22.14 80.61
C GLN F 179 -25.30 22.54 79.39
N ARG F 180 -24.62 22.95 78.34
CA ARG F 180 -25.31 23.38 77.11
C ARG F 180 -25.69 22.18 76.26
N GLU F 181 -26.90 22.22 75.72
CA GLU F 181 -27.34 21.17 74.80
C GLU F 181 -27.28 21.67 73.37
N GLY F 182 -26.37 21.09 72.58
CA GLY F 182 -26.24 21.48 71.19
C GLY F 182 -24.91 22.17 70.91
N VAL F 183 -24.47 22.08 69.66
CA VAL F 183 -23.18 22.64 69.26
C VAL F 183 -23.36 24.05 68.69
N ILE F 184 -24.60 24.49 68.57
CA ILE F 184 -24.91 25.87 68.21
C ILE F 184 -25.67 26.51 69.36
N ILE F 185 -25.17 27.64 69.87
CA ILE F 185 -25.73 28.24 71.07
C ILE F 185 -26.21 29.67 70.88
N ARG F 186 -27.15 30.08 71.72
CA ARG F 186 -27.57 31.48 71.80
C ARG F 186 -26.52 32.29 72.56
N ALA F 187 -26.26 33.51 72.10
CA ALA F 187 -25.31 34.39 72.76
C ALA F 187 -25.88 35.80 72.92
N SER F 188 -25.35 36.55 73.87
CA SER F 188 -25.72 37.95 74.00
C SER F 188 -25.13 38.72 72.83
N GLN F 189 -25.90 39.65 72.29
CA GLN F 189 -25.51 40.36 71.07
C GLN F 189 -24.43 41.41 71.33
N GLU F 190 -24.11 41.62 72.59
CA GLU F 190 -23.04 42.53 72.96
C GLU F 190 -21.69 41.90 72.64
N LYS F 191 -21.61 40.58 72.82
CA LYS F 191 -20.40 39.84 72.53
C LYS F 191 -20.32 39.52 71.04
N LEU F 192 -21.48 39.34 70.41
CA LEU F 192 -21.54 38.99 69.00
C LEU F 192 -21.07 40.14 68.11
N ARG F 193 -21.29 41.38 68.57
CA ARG F 193 -20.79 42.54 67.84
C ARG F 193 -19.28 42.61 67.97
N ALA F 194 -18.78 42.34 69.18
CA ALA F 194 -17.35 42.36 69.44
C ALA F 194 -16.64 41.33 68.57
N LEU F 195 -17.30 40.21 68.32
CA LEU F 195 -16.78 39.15 67.46
C LEU F 195 -16.98 39.47 65.98
N SER F 196 -16.98 40.76 65.64
CA SER F 196 -17.25 41.18 64.26
C SER F 196 -16.36 42.33 63.81
N GLN F 197 -15.71 43.00 64.76
CA GLN F 197 -14.78 44.08 64.47
C GLN F 197 -15.38 45.16 63.57
N GLY F 214 -9.33 37.21 51.02
CA GLY F 214 -10.66 37.63 51.46
C GLY F 214 -11.77 36.89 50.76
N PRO F 215 -13.03 37.23 51.10
CA PRO F 215 -14.22 36.58 50.53
C PRO F 215 -14.37 36.83 49.04
N ILE F 216 -14.91 35.86 48.32
CA ILE F 216 -15.17 36.01 46.89
C ILE F 216 -16.66 36.18 46.64
N SER F 217 -17.04 37.32 46.09
CA SER F 217 -18.44 37.59 45.79
C SER F 217 -18.82 36.98 44.44
N LEU F 218 -19.69 35.97 44.50
CA LEU F 218 -20.12 35.25 43.30
C LEU F 218 -20.69 36.17 42.24
N LYS F 219 -21.56 37.09 42.67
CA LYS F 219 -22.32 37.90 41.74
C LYS F 219 -21.56 39.14 41.27
N SER F 220 -20.24 39.09 41.37
CA SER F 220 -19.40 40.17 40.91
C SER F 220 -18.32 39.64 39.97
N GLN F 221 -18.49 38.40 39.53
CA GLN F 221 -17.51 37.73 38.68
C GLN F 221 -17.58 38.20 37.23
N ARG F 222 -16.41 38.31 36.60
CA ARG F 222 -16.32 38.69 35.20
C ARG F 222 -16.92 37.59 34.32
N SER F 223 -16.87 36.36 34.80
CA SER F 223 -17.48 35.23 34.11
C SER F 223 -18.95 35.15 34.44
N SER F 224 -19.77 35.86 33.67
CA SER F 224 -21.21 35.91 33.94
C SER F 224 -22.03 36.10 32.67
N TYR F 225 -23.26 35.62 32.71
CA TYR F 225 -24.21 35.86 31.62
C TYR F 225 -25.61 36.02 32.21
N SER F 226 -26.33 37.03 31.72
CA SER F 226 -27.69 37.28 32.17
C SER F 226 -28.57 37.65 31.00
N ASN F 227 -29.74 37.02 30.91
CA ASN F 227 -30.76 37.43 29.97
C ASN F 227 -32.09 37.62 30.68
N GLN F 228 -33.19 37.61 29.92
CA GLN F 228 -34.51 37.78 30.50
C GLN F 228 -35.08 36.48 31.04
N PHE F 229 -34.24 35.45 31.14
CA PHE F 229 -34.72 34.14 31.56
C PHE F 229 -33.83 33.51 32.63
N GLY F 230 -32.73 34.18 32.95
CA GLY F 230 -31.85 33.69 33.98
C GLY F 230 -30.53 34.42 34.11
N GLN F 231 -29.81 34.15 35.18
CA GLN F 231 -28.50 34.76 35.43
C GLN F 231 -27.50 33.71 35.92
N PHE F 232 -26.25 33.91 35.55
CA PHE F 232 -25.19 32.95 35.86
C PHE F 232 -23.90 33.66 36.28
N PHE F 233 -23.30 33.17 37.37
CA PHE F 233 -22.01 33.67 37.82
C PHE F 233 -21.11 32.48 38.15
N GLU F 234 -19.81 32.62 37.93
CA GLU F 234 -18.88 31.54 38.21
C GLU F 234 -17.49 32.01 38.62
N ALA F 235 -17.00 31.43 39.71
CA ALA F 235 -15.65 31.70 40.19
C ALA F 235 -14.73 30.51 39.88
N CYS F 236 -13.74 30.74 39.03
CA CYS F 236 -12.85 29.67 38.61
C CYS F 236 -11.49 29.75 39.30
N PRO F 237 -10.89 28.60 39.60
CA PRO F 237 -9.62 28.50 40.32
C PRO F 237 -8.46 29.27 39.66
N GLU F 238 -8.50 29.44 38.35
CA GLU F 238 -7.46 30.17 37.64
C GLU F 238 -7.35 31.62 38.12
N GLU F 239 -8.48 32.18 38.53
CA GLU F 239 -8.52 33.58 38.94
C GLU F 239 -8.45 33.72 40.47
N HIS F 240 -8.69 32.62 41.17
CA HIS F 240 -8.70 32.66 42.63
C HIS F 240 -7.76 31.60 43.21
N ARG F 241 -6.65 32.06 43.80
CA ARG F 241 -5.67 31.17 44.39
C ARG F 241 -6.29 30.35 45.52
N GLN F 242 -7.26 30.95 46.20
CA GLN F 242 -7.93 30.35 47.33
C GLN F 242 -8.73 29.11 46.92
N LEU F 243 -9.04 28.99 45.63
CA LEU F 243 -9.81 27.86 45.12
C LEU F 243 -8.92 26.81 44.47
N GLN F 244 -7.62 27.05 44.47
CA GLN F 244 -6.67 26.15 43.82
C GLN F 244 -6.27 24.98 44.71
N GLU F 245 -6.49 25.13 46.01
CA GLU F 245 -6.13 24.08 46.97
C GLU F 245 -7.00 22.84 46.78
N MET F 246 -8.30 23.05 46.62
CA MET F 246 -9.21 21.95 46.39
C MET F 246 -9.42 21.71 44.91
N ASP F 247 -8.86 22.62 44.10
CA ASP F 247 -9.01 22.60 42.65
C ASP F 247 -10.50 22.55 42.30
N VAL F 248 -11.19 23.65 42.55
CA VAL F 248 -12.64 23.67 42.44
C VAL F 248 -13.12 25.01 41.90
N LEU F 249 -14.12 24.97 41.02
CA LEU F 249 -14.82 26.17 40.60
C LEU F 249 -16.18 26.19 41.29
N VAL F 250 -16.65 27.39 41.62
CA VAL F 250 -17.96 27.55 42.25
C VAL F 250 -18.83 28.47 41.42
N ASN F 251 -20.03 28.00 41.08
CA ASN F 251 -20.93 28.81 40.25
C ASN F 251 -22.35 28.90 40.79
N TYR F 252 -23.12 29.80 40.19
CA TYR F 252 -24.47 30.11 40.64
C TYR F 252 -25.40 30.33 39.47
N ALA F 253 -26.59 29.75 39.54
CA ALA F 253 -27.54 29.87 38.44
C ALA F 253 -28.96 30.08 38.96
N GLU F 254 -29.60 31.14 38.47
CA GLU F 254 -31.01 31.36 38.73
C GLU F 254 -31.79 31.18 37.44
N ILE F 255 -32.70 30.20 37.43
CA ILE F 255 -33.52 29.95 36.27
C ILE F 255 -34.94 30.47 36.50
N LYS F 256 -35.32 31.50 35.76
CA LYS F 256 -36.61 32.15 35.97
C LYS F 256 -37.79 31.25 35.61
N ARG F 257 -38.99 31.70 35.95
CA ARG F 257 -40.21 30.92 35.72
C ARG F 257 -40.44 30.61 34.26
N GLY F 258 -40.79 29.36 33.98
CA GLY F 258 -41.13 28.92 32.64
C GLY F 258 -39.93 28.78 31.72
N ALA F 259 -38.74 29.03 32.25
CA ALA F 259 -37.52 29.00 31.45
C ALA F 259 -36.68 27.77 31.73
N MET F 260 -35.52 27.69 31.07
CA MET F 260 -34.61 26.56 31.23
C MET F 260 -33.19 26.96 30.89
N MET F 261 -32.22 26.26 31.46
CA MET F 261 -30.85 26.38 30.99
C MET F 261 -30.64 25.33 29.90
N VAL F 262 -30.26 25.80 28.71
CA VAL F 262 -30.14 24.93 27.55
C VAL F 262 -29.20 23.77 27.78
N PRO F 263 -29.45 22.62 27.12
CA PRO F 263 -28.59 21.45 27.18
C PRO F 263 -27.12 21.78 26.96
N HIS F 264 -26.27 21.32 27.87
CA HIS F 264 -24.85 21.63 27.83
C HIS F 264 -24.09 20.57 28.61
N TYR F 265 -22.76 20.58 28.51
CA TYR F 265 -21.96 19.65 29.28
C TYR F 265 -20.63 20.27 29.70
N ASN F 266 -20.04 19.74 30.77
CA ASN F 266 -18.75 20.17 31.25
C ASN F 266 -17.65 19.24 30.74
N SER F 267 -16.56 19.82 30.25
CA SER F 267 -15.49 19.04 29.66
C SER F 267 -14.72 18.22 30.68
N LYS F 268 -14.55 18.78 31.88
CA LYS F 268 -13.61 18.21 32.83
C LYS F 268 -14.14 18.17 34.27
N ALA F 269 -14.97 19.15 34.62
CA ALA F 269 -15.44 19.26 36.01
C ALA F 269 -16.67 18.40 36.27
N THR F 270 -16.68 17.78 37.45
CA THR F 270 -17.84 17.07 37.96
C THR F 270 -18.56 17.97 38.96
N VAL F 271 -19.75 18.44 38.60
CA VAL F 271 -20.41 19.49 39.38
C VAL F 271 -21.44 18.96 40.36
N VAL F 272 -21.23 19.29 41.64
CA VAL F 272 -22.19 18.99 42.68
C VAL F 272 -23.10 20.21 42.92
N VAL F 273 -24.39 20.04 42.67
CA VAL F 273 -25.32 21.16 42.70
C VAL F 273 -26.28 21.09 43.89
N TYR F 274 -26.42 22.20 44.60
CA TYR F 274 -27.35 22.32 45.71
C TYR F 274 -28.48 23.28 45.36
N VAL F 275 -29.72 22.85 45.57
CA VAL F 275 -30.88 23.70 45.30
C VAL F 275 -31.12 24.66 46.46
N VAL F 276 -30.77 25.92 46.26
CA VAL F 276 -30.91 26.94 47.29
C VAL F 276 -32.38 27.28 47.56
N GLU F 277 -33.12 27.55 46.50
CA GLU F 277 -34.54 27.89 46.65
C GLU F 277 -35.33 27.65 45.36
N GLY F 278 -36.55 27.16 45.51
CA GLY F 278 -37.44 26.96 44.39
C GLY F 278 -37.65 25.51 44.06
N THR F 279 -38.33 25.25 42.95
CA THR F 279 -38.52 23.89 42.45
C THR F 279 -38.23 23.86 40.96
N GLY F 280 -38.18 22.65 40.41
CA GLY F 280 -37.86 22.50 39.00
C GLY F 280 -37.55 21.06 38.62
N ARG F 281 -36.74 20.90 37.59
CA ARG F 281 -36.49 19.59 36.99
C ARG F 281 -35.22 19.60 36.15
N PHE F 282 -34.52 18.46 36.11
CA PHE F 282 -33.38 18.32 35.23
C PHE F 282 -33.44 17.02 34.45
N GLU F 283 -32.90 17.05 33.23
CA GLU F 283 -32.74 15.84 32.43
C GLU F 283 -31.27 15.67 32.06
N MET F 284 -30.77 14.44 32.17
CA MET F 284 -29.37 14.16 31.90
C MET F 284 -29.23 12.95 30.98
N ALA F 285 -28.38 13.08 29.96
CA ALA F 285 -28.11 11.96 29.07
C ALA F 285 -26.94 11.14 29.61
N CYS F 286 -27.26 9.96 30.14
CA CYS F 286 -26.27 9.13 30.82
C CYS F 286 -26.03 7.80 30.10
N PRO F 287 -24.79 7.58 29.63
CA PRO F 287 -24.37 6.36 28.95
C PRO F 287 -23.92 5.27 29.93
N HIS F 288 -24.26 5.42 31.20
CA HIS F 288 -23.87 4.42 32.20
C HIS F 288 -25.05 3.55 32.59
N ASP F 289 -25.02 3.03 33.82
CA ASP F 289 -26.02 2.10 34.36
C ASP F 289 -25.90 0.73 33.69
N GLN F 312 -28.33 1.85 24.57
CA GLN F 312 -27.09 2.45 25.02
C GLN F 312 -27.32 3.50 26.09
N PHE F 313 -27.99 4.58 25.69
CA PHE F 313 -28.16 5.74 26.56
C PHE F 313 -29.33 5.59 27.52
N GLN F 314 -29.50 6.61 28.35
CA GLN F 314 -30.48 6.58 29.40
C GLN F 314 -30.84 8.01 29.80
N LYS F 315 -32.12 8.27 30.03
CA LYS F 315 -32.52 9.58 30.52
C LYS F 315 -32.57 9.56 32.04
N VAL F 316 -31.59 10.23 32.64
CA VAL F 316 -31.60 10.44 34.09
C VAL F 316 -32.33 11.73 34.38
N THR F 317 -33.35 11.66 35.24
CA THR F 317 -34.18 12.83 35.51
C THR F 317 -34.71 12.81 36.94
N ALA F 318 -35.00 14.00 37.47
CA ALA F 318 -35.57 14.14 38.80
C ALA F 318 -36.22 15.51 38.96
N ARG F 319 -37.26 15.56 39.78
CA ARG F 319 -37.91 16.82 40.13
C ARG F 319 -37.16 17.47 41.28
N LEU F 320 -36.80 18.73 41.13
CA LEU F 320 -35.95 19.41 42.10
C LEU F 320 -36.76 20.23 43.10
N ALA F 321 -36.28 20.25 44.34
CA ALA F 321 -36.85 21.08 45.39
C ALA F 321 -35.72 21.61 46.27
N ARG F 322 -36.04 22.55 47.15
CA ARG F 322 -35.06 23.15 48.05
C ARG F 322 -34.35 22.08 48.89
N GLY F 323 -33.03 22.22 49.02
CA GLY F 323 -32.25 21.31 49.83
C GLY F 323 -31.73 20.12 49.06
N ASP F 324 -32.24 19.92 47.85
CA ASP F 324 -31.84 18.79 47.03
C ASP F 324 -30.41 18.93 46.53
N ILE F 325 -29.77 17.79 46.26
CA ILE F 325 -28.44 17.77 45.69
C ILE F 325 -28.37 16.75 44.55
N PHE F 326 -27.83 17.17 43.42
CA PHE F 326 -27.59 16.24 42.33
C PHE F 326 -26.21 16.47 41.70
N VAL F 327 -25.66 15.43 41.09
CA VAL F 327 -24.30 15.48 40.59
C VAL F 327 -24.23 15.33 39.07
N ILE F 328 -23.45 16.20 38.44
CA ILE F 328 -23.26 16.18 36.99
C ILE F 328 -21.83 15.79 36.64
N PRO F 329 -21.58 14.49 36.45
CA PRO F 329 -20.24 14.02 36.07
C PRO F 329 -19.81 14.61 34.74
N ALA F 330 -18.52 14.90 34.59
CA ALA F 330 -18.00 15.54 33.38
C ALA F 330 -18.38 14.76 32.13
N GLY F 331 -18.67 15.49 31.06
CA GLY F 331 -19.04 14.87 29.80
C GLY F 331 -20.54 14.69 29.64
N HIS F 332 -21.25 14.53 30.75
CA HIS F 332 -22.70 14.38 30.72
C HIS F 332 -23.39 15.65 30.27
N PRO F 333 -24.17 15.58 29.19
CA PRO F 333 -25.00 16.72 28.79
C PRO F 333 -26.22 16.87 29.70
N ILE F 334 -26.45 18.09 30.17
CA ILE F 334 -27.48 18.33 31.18
C ILE F 334 -28.39 19.50 30.81
N ALA F 335 -29.68 19.34 31.09
CA ALA F 335 -30.65 20.42 30.87
C ALA F 335 -31.51 20.61 32.12
N ILE F 336 -31.68 21.85 32.55
CA ILE F 336 -32.45 22.13 33.76
C ILE F 336 -33.56 23.14 33.51
N THR F 337 -34.78 22.75 33.85
CA THR F 337 -35.93 23.63 33.71
C THR F 337 -36.43 24.06 35.09
N ALA F 338 -36.70 25.36 35.25
CA ALA F 338 -37.39 25.82 36.44
C ALA F 338 -38.83 25.33 36.39
N SER F 339 -39.51 25.36 37.52
CA SER F 339 -40.95 25.10 37.52
C SER F 339 -41.61 26.36 36.97
N GLN F 340 -42.83 26.24 36.47
CA GLN F 340 -43.48 27.37 35.82
C GLN F 340 -44.04 28.34 36.86
N ASN F 341 -44.06 27.91 38.11
CA ASN F 341 -44.66 28.73 39.16
C ASN F 341 -43.69 29.54 40.05
N GLU F 342 -42.43 29.10 40.19
CA GLU F 342 -41.44 29.82 41.00
C GLU F 342 -40.08 29.67 40.35
N ASN F 343 -39.08 30.51 40.63
CA ASN F 343 -37.87 30.29 39.85
C ASN F 343 -37.02 29.27 40.56
N LEU F 344 -35.94 28.87 39.91
CA LEU F 344 -35.04 27.86 40.42
C LEU F 344 -33.65 28.45 40.54
N ARG F 345 -33.09 28.42 41.75
CA ARG F 345 -31.80 29.02 42.00
C ARG F 345 -30.85 28.01 42.61
N LEU F 346 -29.70 27.84 41.94
CA LEU F 346 -28.78 26.75 42.25
C LEU F 346 -27.38 27.26 42.56
N VAL F 347 -26.68 26.55 43.44
CA VAL F 347 -25.26 26.79 43.65
C VAL F 347 -24.53 25.48 43.35
N GLY F 348 -23.35 25.58 42.74
CA GLY F 348 -22.64 24.40 42.30
C GLY F 348 -21.16 24.36 42.63
N PHE F 349 -20.67 23.18 42.98
CA PHE F 349 -19.25 22.96 43.22
C PHE F 349 -18.65 22.14 42.08
N GLY F 350 -17.67 22.71 41.39
CA GLY F 350 -17.04 22.04 40.27
C GLY F 350 -15.76 21.31 40.63
N ILE F 351 -15.89 20.05 41.01
CA ILE F 351 -14.75 19.19 41.32
C ILE F 351 -13.86 19.01 40.09
N ASN F 352 -12.55 19.11 40.29
CA ASN F 352 -11.58 19.05 39.19
C ASN F 352 -11.88 20.13 38.15
N GLY F 353 -11.98 21.38 38.61
CA GLY F 353 -12.51 22.45 37.79
C GLY F 353 -11.52 23.32 37.05
N LYS F 354 -10.22 23.11 37.26
CA LYS F 354 -9.24 23.93 36.57
C LYS F 354 -9.27 23.64 35.07
N ASN F 355 -9.25 24.70 34.28
CA ASN F 355 -9.34 24.61 32.82
C ASN F 355 -10.62 23.95 32.33
N ASN F 356 -11.65 23.93 33.17
CA ASN F 356 -12.96 23.42 32.76
C ASN F 356 -13.56 24.32 31.70
N GLN F 357 -14.30 23.71 30.77
CA GLN F 357 -14.94 24.47 29.71
C GLN F 357 -16.38 24.01 29.53
N ARG F 358 -17.31 24.95 29.61
CA ARG F 358 -18.72 24.64 29.44
C ARG F 358 -19.11 24.72 27.98
N ASN F 359 -19.55 23.58 27.43
CA ASN F 359 -19.93 23.51 26.03
C ASN F 359 -21.45 23.44 25.88
N PHE F 360 -22.02 24.39 25.16
CA PHE F 360 -23.47 24.47 25.00
C PHE F 360 -23.92 23.80 23.70
N LEU F 361 -25.08 23.16 23.76
CA LEU F 361 -25.60 22.42 22.61
C LEU F 361 -26.75 23.18 21.96
N ALA F 362 -27.13 24.31 22.55
CA ALA F 362 -28.22 25.13 22.04
C ALA F 362 -27.98 26.61 22.37
N GLY F 363 -28.52 27.49 21.53
CA GLY F 363 -28.30 28.91 21.66
C GLY F 363 -27.28 29.35 20.64
N GLN F 364 -27.02 30.66 20.55
CA GLN F 364 -26.06 31.15 19.57
C GLN F 364 -24.63 30.77 19.92
N ASN F 365 -24.39 30.47 21.19
CA ASN F 365 -23.05 30.11 21.62
C ASN F 365 -22.78 28.61 21.55
N ASN F 366 -23.70 27.88 20.93
CA ASN F 366 -23.57 26.43 20.85
C ASN F 366 -22.31 26.01 20.10
N ILE F 367 -21.79 24.84 20.44
CA ILE F 367 -20.52 24.38 19.90
C ILE F 367 -20.62 23.85 18.47
N ILE F 368 -21.82 23.42 18.09
CA ILE F 368 -22.02 22.79 16.79
C ILE F 368 -21.84 23.81 15.65
N ASN F 369 -22.11 25.07 15.94
CA ASN F 369 -21.89 26.13 14.95
C ASN F 369 -20.41 26.39 14.68
N GLN F 370 -19.54 25.70 15.41
CA GLN F 370 -18.11 25.85 15.23
C GLN F 370 -17.55 24.79 14.28
N LEU F 371 -18.36 23.75 14.02
CA LEU F 371 -18.01 22.78 12.99
C LEU F 371 -17.98 23.48 11.64
N GLU F 372 -17.14 22.99 10.73
CA GLU F 372 -17.12 23.54 9.39
C GLU F 372 -18.33 23.05 8.62
N ARG F 373 -18.70 23.76 7.56
CA ARG F 373 -19.90 23.45 6.80
C ARG F 373 -19.86 22.03 6.26
N GLU F 374 -18.71 21.62 5.74
CA GLU F 374 -18.54 20.29 5.19
C GLU F 374 -18.58 19.24 6.30
N ALA F 375 -18.10 19.61 7.48
CA ALA F 375 -18.14 18.74 8.64
C ALA F 375 -19.58 18.51 9.09
N LYS F 376 -20.35 19.59 9.12
CA LYS F 376 -21.77 19.51 9.49
C LYS F 376 -22.54 18.61 8.54
N GLU F 377 -22.37 18.86 7.25
CA GLU F 377 -23.07 18.09 6.21
C GLU F 377 -22.73 16.61 6.29
N LEU F 378 -21.44 16.31 6.46
CA LEU F 378 -20.98 14.93 6.56
C LEU F 378 -21.47 14.26 7.84
N SER F 379 -21.50 15.02 8.93
CA SER F 379 -21.88 14.48 10.23
C SER F 379 -23.38 14.18 10.31
N PHE F 380 -24.19 15.08 9.77
CA PHE F 380 -25.63 15.01 9.94
C PHE F 380 -26.36 14.44 8.73
N ASN F 381 -25.61 14.20 7.65
CA ASN F 381 -26.18 13.67 6.41
C ASN F 381 -27.27 14.58 5.85
N MET F 382 -27.02 15.88 5.90
CA MET F 382 -27.95 16.89 5.41
C MET F 382 -27.16 18.05 4.84
N PRO F 383 -27.69 18.72 3.79
CA PRO F 383 -26.99 19.91 3.30
C PRO F 383 -26.99 21.05 4.30
N ARG F 384 -26.10 22.02 4.08
CA ARG F 384 -25.82 23.08 5.04
C ARG F 384 -27.04 23.86 5.49
N GLU F 385 -28.03 23.99 4.62
CA GLU F 385 -29.16 24.87 4.89
C GLU F 385 -30.27 24.23 5.72
N GLU F 386 -30.44 22.92 5.67
CA GLU F 386 -31.43 22.32 6.56
C GLU F 386 -30.80 21.99 7.91
N ILE F 387 -29.48 22.15 8.01
CA ILE F 387 -28.81 21.98 9.30
C ILE F 387 -28.84 23.28 10.09
N GLU F 388 -28.51 24.39 9.43
CA GLU F 388 -28.66 25.72 10.01
C GLU F 388 -30.04 25.90 10.63
N GLU F 389 -31.02 25.29 9.98
CA GLU F 389 -32.43 25.45 10.33
C GLU F 389 -32.77 24.97 11.73
N ILE F 390 -31.83 24.27 12.36
CA ILE F 390 -32.07 23.73 13.70
C ILE F 390 -31.10 24.32 14.73
N PHE F 391 -29.84 24.50 14.32
CA PHE F 391 -28.81 24.94 15.25
C PHE F 391 -28.50 26.44 15.15
N GLU F 392 -29.35 27.19 14.45
CA GLU F 392 -29.17 28.62 14.35
C GLU F 392 -30.48 29.39 14.49
N ARG F 393 -31.43 28.81 15.21
CA ARG F 393 -32.76 29.39 15.34
C ARG F 393 -33.08 29.86 16.76
N GLN F 394 -32.15 29.64 17.69
CA GLN F 394 -32.30 30.16 19.04
C GLN F 394 -31.43 31.40 19.21
N VAL F 395 -32.05 32.51 19.61
CA VAL F 395 -31.38 33.81 19.58
C VAL F 395 -30.66 34.14 20.90
N GLU F 396 -31.12 33.57 22.01
CA GLU F 396 -30.42 33.74 23.27
C GLU F 396 -29.39 32.64 23.45
N SER F 397 -28.70 32.60 24.59
CA SER F 397 -27.59 31.66 24.77
C SER F 397 -27.76 30.68 25.94
N TYR F 398 -27.70 31.20 27.17
CA TYR F 398 -27.72 30.35 28.35
C TYR F 398 -29.13 29.89 28.73
N PHE F 399 -30.05 30.83 28.83
CA PHE F 399 -31.40 30.52 29.30
C PHE F 399 -32.47 30.88 28.26
N VAL F 400 -33.41 29.96 28.06
CA VAL F 400 -34.47 30.14 27.08
C VAL F 400 -35.83 29.77 27.68
N PRO F 401 -36.91 30.37 27.16
CA PRO F 401 -38.26 30.06 27.64
C PRO F 401 -38.75 28.71 27.11
N MET F 402 -39.55 28.00 27.90
CA MET F 402 -40.09 26.72 27.47
C MET F 402 -41.16 26.89 26.39
N GLU F 403 -41.58 28.13 26.18
CA GLU F 403 -42.51 28.45 25.11
C GLU F 403 -41.76 29.24 24.04
N ARG F 404 -41.84 28.75 22.81
CA ARG F 404 -41.07 29.31 21.70
C ARG F 404 -41.56 30.70 21.33
N GLN F 405 -40.71 31.46 20.63
CA GLN F 405 -41.08 32.80 20.19
C GLN F 405 -40.68 33.00 18.72
CU CU G . -5.86 4.34 -55.35
C1 MPD H . -14.21 -9.45 -62.63
C2 MPD H . -12.79 -8.87 -62.63
O2 MPD H . -11.90 -9.90 -63.10
CM MPD H . -12.67 -7.71 -63.61
C3 MPD H . -12.33 -8.48 -61.22
C4 MPD H . -12.98 -7.27 -60.53
O4 MPD H . -14.19 -6.83 -61.13
C5 MPD H . -13.25 -7.56 -59.07
CU CU I . 12.87 -0.05 -26.63
C1 MPD J . -3.30 -2.70 -19.75
C2 MPD J . -2.72 -1.46 -20.43
O2 MPD J . -2.95 -1.54 -21.86
CM MPD J . -3.49 -0.25 -19.93
C3 MPD J . -1.23 -1.27 -20.12
C4 MPD J . -0.24 -2.42 -20.39
O4 MPD J . -0.29 -3.39 -19.35
C5 MPD J . -0.41 -3.13 -21.72
CU CU K . 21.30 -16.98 -55.45
C1 MPD L . 21.76 -30.95 -44.81
C2 MPD L . 21.85 -29.44 -44.62
O2 MPD L . 21.66 -29.17 -43.21
CM MPD L . 23.24 -28.92 -44.98
C3 MPD L . 20.76 -28.67 -45.37
C4 MPD L . 20.71 -28.73 -46.91
O4 MPD L . 21.64 -29.63 -47.49
C5 MPD L . 19.31 -29.08 -47.40
CU CU M . 6.84 -7.39 37.51
C1 MPD N . 11.26 2.60 23.29
C2 MPD N . 9.86 2.06 23.60
O2 MPD N . 8.91 3.08 23.24
CM MPD N . 9.55 0.84 22.73
C3 MPD N . 9.66 1.74 25.09
C4 MPD N . 10.71 0.92 25.84
O4 MPD N . 11.48 0.09 25.00
C5 MPD N . 11.62 1.78 26.71
CU CU O . -8.18 8.42 64.43
C1 MPD P . 7.91 12.89 67.18
C2 MPD P . 7.38 13.96 66.24
O2 MPD P . 8.15 13.90 65.02
CM MPD P . 7.61 15.31 66.90
C3 MPD P . 5.91 13.64 65.93
C4 MPD P . 4.97 14.73 65.42
O4 MPD P . 4.66 15.68 66.41
C5 MPD P . 5.48 15.44 64.16
CU CU Q . -23.56 8.67 33.78
C1 MPD R . -26.15 24.10 37.25
C2 MPD R . -24.78 24.76 37.14
O2 MPD R . -24.60 25.54 38.35
CM MPD R . -24.74 25.73 35.97
C3 MPD R . -23.65 23.73 37.09
C4 MPD R . -23.45 22.89 35.81
O4 MPD R . -24.61 22.77 35.03
C5 MPD R . -22.31 23.45 34.94
#